data_5QSH
# 
_entry.id   5QSH 
# 
_audit_conform.dict_name       mmcif_pdbx.dic 
_audit_conform.dict_version    5.387 
_audit_conform.dict_location   http://mmcif.pdb.org/dictionaries/ascii/mmcif_pdbx.dic 
# 
loop_
_database_2.database_id 
_database_2.database_code 
_database_2.pdbx_database_accession 
_database_2.pdbx_DOI 
PDB   5QSH         pdb_00005qsh 10.2210/pdb5qsh/pdb 
WWPDB D_1001402350 ?            ?                   
# 
loop_
_pdbx_audit_revision_history.ordinal 
_pdbx_audit_revision_history.data_content_type 
_pdbx_audit_revision_history.major_revision 
_pdbx_audit_revision_history.minor_revision 
_pdbx_audit_revision_history.revision_date 
1 'Structure model' 1 0 2019-08-21 
2 'Structure model' 1 1 2024-03-06 
# 
_pdbx_audit_revision_details.ordinal             1 
_pdbx_audit_revision_details.revision_ordinal    1 
_pdbx_audit_revision_details.data_content_type   'Structure model' 
_pdbx_audit_revision_details.provider            repository 
_pdbx_audit_revision_details.type                'Initial release' 
_pdbx_audit_revision_details.description         ? 
_pdbx_audit_revision_details.details             ? 
# 
loop_
_pdbx_audit_revision_group.ordinal 
_pdbx_audit_revision_group.revision_ordinal 
_pdbx_audit_revision_group.data_content_type 
_pdbx_audit_revision_group.group 
1 2 'Structure model' 'Data collection'     
2 2 'Structure model' 'Database references' 
# 
loop_
_pdbx_audit_revision_category.ordinal 
_pdbx_audit_revision_category.revision_ordinal 
_pdbx_audit_revision_category.data_content_type 
_pdbx_audit_revision_category.category 
1 2 'Structure model' chem_comp_atom 
2 2 'Structure model' chem_comp_bond 
3 2 'Structure model' database_2     
# 
loop_
_pdbx_audit_revision_item.ordinal 
_pdbx_audit_revision_item.revision_ordinal 
_pdbx_audit_revision_item.data_content_type 
_pdbx_audit_revision_item.item 
1 2 'Structure model' '_database_2.pdbx_DOI'                
2 2 'Structure model' '_database_2.pdbx_database_accession' 
# 
_pdbx_database_status.entry_id                        5QSH 
_pdbx_database_status.status_code                     REL 
_pdbx_database_status.status_code_sf                  REL 
_pdbx_database_status.status_code_mr                  ? 
_pdbx_database_status.status_code_cs                  ? 
_pdbx_database_status.recvd_initial_deposition_date   2019-05-25 
_pdbx_database_status.deposit_site                    RCSB 
_pdbx_database_status.process_site                    RCSB 
_pdbx_database_status.SG_entry                        ? 
_pdbx_database_status.pdb_format_compatible           Y 
_pdbx_database_status.methods_development_category    ? 
_pdbx_database_status.status_code_nmr_data            ? 
# 
loop_
_audit_author.name 
_audit_author.pdbx_ordinal 
'Newman, J.A.'        1 
'Gavard, A.E.'        2 
'Sherestha, L.'       3 
'Burgess-Brown, N.A.' 4 
'von Delft, F.'       5 
'Arrowsmith, C.H.'    6 
'Edwards, A.'         7 
'Bountra, C.'         8 
'Gileadi, O.'         9 
# 
_citation.id                        primary 
_citation.title                     'PanDDA analysis group deposition' 
_citation.journal_abbrev            'To Be Published' 
_citation.journal_volume            ? 
_citation.page_first                ? 
_citation.page_last                 ? 
_citation.year                      ? 
_citation.journal_id_ASTM           ? 
_citation.country                   ? 
_citation.journal_id_ISSN           ? 
_citation.journal_id_CSD            0353 
_citation.book_publisher            ? 
_citation.pdbx_database_id_PubMed   ? 
_citation.pdbx_database_id_DOI      ? 
# 
loop_
_citation_author.citation_id 
_citation_author.name 
_citation_author.identifier_ORCID 
_citation_author.ordinal 
primary 'Newman, J.A.'        ? 1 
primary 'Gavard, A.E.'        ? 2 
primary 'Sherestha, L.'       ? 3 
primary 'Burgess-Brown, N.A.' ? 4 
primary 'von Delft, F.'       ? 5 
primary 'Arrowsmith, C.H.'    ? 6 
primary 'Edwards, A.'         ? 7 
primary 'Bountra, C.'         ? 8 
primary 'Gileadi, O.'         ? 9 
# 
loop_
_entity.id 
_entity.type 
_entity.src_method 
_entity.pdbx_description 
_entity.formula_weight 
_entity.pdbx_number_of_molecules 
_entity.pdbx_ec 
_entity.pdbx_mutation 
_entity.pdbx_fragment 
_entity.details 
1 polymer     man 'T-box transcription factor T'                19655.623 1   ? G177D ? ? 
2 non-polymer syn '1-ethyl-N-(2-fluorophenyl)piperidin-4-amine' 222.302   1   ? ?     ? ? 
3 water       nat water                                         18.015    209 ? ?     ? ? 
# 
_entity_name_com.entity_id   1 
_entity_name_com.name        'Brachyury protein,Protein T' 
# 
_entity_poly.entity_id                      1 
_entity_poly.type                           'polypeptide(L)' 
_entity_poly.nstd_linkage                   no 
_entity_poly.nstd_monomer                   no 
_entity_poly.pdbx_seq_one_letter_code       
;GELRVGLEESELWLRFKELTNEMIVTKNGRRMFPVLKVNVSGLDPNAMYSFLLDFVAADNHRWKYVNGEWVPGGKPEPQA
PSCVYIHPDSPNFGAHWMKAPVSFSKVKLTNKLNGGGQIMLNSLHKYEPRIHIVRVGDPQRMITSHCFPETQFIAVTAYQ
NEEITALKIKYN
;
_entity_poly.pdbx_seq_one_letter_code_can   
;GELRVGLEESELWLRFKELTNEMIVTKNGRRMFPVLKVNVSGLDPNAMYSFLLDFVAADNHRWKYVNGEWVPGGKPEPQA
PSCVYIHPDSPNFGAHWMKAPVSFSKVKLTNKLNGGGQIMLNSLHKYEPRIHIVRVGDPQRMITSHCFPETQFIAVTAYQ
NEEITALKIKYN
;
_entity_poly.pdbx_strand_id                 A 
_entity_poly.pdbx_target_identifier         ? 
# 
loop_
_pdbx_entity_nonpoly.entity_id 
_pdbx_entity_nonpoly.name 
_pdbx_entity_nonpoly.comp_id 
2 '1-ethyl-N-(2-fluorophenyl)piperidin-4-amine' NVY 
3 water                                         HOH 
# 
loop_
_entity_poly_seq.entity_id 
_entity_poly_seq.num 
_entity_poly_seq.mon_id 
_entity_poly_seq.hetero 
1 1   GLY n 
1 2   GLU n 
1 3   LEU n 
1 4   ARG n 
1 5   VAL n 
1 6   GLY n 
1 7   LEU n 
1 8   GLU n 
1 9   GLU n 
1 10  SER n 
1 11  GLU n 
1 12  LEU n 
1 13  TRP n 
1 14  LEU n 
1 15  ARG n 
1 16  PHE n 
1 17  LYS n 
1 18  GLU n 
1 19  LEU n 
1 20  THR n 
1 21  ASN n 
1 22  GLU n 
1 23  MET n 
1 24  ILE n 
1 25  VAL n 
1 26  THR n 
1 27  LYS n 
1 28  ASN n 
1 29  GLY n 
1 30  ARG n 
1 31  ARG n 
1 32  MET n 
1 33  PHE n 
1 34  PRO n 
1 35  VAL n 
1 36  LEU n 
1 37  LYS n 
1 38  VAL n 
1 39  ASN n 
1 40  VAL n 
1 41  SER n 
1 42  GLY n 
1 43  LEU n 
1 44  ASP n 
1 45  PRO n 
1 46  ASN n 
1 47  ALA n 
1 48  MET n 
1 49  TYR n 
1 50  SER n 
1 51  PHE n 
1 52  LEU n 
1 53  LEU n 
1 54  ASP n 
1 55  PHE n 
1 56  VAL n 
1 57  ALA n 
1 58  ALA n 
1 59  ASP n 
1 60  ASN n 
1 61  HIS n 
1 62  ARG n 
1 63  TRP n 
1 64  LYS n 
1 65  TYR n 
1 66  VAL n 
1 67  ASN n 
1 68  GLY n 
1 69  GLU n 
1 70  TRP n 
1 71  VAL n 
1 72  PRO n 
1 73  GLY n 
1 74  GLY n 
1 75  LYS n 
1 76  PRO n 
1 77  GLU n 
1 78  PRO n 
1 79  GLN n 
1 80  ALA n 
1 81  PRO n 
1 82  SER n 
1 83  CYS n 
1 84  VAL n 
1 85  TYR n 
1 86  ILE n 
1 87  HIS n 
1 88  PRO n 
1 89  ASP n 
1 90  SER n 
1 91  PRO n 
1 92  ASN n 
1 93  PHE n 
1 94  GLY n 
1 95  ALA n 
1 96  HIS n 
1 97  TRP n 
1 98  MET n 
1 99  LYS n 
1 100 ALA n 
1 101 PRO n 
1 102 VAL n 
1 103 SER n 
1 104 PHE n 
1 105 SER n 
1 106 LYS n 
1 107 VAL n 
1 108 LYS n 
1 109 LEU n 
1 110 THR n 
1 111 ASN n 
1 112 LYS n 
1 113 LEU n 
1 114 ASN n 
1 115 GLY n 
1 116 GLY n 
1 117 GLY n 
1 118 GLN n 
1 119 ILE n 
1 120 MET n 
1 121 LEU n 
1 122 ASN n 
1 123 SER n 
1 124 LEU n 
1 125 HIS n 
1 126 LYS n 
1 127 TYR n 
1 128 GLU n 
1 129 PRO n 
1 130 ARG n 
1 131 ILE n 
1 132 HIS n 
1 133 ILE n 
1 134 VAL n 
1 135 ARG n 
1 136 VAL n 
1 137 GLY n 
1 138 ASP n 
1 139 PRO n 
1 140 GLN n 
1 141 ARG n 
1 142 MET n 
1 143 ILE n 
1 144 THR n 
1 145 SER n 
1 146 HIS n 
1 147 CYS n 
1 148 PHE n 
1 149 PRO n 
1 150 GLU n 
1 151 THR n 
1 152 GLN n 
1 153 PHE n 
1 154 ILE n 
1 155 ALA n 
1 156 VAL n 
1 157 THR n 
1 158 ALA n 
1 159 TYR n 
1 160 GLN n 
1 161 ASN n 
1 162 GLU n 
1 163 GLU n 
1 164 ILE n 
1 165 THR n 
1 166 ALA n 
1 167 LEU n 
1 168 LYS n 
1 169 ILE n 
1 170 LYS n 
1 171 TYR n 
1 172 ASN n 
# 
_entity_src_gen.entity_id                          1 
_entity_src_gen.pdbx_src_id                        1 
_entity_src_gen.pdbx_alt_source_flag               sample 
_entity_src_gen.pdbx_seq_type                      'Biological sequence' 
_entity_src_gen.pdbx_beg_seq_num                   1 
_entity_src_gen.pdbx_end_seq_num                   172 
_entity_src_gen.gene_src_common_name               Human 
_entity_src_gen.gene_src_genus                     ? 
_entity_src_gen.pdbx_gene_src_gene                 'TBXT, T' 
_entity_src_gen.gene_src_species                   ? 
_entity_src_gen.gene_src_strain                    ? 
_entity_src_gen.gene_src_tissue                    ? 
_entity_src_gen.gene_src_tissue_fraction           ? 
_entity_src_gen.gene_src_details                   ? 
_entity_src_gen.pdbx_gene_src_fragment             ? 
_entity_src_gen.pdbx_gene_src_scientific_name      'Homo sapiens' 
_entity_src_gen.pdbx_gene_src_ncbi_taxonomy_id     9606 
_entity_src_gen.pdbx_gene_src_variant              ? 
_entity_src_gen.pdbx_gene_src_cell_line            ? 
_entity_src_gen.pdbx_gene_src_atcc                 ? 
_entity_src_gen.pdbx_gene_src_organ                ? 
_entity_src_gen.pdbx_gene_src_organelle            ? 
_entity_src_gen.pdbx_gene_src_cell                 ? 
_entity_src_gen.pdbx_gene_src_cellular_location    ? 
_entity_src_gen.host_org_common_name               ? 
_entity_src_gen.pdbx_host_org_scientific_name      'Escherichia coli' 
_entity_src_gen.pdbx_host_org_ncbi_taxonomy_id     562 
_entity_src_gen.host_org_genus                     ? 
_entity_src_gen.pdbx_host_org_gene                 ? 
_entity_src_gen.pdbx_host_org_organ                ? 
_entity_src_gen.host_org_species                   ? 
_entity_src_gen.pdbx_host_org_tissue               ? 
_entity_src_gen.pdbx_host_org_tissue_fraction      ? 
_entity_src_gen.pdbx_host_org_strain               ? 
_entity_src_gen.pdbx_host_org_variant              ? 
_entity_src_gen.pdbx_host_org_cell_line            ? 
_entity_src_gen.pdbx_host_org_atcc                 ? 
_entity_src_gen.pdbx_host_org_culture_collection   ? 
_entity_src_gen.pdbx_host_org_cell                 ? 
_entity_src_gen.pdbx_host_org_organelle            ? 
_entity_src_gen.pdbx_host_org_cellular_location    ? 
_entity_src_gen.pdbx_host_org_vector_type          ? 
_entity_src_gen.pdbx_host_org_vector               ? 
_entity_src_gen.host_org_details                   ? 
_entity_src_gen.expression_system_id               ? 
_entity_src_gen.plasmid_name                       ? 
_entity_src_gen.plasmid_details                    ? 
_entity_src_gen.pdbx_description                   ? 
# 
loop_
_chem_comp.id 
_chem_comp.type 
_chem_comp.mon_nstd_flag 
_chem_comp.name 
_chem_comp.pdbx_synonyms 
_chem_comp.formula 
_chem_comp.formula_weight 
ALA 'L-peptide linking' y ALANINE                                       ? 'C3 H7 N O2'     89.093  
ARG 'L-peptide linking' y ARGININE                                      ? 'C6 H15 N4 O2 1' 175.209 
ASN 'L-peptide linking' y ASPARAGINE                                    ? 'C4 H8 N2 O3'    132.118 
ASP 'L-peptide linking' y 'ASPARTIC ACID'                               ? 'C4 H7 N O4'     133.103 
CYS 'L-peptide linking' y CYSTEINE                                      ? 'C3 H7 N O2 S'   121.158 
GLN 'L-peptide linking' y GLUTAMINE                                     ? 'C5 H10 N2 O3'   146.144 
GLU 'L-peptide linking' y 'GLUTAMIC ACID'                               ? 'C5 H9 N O4'     147.129 
GLY 'peptide linking'   y GLYCINE                                       ? 'C2 H5 N O2'     75.067  
HIS 'L-peptide linking' y HISTIDINE                                     ? 'C6 H10 N3 O2 1' 156.162 
HOH non-polymer         . WATER                                         ? 'H2 O'           18.015  
ILE 'L-peptide linking' y ISOLEUCINE                                    ? 'C6 H13 N O2'    131.173 
LEU 'L-peptide linking' y LEUCINE                                       ? 'C6 H13 N O2'    131.173 
LYS 'L-peptide linking' y LYSINE                                        ? 'C6 H15 N2 O2 1' 147.195 
MET 'L-peptide linking' y METHIONINE                                    ? 'C5 H11 N O2 S'  149.211 
NVY non-polymer         . '1-ethyl-N-(2-fluorophenyl)piperidin-4-amine' ? 'C13 H19 F N2'   222.302 
PHE 'L-peptide linking' y PHENYLALANINE                                 ? 'C9 H11 N O2'    165.189 
PRO 'L-peptide linking' y PROLINE                                       ? 'C5 H9 N O2'     115.130 
SER 'L-peptide linking' y SERINE                                        ? 'C3 H7 N O3'     105.093 
THR 'L-peptide linking' y THREONINE                                     ? 'C4 H9 N O3'     119.119 
TRP 'L-peptide linking' y TRYPTOPHAN                                    ? 'C11 H12 N2 O2'  204.225 
TYR 'L-peptide linking' y TYROSINE                                      ? 'C9 H11 N O3'    181.189 
VAL 'L-peptide linking' y VALINE                                        ? 'C5 H11 N O2'    117.146 
# 
loop_
_pdbx_poly_seq_scheme.asym_id 
_pdbx_poly_seq_scheme.entity_id 
_pdbx_poly_seq_scheme.seq_id 
_pdbx_poly_seq_scheme.mon_id 
_pdbx_poly_seq_scheme.ndb_seq_num 
_pdbx_poly_seq_scheme.pdb_seq_num 
_pdbx_poly_seq_scheme.auth_seq_num 
_pdbx_poly_seq_scheme.pdb_mon_id 
_pdbx_poly_seq_scheme.auth_mon_id 
_pdbx_poly_seq_scheme.pdb_strand_id 
_pdbx_poly_seq_scheme.pdb_ins_code 
_pdbx_poly_seq_scheme.hetero 
A 1 1   GLY 1   40  ?   ?   ?   A . n 
A 1 2   GLU 2   41  41  GLU GLU A . n 
A 1 3   LEU 3   42  42  LEU LEU A . n 
A 1 4   ARG 4   43  43  ARG ARG A . n 
A 1 5   VAL 5   44  44  VAL VAL A . n 
A 1 6   GLY 6   45  45  GLY GLY A . n 
A 1 7   LEU 7   46  46  LEU LEU A . n 
A 1 8   GLU 8   47  47  GLU GLU A . n 
A 1 9   GLU 9   48  48  GLU GLU A . n 
A 1 10  SER 10  49  49  SER SER A . n 
A 1 11  GLU 11  50  50  GLU GLU A . n 
A 1 12  LEU 12  51  51  LEU LEU A . n 
A 1 13  TRP 13  52  52  TRP TRP A . n 
A 1 14  LEU 14  53  53  LEU LEU A . n 
A 1 15  ARG 15  54  54  ARG ARG A . n 
A 1 16  PHE 16  55  55  PHE PHE A . n 
A 1 17  LYS 17  56  56  LYS LYS A . n 
A 1 18  GLU 18  57  57  GLU GLU A . n 
A 1 19  LEU 19  58  58  LEU LEU A . n 
A 1 20  THR 20  59  59  THR THR A . n 
A 1 21  ASN 21  60  60  ASN ASN A . n 
A 1 22  GLU 22  61  61  GLU GLU A . n 
A 1 23  MET 23  62  62  MET MET A . n 
A 1 24  ILE 24  63  63  ILE ILE A . n 
A 1 25  VAL 25  64  64  VAL VAL A . n 
A 1 26  THR 26  65  65  THR THR A . n 
A 1 27  LYS 27  66  66  LYS LYS A . n 
A 1 28  ASN 28  67  67  ASN ASN A . n 
A 1 29  GLY 29  68  68  GLY GLY A . n 
A 1 30  ARG 30  69  69  ARG ARG A . n 
A 1 31  ARG 31  70  70  ARG ARG A . n 
A 1 32  MET 32  71  71  MET MET A . n 
A 1 33  PHE 33  72  72  PHE PHE A . n 
A 1 34  PRO 34  73  73  PRO PRO A . n 
A 1 35  VAL 35  74  74  VAL VAL A . n 
A 1 36  LEU 36  75  75  LEU LEU A . n 
A 1 37  LYS 37  76  76  LYS LYS A . n 
A 1 38  VAL 38  77  77  VAL VAL A . n 
A 1 39  ASN 39  78  78  ASN ASN A . n 
A 1 40  VAL 40  79  79  VAL VAL A . n 
A 1 41  SER 41  80  80  SER SER A . n 
A 1 42  GLY 42  81  81  GLY GLY A . n 
A 1 43  LEU 43  82  82  LEU LEU A . n 
A 1 44  ASP 44  83  83  ASP ASP A . n 
A 1 45  PRO 45  84  84  PRO PRO A . n 
A 1 46  ASN 46  85  85  ASN ASN A . n 
A 1 47  ALA 47  86  86  ALA ALA A . n 
A 1 48  MET 48  87  87  MET MET A . n 
A 1 49  TYR 49  88  88  TYR TYR A . n 
A 1 50  SER 50  89  89  SER SER A . n 
A 1 51  PHE 51  90  90  PHE PHE A . n 
A 1 52  LEU 52  91  91  LEU LEU A . n 
A 1 53  LEU 53  92  92  LEU LEU A . n 
A 1 54  ASP 54  93  93  ASP ASP A . n 
A 1 55  PHE 55  94  94  PHE PHE A . n 
A 1 56  VAL 56  95  95  VAL VAL A . n 
A 1 57  ALA 57  96  96  ALA ALA A . n 
A 1 58  ALA 58  97  97  ALA ALA A . n 
A 1 59  ASP 59  98  98  ASP ASP A . n 
A 1 60  ASN 60  99  99  ASN ASN A . n 
A 1 61  HIS 61  100 100 HIS HIS A . n 
A 1 62  ARG 62  101 101 ARG ARG A . n 
A 1 63  TRP 63  102 102 TRP TRP A . n 
A 1 64  LYS 64  103 103 LYS LYS A . n 
A 1 65  TYR 65  104 104 TYR TYR A . n 
A 1 66  VAL 66  105 105 VAL VAL A . n 
A 1 67  ASN 67  106 106 ASN ASN A . n 
A 1 68  GLY 68  107 107 GLY GLY A . n 
A 1 69  GLU 69  108 108 GLU GLU A . n 
A 1 70  TRP 70  109 109 TRP TRP A . n 
A 1 71  VAL 71  110 110 VAL VAL A . n 
A 1 72  PRO 72  111 111 PRO PRO A . n 
A 1 73  GLY 73  112 112 GLY GLY A . n 
A 1 74  GLY 74  113 113 GLY GLY A . n 
A 1 75  LYS 75  114 114 LYS LYS A . n 
A 1 76  PRO 76  115 115 PRO PRO A . n 
A 1 77  GLU 77  116 116 GLU GLU A . n 
A 1 78  PRO 78  117 117 PRO PRO A . n 
A 1 79  GLN 79  118 118 GLN GLN A . n 
A 1 80  ALA 80  119 119 ALA ALA A . n 
A 1 81  PRO 81  120 120 PRO PRO A . n 
A 1 82  SER 82  121 121 SER SER A . n 
A 1 83  CYS 83  122 122 CYS CYS A . n 
A 1 84  VAL 84  123 123 VAL VAL A . n 
A 1 85  TYR 85  124 124 TYR TYR A . n 
A 1 86  ILE 86  125 125 ILE ILE A . n 
A 1 87  HIS 87  126 126 HIS HIS A . n 
A 1 88  PRO 88  127 127 PRO PRO A . n 
A 1 89  ASP 89  128 128 ASP ASP A . n 
A 1 90  SER 90  129 129 SER SER A . n 
A 1 91  PRO 91  130 130 PRO PRO A . n 
A 1 92  ASN 92  131 131 ASN ASN A . n 
A 1 93  PHE 93  132 132 PHE PHE A . n 
A 1 94  GLY 94  133 133 GLY GLY A . n 
A 1 95  ALA 95  134 134 ALA ALA A . n 
A 1 96  HIS 96  135 135 HIS HIS A . n 
A 1 97  TRP 97  136 136 TRP TRP A . n 
A 1 98  MET 98  137 137 MET MET A . n 
A 1 99  LYS 99  138 138 LYS LYS A . n 
A 1 100 ALA 100 139 139 ALA ALA A . n 
A 1 101 PRO 101 140 140 PRO PRO A . n 
A 1 102 VAL 102 141 141 VAL VAL A . n 
A 1 103 SER 103 142 142 SER SER A . n 
A 1 104 PHE 104 143 143 PHE PHE A . n 
A 1 105 SER 105 144 144 SER SER A . n 
A 1 106 LYS 106 145 145 LYS LYS A . n 
A 1 107 VAL 107 146 146 VAL VAL A . n 
A 1 108 LYS 108 147 147 LYS LYS A . n 
A 1 109 LEU 109 148 148 LEU LEU A . n 
A 1 110 THR 110 149 149 THR THR A . n 
A 1 111 ASN 111 150 150 ASN ASN A . n 
A 1 112 LYS 112 151 151 LYS LYS A . n 
A 1 113 LEU 113 152 152 LEU LEU A . n 
A 1 114 ASN 114 153 153 ASN ASN A . n 
A 1 115 GLY 115 154 154 GLY GLY A . n 
A 1 116 GLY 116 155 155 GLY GLY A . n 
A 1 117 GLY 117 156 156 GLY GLY A . n 
A 1 118 GLN 118 157 157 GLN GLN A . n 
A 1 119 ILE 119 158 158 ILE ILE A . n 
A 1 120 MET 120 159 159 MET MET A . n 
A 1 121 LEU 121 160 160 LEU LEU A . n 
A 1 122 ASN 122 161 161 ASN ASN A . n 
A 1 123 SER 123 162 162 SER SER A . n 
A 1 124 LEU 124 163 163 LEU LEU A . n 
A 1 125 HIS 125 164 164 HIS HIS A . n 
A 1 126 LYS 126 165 165 LYS LYS A . n 
A 1 127 TYR 127 166 166 TYR TYR A . n 
A 1 128 GLU 128 167 167 GLU GLU A . n 
A 1 129 PRO 129 168 168 PRO PRO A . n 
A 1 130 ARG 130 169 169 ARG ARG A . n 
A 1 131 ILE 131 170 170 ILE ILE A . n 
A 1 132 HIS 132 171 171 HIS HIS A . n 
A 1 133 ILE 133 172 172 ILE ILE A . n 
A 1 134 VAL 134 173 173 VAL VAL A . n 
A 1 135 ARG 135 174 174 ARG ARG A . n 
A 1 136 VAL 136 175 175 VAL VAL A . n 
A 1 137 GLY 137 176 176 GLY GLY A . n 
A 1 138 ASP 138 177 177 ASP ASP A . n 
A 1 139 PRO 139 178 178 PRO PRO A . n 
A 1 140 GLN 140 179 179 GLN GLN A . n 
A 1 141 ARG 141 180 180 ARG ARG A . n 
A 1 142 MET 142 181 181 MET MET A . n 
A 1 143 ILE 143 182 182 ILE ILE A . n 
A 1 144 THR 144 183 183 THR THR A . n 
A 1 145 SER 145 184 184 SER SER A . n 
A 1 146 HIS 146 185 185 HIS HIS A . n 
A 1 147 CYS 147 186 186 CYS CYS A . n 
A 1 148 PHE 148 187 187 PHE PHE A . n 
A 1 149 PRO 149 188 188 PRO PRO A . n 
A 1 150 GLU 150 189 189 GLU GLU A . n 
A 1 151 THR 151 190 190 THR THR A . n 
A 1 152 GLN 152 191 191 GLN GLN A . n 
A 1 153 PHE 153 192 192 PHE PHE A . n 
A 1 154 ILE 154 193 193 ILE ILE A . n 
A 1 155 ALA 155 194 194 ALA ALA A . n 
A 1 156 VAL 156 195 195 VAL VAL A . n 
A 1 157 THR 157 196 196 THR THR A . n 
A 1 158 ALA 158 197 197 ALA ALA A . n 
A 1 159 TYR 159 198 198 TYR TYR A . n 
A 1 160 GLN 160 199 199 GLN GLN A . n 
A 1 161 ASN 161 200 200 ASN ASN A . n 
A 1 162 GLU 162 201 201 GLU GLU A . n 
A 1 163 GLU 163 202 202 GLU GLU A . n 
A 1 164 ILE 164 203 203 ILE ILE A . n 
A 1 165 THR 165 204 204 THR THR A . n 
A 1 166 ALA 166 205 205 ALA ALA A . n 
A 1 167 LEU 167 206 206 LEU LEU A . n 
A 1 168 LYS 168 207 207 LYS LYS A . n 
A 1 169 ILE 169 208 208 ILE ILE A . n 
A 1 170 LYS 170 209 209 LYS LYS A . n 
A 1 171 TYR 171 210 210 TYR TYR A . n 
A 1 172 ASN 172 211 211 ASN ASN A . n 
# 
loop_
_pdbx_nonpoly_scheme.asym_id 
_pdbx_nonpoly_scheme.entity_id 
_pdbx_nonpoly_scheme.mon_id 
_pdbx_nonpoly_scheme.ndb_seq_num 
_pdbx_nonpoly_scheme.pdb_seq_num 
_pdbx_nonpoly_scheme.auth_seq_num 
_pdbx_nonpoly_scheme.pdb_mon_id 
_pdbx_nonpoly_scheme.auth_mon_id 
_pdbx_nonpoly_scheme.pdb_strand_id 
_pdbx_nonpoly_scheme.pdb_ins_code 
B 2 NVY 1   301 301 NVY LIG A . 
C 3 HOH 1   401 77  HOH HOH A . 
C 3 HOH 2   402 106 HOH HOH A . 
C 3 HOH 3   403 16  HOH HOH A . 
C 3 HOH 4   404 103 HOH HOH A . 
C 3 HOH 5   405 150 HOH HOH A . 
C 3 HOH 6   406 78  HOH HOH A . 
C 3 HOH 7   407 50  HOH HOH A . 
C 3 HOH 8   408 198 HOH HOH A . 
C 3 HOH 9   409 231 HOH HOH A . 
C 3 HOH 10  410 111 HOH HOH A . 
C 3 HOH 11  411 17  HOH HOH A . 
C 3 HOH 12  412 194 HOH HOH A . 
C 3 HOH 13  413 8   HOH HOH A . 
C 3 HOH 14  414 166 HOH HOH A . 
C 3 HOH 15  415 48  HOH HOH A . 
C 3 HOH 16  416 26  HOH HOH A . 
C 3 HOH 17  417 12  HOH HOH A . 
C 3 HOH 18  418 105 HOH HOH A . 
C 3 HOH 19  419 27  HOH HOH A . 
C 3 HOH 20  420 123 HOH HOH A . 
C 3 HOH 21  421 157 HOH HOH A . 
C 3 HOH 22  422 96  HOH HOH A . 
C 3 HOH 23  423 113 HOH HOH A . 
C 3 HOH 24  424 68  HOH HOH A . 
C 3 HOH 25  425 170 HOH HOH A . 
C 3 HOH 26  426 149 HOH HOH A . 
C 3 HOH 27  427 164 HOH HOH A . 
C 3 HOH 28  428 32  HOH HOH A . 
C 3 HOH 29  429 182 HOH HOH A . 
C 3 HOH 30  430 23  HOH HOH A . 
C 3 HOH 31  431 104 HOH HOH A . 
C 3 HOH 32  432 46  HOH HOH A . 
C 3 HOH 33  433 108 HOH HOH A . 
C 3 HOH 34  434 14  HOH HOH A . 
C 3 HOH 35  435 45  HOH HOH A . 
C 3 HOH 36  436 125 HOH HOH A . 
C 3 HOH 37  437 72  HOH HOH A . 
C 3 HOH 38  438 152 HOH HOH A . 
C 3 HOH 39  439 88  HOH HOH A . 
C 3 HOH 40  440 22  HOH HOH A . 
C 3 HOH 41  441 4   HOH HOH A . 
C 3 HOH 42  442 174 HOH HOH A . 
C 3 HOH 43  443 95  HOH HOH A . 
C 3 HOH 44  444 25  HOH HOH A . 
C 3 HOH 45  445 207 HOH HOH A . 
C 3 HOH 46  446 89  HOH HOH A . 
C 3 HOH 47  447 196 HOH HOH A . 
C 3 HOH 48  448 228 HOH HOH A . 
C 3 HOH 49  449 41  HOH HOH A . 
C 3 HOH 50  450 76  HOH HOH A . 
C 3 HOH 51  451 86  HOH HOH A . 
C 3 HOH 52  452 101 HOH HOH A . 
C 3 HOH 53  453 202 HOH HOH A . 
C 3 HOH 54  454 44  HOH HOH A . 
C 3 HOH 55  455 133 HOH HOH A . 
C 3 HOH 56  456 171 HOH HOH A . 
C 3 HOH 57  457 107 HOH HOH A . 
C 3 HOH 58  458 109 HOH HOH A . 
C 3 HOH 59  459 40  HOH HOH A . 
C 3 HOH 60  460 118 HOH HOH A . 
C 3 HOH 61  461 57  HOH HOH A . 
C 3 HOH 62  462 183 HOH HOH A . 
C 3 HOH 63  463 81  HOH HOH A . 
C 3 HOH 64  464 5   HOH HOH A . 
C 3 HOH 65  465 167 HOH HOH A . 
C 3 HOH 66  466 67  HOH HOH A . 
C 3 HOH 67  467 154 HOH HOH A . 
C 3 HOH 68  468 9   HOH HOH A . 
C 3 HOH 69  469 51  HOH HOH A . 
C 3 HOH 70  470 90  HOH HOH A . 
C 3 HOH 71  471 62  HOH HOH A . 
C 3 HOH 72  472 165 HOH HOH A . 
C 3 HOH 73  473 42  HOH HOH A . 
C 3 HOH 74  474 64  HOH HOH A . 
C 3 HOH 75  475 87  HOH HOH A . 
C 3 HOH 76  476 209 HOH HOH A . 
C 3 HOH 77  477 59  HOH HOH A . 
C 3 HOH 78  478 36  HOH HOH A . 
C 3 HOH 79  479 38  HOH HOH A . 
C 3 HOH 80  480 158 HOH HOH A . 
C 3 HOH 81  481 1   HOH HOH A . 
C 3 HOH 82  482 176 HOH HOH A . 
C 3 HOH 83  483 187 HOH HOH A . 
C 3 HOH 84  484 61  HOH HOH A . 
C 3 HOH 85  485 213 HOH HOH A . 
C 3 HOH 86  486 70  HOH HOH A . 
C 3 HOH 87  487 30  HOH HOH A . 
C 3 HOH 88  488 47  HOH HOH A . 
C 3 HOH 89  489 3   HOH HOH A . 
C 3 HOH 90  490 6   HOH HOH A . 
C 3 HOH 91  491 159 HOH HOH A . 
C 3 HOH 92  492 31  HOH HOH A . 
C 3 HOH 93  493 69  HOH HOH A . 
C 3 HOH 94  494 35  HOH HOH A . 
C 3 HOH 95  495 138 HOH HOH A . 
C 3 HOH 96  496 39  HOH HOH A . 
C 3 HOH 97  497 195 HOH HOH A . 
C 3 HOH 98  498 114 HOH HOH A . 
C 3 HOH 99  499 54  HOH HOH A . 
C 3 HOH 100 500 94  HOH HOH A . 
C 3 HOH 101 501 232 HOH HOH A . 
C 3 HOH 102 502 185 HOH HOH A . 
C 3 HOH 103 503 162 HOH HOH A . 
C 3 HOH 104 504 13  HOH HOH A . 
C 3 HOH 105 505 175 HOH HOH A . 
C 3 HOH 106 506 181 HOH HOH A . 
C 3 HOH 107 507 191 HOH HOH A . 
C 3 HOH 108 508 124 HOH HOH A . 
C 3 HOH 109 509 37  HOH HOH A . 
C 3 HOH 110 510 223 HOH HOH A . 
C 3 HOH 111 511 169 HOH HOH A . 
C 3 HOH 112 512 15  HOH HOH A . 
C 3 HOH 113 513 93  HOH HOH A . 
C 3 HOH 114 514 28  HOH HOH A . 
C 3 HOH 115 515 204 HOH HOH A . 
C 3 HOH 116 516 160 HOH HOH A . 
C 3 HOH 117 517 179 HOH HOH A . 
C 3 HOH 118 518 33  HOH HOH A . 
C 3 HOH 119 519 20  HOH HOH A . 
C 3 HOH 120 520 60  HOH HOH A . 
C 3 HOH 121 521 56  HOH HOH A . 
C 3 HOH 122 522 233 HOH HOH A . 
C 3 HOH 123 523 52  HOH HOH A . 
C 3 HOH 124 524 168 HOH HOH A . 
C 3 HOH 125 525 85  HOH HOH A . 
C 3 HOH 126 526 163 HOH HOH A . 
C 3 HOH 127 527 117 HOH HOH A . 
C 3 HOH 128 528 122 HOH HOH A . 
C 3 HOH 129 529 99  HOH HOH A . 
C 3 HOH 130 530 66  HOH HOH A . 
C 3 HOH 131 531 7   HOH HOH A . 
C 3 HOH 132 532 11  HOH HOH A . 
C 3 HOH 133 533 180 HOH HOH A . 
C 3 HOH 134 534 24  HOH HOH A . 
C 3 HOH 135 535 184 HOH HOH A . 
C 3 HOH 136 536 151 HOH HOH A . 
C 3 HOH 137 537 199 HOH HOH A . 
C 3 HOH 138 538 161 HOH HOH A . 
C 3 HOH 139 539 58  HOH HOH A . 
C 3 HOH 140 540 100 HOH HOH A . 
C 3 HOH 141 541 208 HOH HOH A . 
C 3 HOH 142 542 43  HOH HOH A . 
C 3 HOH 143 543 127 HOH HOH A . 
C 3 HOH 144 544 29  HOH HOH A . 
C 3 HOH 145 545 2   HOH HOH A . 
C 3 HOH 146 546 214 HOH HOH A . 
C 3 HOH 147 547 83  HOH HOH A . 
C 3 HOH 148 548 188 HOH HOH A . 
C 3 HOH 149 549 190 HOH HOH A . 
C 3 HOH 150 550 135 HOH HOH A . 
C 3 HOH 151 551 82  HOH HOH A . 
C 3 HOH 152 552 205 HOH HOH A . 
C 3 HOH 153 553 172 HOH HOH A . 
C 3 HOH 154 554 178 HOH HOH A . 
C 3 HOH 155 555 92  HOH HOH A . 
C 3 HOH 156 556 121 HOH HOH A . 
C 3 HOH 157 557 218 HOH HOH A . 
C 3 HOH 158 558 173 HOH HOH A . 
C 3 HOH 159 559 189 HOH HOH A . 
C 3 HOH 160 560 139 HOH HOH A . 
C 3 HOH 161 561 197 HOH HOH A . 
C 3 HOH 162 562 98  HOH HOH A . 
C 3 HOH 163 563 19  HOH HOH A . 
C 3 HOH 164 564 156 HOH HOH A . 
C 3 HOH 165 565 200 HOH HOH A . 
C 3 HOH 166 566 80  HOH HOH A . 
C 3 HOH 167 567 129 HOH HOH A . 
C 3 HOH 168 568 206 HOH HOH A . 
C 3 HOH 169 569 193 HOH HOH A . 
C 3 HOH 170 570 215 HOH HOH A . 
C 3 HOH 171 571 186 HOH HOH A . 
C 3 HOH 172 572 65  HOH HOH A . 
C 3 HOH 173 573 222 HOH HOH A . 
C 3 HOH 174 574 116 HOH HOH A . 
C 3 HOH 175 575 21  HOH HOH A . 
C 3 HOH 176 576 137 HOH HOH A . 
C 3 HOH 177 577 234 HOH HOH A . 
C 3 HOH 178 578 55  HOH HOH A . 
C 3 HOH 179 579 74  HOH HOH A . 
C 3 HOH 180 580 210 HOH HOH A . 
C 3 HOH 181 581 217 HOH HOH A . 
C 3 HOH 182 582 155 HOH HOH A . 
C 3 HOH 183 583 142 HOH HOH A . 
C 3 HOH 184 584 102 HOH HOH A . 
C 3 HOH 185 585 132 HOH HOH A . 
C 3 HOH 186 586 110 HOH HOH A . 
C 3 HOH 187 587 79  HOH HOH A . 
C 3 HOH 188 588 144 HOH HOH A . 
C 3 HOH 189 589 126 HOH HOH A . 
C 3 HOH 190 590 130 HOH HOH A . 
C 3 HOH 191 591 75  HOH HOH A . 
C 3 HOH 192 592 91  HOH HOH A . 
C 3 HOH 193 593 112 HOH HOH A . 
C 3 HOH 194 594 230 HOH HOH A . 
C 3 HOH 195 595 115 HOH HOH A . 
C 3 HOH 196 596 71  HOH HOH A . 
C 3 HOH 197 597 49  HOH HOH A . 
C 3 HOH 198 598 136 HOH HOH A . 
C 3 HOH 199 599 73  HOH HOH A . 
C 3 HOH 200 600 153 HOH HOH A . 
C 3 HOH 201 601 128 HOH HOH A . 
C 3 HOH 202 602 63  HOH HOH A . 
C 3 HOH 203 603 134 HOH HOH A . 
C 3 HOH 204 604 148 HOH HOH A . 
C 3 HOH 205 605 211 HOH HOH A . 
C 3 HOH 206 606 147 HOH HOH A . 
C 3 HOH 207 607 145 HOH HOH A . 
C 3 HOH 208 608 203 HOH HOH A . 
C 3 HOH 209 609 146 HOH HOH A . 
# 
loop_
_software.pdbx_ordinal 
_software.name 
_software.version 
_software.date 
_software.type 
_software.contact_author 
_software.contact_author_email 
_software.classification 
_software.location 
_software.language 
_software.citation_id 
1 REFMAC      5.8.0238 ?               program 'Garib N. Murshudov' garib@ysbl.york.ac.uk    refinement        
http://www.ccp4.ac.uk/dist/html/refmac5.html        Fortran_77 ? 
2 Aimless     0.7.3    15/08/18        program 'Phil Evans'         ?                        'data scaling'    
http://www.mrc-lmb.cam.ac.uk/harry/pre/aimless.html ?          ? 
3 PDB_EXTRACT 3.23     'SEP. 23, 2016' package PDB                  deposit@deposit.rcsb.org 'data extraction' 
http://sw-tools.pdb.org/apps/PDB_EXTRACT/           C++        ? 
4 XDS         .        ?               program ?                    ?                        'data reduction'  ? ?          ? 
5 REFMAC      .        ?               program ?                    ?                        phasing           ? ?          ? 
# 
_cell.entry_id           5QSH 
_cell.length_a           99.380 
_cell.length_b           99.380 
_cell.length_c           99.290 
_cell.angle_alpha        90.000 
_cell.angle_beta         90.000 
_cell.angle_gamma        120.000 
_cell.Z_PDB              18 
_cell.pdbx_unique_axis   ? 
# 
_symmetry.entry_id                         5QSH 
_symmetry.Int_Tables_number                155 
_symmetry.space_group_name_H-M             'H 3 2' 
_symmetry.pdbx_full_space_group_name_H-M   ? 
_symmetry.cell_setting                     ? 
# 
_exptl.crystals_number   1 
_exptl.entry_id          5QSH 
_exptl.method            'X-RAY DIFFRACTION' 
# 
_exptl_crystal.id                    1 
_exptl_crystal.pdbx_mosaicity        0.000 
_exptl_crystal.pdbx_mosaicity_esd    ? 
_exptl_crystal.density_Matthews      2.40 
_exptl_crystal.density_diffrn        ? 
_exptl_crystal.density_meas          ? 
_exptl_crystal.density_meas_temp     ? 
_exptl_crystal.density_percent_sol   48.76 
_exptl_crystal.size_max              ? 
_exptl_crystal.size_mid              ? 
_exptl_crystal.size_min              ? 
_exptl_crystal.size_rad              ? 
_exptl_crystal.description           ? 
# 
_exptl_crystal_grow.crystal_id      1 
_exptl_crystal_grow.method          'VAPOR DIFFUSION, SITTING DROP' 
_exptl_crystal_grow.pH              7 
_exptl_crystal_grow.temp            298 
_exptl_crystal_grow.pdbx_details    '0.1 M SPG pH 7.0, 30 % PEG 1000' 
_exptl_crystal_grow.temp_details    ? 
_exptl_crystal_grow.pdbx_pH_range   ? 
# 
_diffrn.id                               1 
_diffrn.ambient_temp                     100 
_diffrn.crystal_id                       1 
_diffrn.ambient_temp_details             ? 
_diffrn.pdbx_serial_crystal_experiment   ? 
# 
_diffrn_detector.detector               PIXEL 
_diffrn_detector.type                   'DECTRIS PILATUS 6M' 
_diffrn_detector.pdbx_collection_date   2018-12-09 
_diffrn_detector.diffrn_id              1 
_diffrn_detector.details                ? 
# 
_diffrn_radiation.diffrn_id                        1 
_diffrn_radiation.wavelength_id                    1 
_diffrn_radiation.pdbx_diffrn_protocol             'SINGLE WAVELENGTH' 
_diffrn_radiation.pdbx_monochromatic_or_laue_m_l   M 
_diffrn_radiation.monochromator                    ? 
_diffrn_radiation.pdbx_scattering_type             x-ray 
# 
_diffrn_radiation_wavelength.id           1 
_diffrn_radiation_wavelength.wavelength   0.91587 
_diffrn_radiation_wavelength.wt           1.0 
# 
_diffrn_source.diffrn_id                   1 
_diffrn_source.source                      SYNCHROTRON 
_diffrn_source.type                        'DIAMOND BEAMLINE I04-1' 
_diffrn_source.pdbx_wavelength_list        0.91587 
_diffrn_source.pdbx_synchrotron_site       Diamond 
_diffrn_source.pdbx_synchrotron_beamline   I04-1 
_diffrn_source.pdbx_wavelength             ? 
# 
_reflns.entry_id                     5QSH 
_reflns.pdbx_diffrn_id               1 
_reflns.pdbx_ordinal                 1 
_reflns.observed_criterion_sigma_I   ? 
_reflns.observed_criterion_sigma_F   ? 
_reflns.d_resolution_low             42.990 
_reflns.d_resolution_high            1.850 
_reflns.number_obs                   16263 
_reflns.number_all                   ? 
_reflns.percent_possible_obs         100.000 
_reflns.pdbx_Rmerge_I_obs            0.113 
_reflns.pdbx_Rsym_value              ? 
_reflns.pdbx_netI_over_sigmaI        11.800 
_reflns.B_iso_Wilson_estimate        ? 
_reflns.pdbx_redundancy              9.700 
_reflns.pdbx_Rrim_I_all              0.119 
_reflns.pdbx_Rpim_I_all              0.038 
_reflns.pdbx_CC_half                 0.999 
_reflns.pdbx_netI_over_av_sigmaI     ? 
_reflns.pdbx_number_measured_all     157965 
_reflns.pdbx_scaling_rejects         784 
_reflns.pdbx_chi_squared             ? 
_reflns.Rmerge_F_all                 ? 
_reflns.Rmerge_F_obs                 ? 
_reflns.observed_criterion_F_max     ? 
_reflns.observed_criterion_F_min     ? 
_reflns.observed_criterion_I_max     ? 
_reflns.observed_criterion_I_min     ? 
_reflns.pdbx_d_res_high_opt          ? 
_reflns.pdbx_d_res_low_opt           ? 
_reflns.details                      ? 
# 
loop_
_reflns_shell.pdbx_diffrn_id 
_reflns_shell.pdbx_ordinal 
_reflns_shell.d_res_high 
_reflns_shell.d_res_low 
_reflns_shell.number_measured_obs 
_reflns_shell.number_measured_all 
_reflns_shell.number_unique_obs 
_reflns_shell.pdbx_rejects 
_reflns_shell.Rmerge_I_obs 
_reflns_shell.meanI_over_sigI_obs 
_reflns_shell.pdbx_Rsym_value 
_reflns_shell.pdbx_chi_squared 
_reflns_shell.pdbx_redundancy 
_reflns_shell.percent_possible_obs 
_reflns_shell.pdbx_netI_over_sigmaI_obs 
_reflns_shell.number_possible 
_reflns_shell.number_unique_all 
_reflns_shell.Rmerge_F_all 
_reflns_shell.Rmerge_F_obs 
_reflns_shell.Rmerge_I_all 
_reflns_shell.meanI_over_sigI_all 
_reflns_shell.percent_possible_all 
_reflns_shell.pdbx_Rrim_I_all 
_reflns_shell.pdbx_Rpim_I_all 
_reflns_shell.pdbx_CC_half 
1 1 1.850 1.900  ? 12059 ? ? 1.654 ? ? ? 10.100 ? 1.200  ? 1191 ? ? ? ? 100.000 1.743 0.546 0.628 
1 2 8.270 42.990 ? 1871  ? ? 0.039 ? ? ? 9.100  ? 49.200 ? 206  ? ? ? ? 99.300  0.041 0.013 0.999 
# 
_refine.entry_id                                 5QSH 
_refine.pdbx_refine_id                           'X-RAY DIFFRACTION' 
_refine.ls_d_res_high                            1.9000 
_refine.ls_d_res_low                             49.6900 
_refine.pdbx_ls_sigma_F                          0.000 
_refine.pdbx_data_cutoff_high_absF               ? 
_refine.pdbx_data_cutoff_low_absF                ? 
_refine.ls_percent_reflns_obs                    98.8700 
_refine.ls_number_reflns_obs                     14119 
_refine.ls_number_reflns_all                     ? 
_refine.pdbx_ls_cross_valid_method               THROUGHOUT 
_refine.ls_matrix_type                           ? 
_refine.pdbx_R_Free_selection_details            RANDOM 
_refine.details                                  
'HYDROGENS HAVE BEEN ADDED IN THE RIDING POSITIONS U VALUES      : REFINED INDIVIDUALLY' 
_refine.ls_R_factor_all                          ? 
_refine.ls_R_factor_obs                          0.1940 
_refine.ls_R_factor_R_work                       0.1908 
_refine.ls_wR_factor_R_work                      ? 
_refine.ls_R_factor_R_free                       0.2534 
_refine.ls_wR_factor_R_free                      ? 
_refine.ls_percent_reflns_R_free                 5.0000 
_refine.ls_number_reflns_R_free                  741 
_refine.ls_number_reflns_R_work                  ? 
_refine.ls_R_factor_R_free_error                 ? 
_refine.B_iso_mean                               34.9400 
_refine.solvent_model_param_bsol                 ? 
_refine.solvent_model_param_ksol                 ? 
_refine.pdbx_isotropic_thermal_model             ? 
_refine.aniso_B[1][1]                            -0.0000 
_refine.aniso_B[2][2]                            -0.0000 
_refine.aniso_B[3][3]                            0.0000 
_refine.aniso_B[1][2]                            -0.0000 
_refine.aniso_B[1][3]                            -0.0000 
_refine.aniso_B[2][3]                            -0.0000 
_refine.correlation_coeff_Fo_to_Fc               0.9640 
_refine.correlation_coeff_Fo_to_Fc_free          0.9390 
_refine.overall_SU_R_Cruickshank_DPI             ? 
_refine.pdbx_overall_SU_R_free_Cruickshank_DPI   ? 
_refine.pdbx_overall_SU_R_Blow_DPI               ? 
_refine.pdbx_overall_SU_R_free_Blow_DPI          ? 
_refine.overall_SU_R_free                        ? 
_refine.pdbx_overall_ESU_R                       0.2010 
_refine.pdbx_overall_ESU_R_Free                  0.1810 
_refine.overall_SU_ML                            0.1590 
_refine.overall_SU_B                             5.9320 
_refine.solvent_model_details                    MASK 
_refine.pdbx_solvent_vdw_probe_radii             1.2000 
_refine.pdbx_solvent_ion_probe_radii             0.8000 
_refine.pdbx_solvent_shrinkage_radii             0.8000 
_refine.ls_number_parameters                     ? 
_refine.ls_number_restraints                     ? 
_refine.pdbx_starting_model                      6f58 
_refine.pdbx_method_to_determine_struct          'FOURIER SYNTHESIS' 
_refine.pdbx_stereochemistry_target_values       'MAXIMUM LIKELIHOOD' 
_refine.pdbx_stereochem_target_val_spec_case     ? 
_refine.overall_FOM_work_R_set                   ? 
_refine.B_iso_max                                108.110 
_refine.B_iso_min                                22.150 
_refine.pdbx_overall_phase_error                 ? 
_refine.occupancy_max                            ? 
_refine.occupancy_min                            ? 
_refine.pdbx_diffrn_id                           1 
_refine.pdbx_TLS_residual_ADP_flag               ? 
_refine.pdbx_ls_sigma_I                          ? 
_refine.pdbx_data_cutoff_high_rms_absF           ? 
_refine.ls_R_factor_R_free_error_details         ? 
# 
_refine_hist.cycle_id                         final 
_refine_hist.pdbx_refine_id                   'X-RAY DIFFRACTION' 
_refine_hist.d_res_high                       1.9000 
_refine_hist.d_res_low                        49.6900 
_refine_hist.pdbx_number_atoms_ligand         16 
_refine_hist.number_atoms_solvent             209 
_refine_hist.number_atoms_total               1605 
_refine_hist.pdbx_number_residues_total       171 
_refine_hist.pdbx_B_iso_mean_ligand           50.12 
_refine_hist.pdbx_B_iso_mean_solvent          47.80 
_refine_hist.pdbx_number_atoms_protein        1380 
_refine_hist.pdbx_number_atoms_nucleic_acid   0 
# 
loop_
_refine_ls_restr.pdbx_refine_id 
_refine_ls_restr.type 
_refine_ls_restr.number 
_refine_ls_restr.dev_ideal 
_refine_ls_restr.dev_ideal_target 
_refine_ls_restr.weight 
_refine_ls_restr.pdbx_restraint_function 
'X-RAY DIFFRACTION' r_bond_refined_d       1928 0.014  0.014  ? ? 
'X-RAY DIFFRACTION' r_bond_other_d         1587 0.001  0.017  ? ? 
'X-RAY DIFFRACTION' r_angle_refined_deg    2374 1.468  1.672  ? ? 
'X-RAY DIFFRACTION' r_angle_other_deg      3710 1.280  1.608  ? ? 
'X-RAY DIFFRACTION' r_dihedral_angle_1_deg 218  6.996  5.000  ? ? 
'X-RAY DIFFRACTION' r_dihedral_angle_2_deg 89   27.511 21.685 ? ? 
'X-RAY DIFFRACTION' r_dihedral_angle_3_deg 300  15.803 15.000 ? ? 
'X-RAY DIFFRACTION' r_dihedral_angle_4_deg 11   21.463 15.000 ? ? 
'X-RAY DIFFRACTION' r_chiral_restr         216  0.062  0.200  ? ? 
'X-RAY DIFFRACTION' r_gen_planes_refined   2070 0.007  0.020  ? ? 
'X-RAY DIFFRACTION' r_gen_planes_other     387  0.001  0.020  ? ? 
'X-RAY DIFFRACTION' r_mcbond_it            908  2.323  3.344  ? ? 
'X-RAY DIFFRACTION' r_mcbond_other         904  2.328  3.341  ? ? 
'X-RAY DIFFRACTION' r_mcangle_it           1058 3.582  5.044  ? ? 
# 
_refine_ls_shell.d_res_high                       1.9000 
_refine_ls_shell.d_res_low                        1.9500 
_refine_ls_shell.pdbx_total_number_of_bins_used   20 
_refine_ls_shell.percent_reflns_obs               91.7500 
_refine_ls_shell.number_reflns_R_work             951 
_refine_ls_shell.R_factor_all                     ? 
_refine_ls_shell.R_factor_R_work                  0.4970 
_refine_ls_shell.R_factor_R_free                  0.4870 
_refine_ls_shell.percent_reflns_R_free            ? 
_refine_ls_shell.number_reflns_R_free             72 
_refine_ls_shell.R_factor_R_free_error            ? 
_refine_ls_shell.number_reflns_all                1023 
_refine_ls_shell.number_reflns_obs                ? 
_refine_ls_shell.pdbx_refine_id                   'X-RAY DIFFRACTION' 
# 
_struct.entry_id                  5QSH 
_struct.title                     
'PanDDA analysis group deposition -- Crystal Structure of human Brachyury G177D variant in complex with Z2856434868' 
_struct.pdbx_model_details        ? 
_struct.pdbx_CASP_flag            ? 
_struct.pdbx_model_type_details   ? 
# 
_struct_keywords.entry_id        5QSH 
_struct_keywords.text            'SGC - Diamond I04-1 fragment screening, PanDDA, XChemExplorer, TRANSCRIPTION' 
_struct_keywords.pdbx_keywords   TRANSCRIPTION 
# 
loop_
_struct_asym.id 
_struct_asym.pdbx_blank_PDB_chainid_flag 
_struct_asym.pdbx_modified 
_struct_asym.entity_id 
_struct_asym.details 
A N N 1 ? 
B N N 2 ? 
C N N 3 ? 
# 
_struct_ref.id                         1 
_struct_ref.db_name                    UNP 
_struct_ref.db_code                    TBXT_HUMAN 
_struct_ref.pdbx_db_accession          O15178 
_struct_ref.pdbx_db_isoform            ? 
_struct_ref.entity_id                  1 
_struct_ref.pdbx_seq_one_letter_code   
;ELRVGLEESELWLRFKELTNEMIVTKNGRRMFPVLKVNVSGLDPNAMYSFLLDFVAADNHRWKYVNGEWVPGGKPEPQAP
SCVYIHPDSPNFGAHWMKAPVSFSKVKLTNKLNGGGQIMLNSLHKYEPRIHIVRVGGPQRMITSHCFPETQFIAVTAYQN
EEITALKIKYN
;
_struct_ref.pdbx_align_begin           41 
# 
_struct_ref_seq.align_id                      1 
_struct_ref_seq.ref_id                        1 
_struct_ref_seq.pdbx_PDB_id_code              5QSH 
_struct_ref_seq.pdbx_strand_id                A 
_struct_ref_seq.seq_align_beg                 2 
_struct_ref_seq.pdbx_seq_align_beg_ins_code   ? 
_struct_ref_seq.seq_align_end                 172 
_struct_ref_seq.pdbx_seq_align_end_ins_code   ? 
_struct_ref_seq.pdbx_db_accession             O15178 
_struct_ref_seq.db_align_beg                  41 
_struct_ref_seq.pdbx_db_align_beg_ins_code    ? 
_struct_ref_seq.db_align_end                  211 
_struct_ref_seq.pdbx_db_align_end_ins_code    ? 
_struct_ref_seq.pdbx_auth_seq_align_beg       41 
_struct_ref_seq.pdbx_auth_seq_align_end       211 
# 
loop_
_struct_ref_seq_dif.align_id 
_struct_ref_seq_dif.pdbx_pdb_id_code 
_struct_ref_seq_dif.mon_id 
_struct_ref_seq_dif.pdbx_pdb_strand_id 
_struct_ref_seq_dif.seq_num 
_struct_ref_seq_dif.pdbx_pdb_ins_code 
_struct_ref_seq_dif.pdbx_seq_db_name 
_struct_ref_seq_dif.pdbx_seq_db_accession_code 
_struct_ref_seq_dif.db_mon_id 
_struct_ref_seq_dif.pdbx_seq_db_seq_num 
_struct_ref_seq_dif.details 
_struct_ref_seq_dif.pdbx_auth_seq_num 
_struct_ref_seq_dif.pdbx_ordinal 
1 5QSH GLY A 1   ? UNP O15178 ?   ?   'expression tag'      40  1 
1 5QSH ASP A 138 ? UNP O15178 GLY 177 'engineered mutation' 177 2 
# 
_pdbx_struct_assembly.id                   1 
_pdbx_struct_assembly.details              author_and_software_defined_assembly 
_pdbx_struct_assembly.method_details       PISA 
_pdbx_struct_assembly.oligomeric_details   monomeric 
_pdbx_struct_assembly.oligomeric_count     1 
# 
_pdbx_struct_assembly_gen.assembly_id       1 
_pdbx_struct_assembly_gen.oper_expression   1 
_pdbx_struct_assembly_gen.asym_id_list      A,B,C 
# 
_pdbx_struct_oper_list.id                   1 
_pdbx_struct_oper_list.type                 'identity operation' 
_pdbx_struct_oper_list.name                 1_555 
_pdbx_struct_oper_list.symmetry_operation   x,y,z 
_pdbx_struct_oper_list.matrix[1][1]         1.0000000000 
_pdbx_struct_oper_list.matrix[1][2]         0.0000000000 
_pdbx_struct_oper_list.matrix[1][3]         0.0000000000 
_pdbx_struct_oper_list.vector[1]            0.0000000000 
_pdbx_struct_oper_list.matrix[2][1]         0.0000000000 
_pdbx_struct_oper_list.matrix[2][2]         1.0000000000 
_pdbx_struct_oper_list.matrix[2][3]         0.0000000000 
_pdbx_struct_oper_list.vector[2]            0.0000000000 
_pdbx_struct_oper_list.matrix[3][1]         0.0000000000 
_pdbx_struct_oper_list.matrix[3][2]         0.0000000000 
_pdbx_struct_oper_list.matrix[3][3]         1.0000000000 
_pdbx_struct_oper_list.vector[3]            0.0000000000 
# 
loop_
_struct_conf.conf_type_id 
_struct_conf.id 
_struct_conf.pdbx_PDB_helix_id 
_struct_conf.beg_label_comp_id 
_struct_conf.beg_label_asym_id 
_struct_conf.beg_label_seq_id 
_struct_conf.pdbx_beg_PDB_ins_code 
_struct_conf.end_label_comp_id 
_struct_conf.end_label_asym_id 
_struct_conf.end_label_seq_id 
_struct_conf.pdbx_end_PDB_ins_code 
_struct_conf.beg_auth_comp_id 
_struct_conf.beg_auth_asym_id 
_struct_conf.beg_auth_seq_id 
_struct_conf.end_auth_comp_id 
_struct_conf.end_auth_asym_id 
_struct_conf.end_auth_seq_id 
_struct_conf.pdbx_PDB_helix_class 
_struct_conf.details 
_struct_conf.pdbx_PDB_helix_length 
HELX_P HELX_P1 AA1 GLU A 9   ? GLU A 18  ? GLU A 48  GLU A 57  1 ? 10 
HELX_P HELX_P2 AA2 GLY A 94  ? LYS A 99  ? GLY A 133 LYS A 138 1 ? 6  
HELX_P HELX_P3 AA3 PRO A 149 ? GLN A 152 ? PRO A 188 GLN A 191 5 ? 4  
HELX_P HELX_P4 AA4 ASN A 161 ? ASN A 172 ? ASN A 200 ASN A 211 1 ? 12 
# 
_struct_conf_type.id          HELX_P 
_struct_conf_type.criteria    ? 
_struct_conf_type.reference   ? 
# 
loop_
_struct_mon_prot_cis.pdbx_id 
_struct_mon_prot_cis.label_comp_id 
_struct_mon_prot_cis.label_seq_id 
_struct_mon_prot_cis.label_asym_id 
_struct_mon_prot_cis.label_alt_id 
_struct_mon_prot_cis.pdbx_PDB_ins_code 
_struct_mon_prot_cis.auth_comp_id 
_struct_mon_prot_cis.auth_seq_id 
_struct_mon_prot_cis.auth_asym_id 
_struct_mon_prot_cis.pdbx_label_comp_id_2 
_struct_mon_prot_cis.pdbx_label_seq_id_2 
_struct_mon_prot_cis.pdbx_label_asym_id_2 
_struct_mon_prot_cis.pdbx_PDB_ins_code_2 
_struct_mon_prot_cis.pdbx_auth_comp_id_2 
_struct_mon_prot_cis.pdbx_auth_seq_id_2 
_struct_mon_prot_cis.pdbx_auth_asym_id_2 
_struct_mon_prot_cis.pdbx_PDB_model_num 
_struct_mon_prot_cis.pdbx_omega_angle 
1 PHE 33 A . ? PHE 72  A PRO 34 A ? PRO 73  A 1 -2.96  
2 SER 90 A . ? SER 129 A PRO 91 A ? PRO 130 A 1 -13.60 
# 
loop_
_struct_sheet.id 
_struct_sheet.type 
_struct_sheet.number_strands 
_struct_sheet.details 
AA1 ? 3 ? 
AA2 ? 5 ? 
AA3 ? 4 ? 
AA4 ? 3 ? 
AA5 ? 2 ? 
# 
loop_
_struct_sheet_order.sheet_id 
_struct_sheet_order.range_id_1 
_struct_sheet_order.range_id_2 
_struct_sheet_order.offset 
_struct_sheet_order.sense 
AA1 1 2 ? anti-parallel 
AA1 2 3 ? anti-parallel 
AA2 1 2 ? parallel      
AA2 2 3 ? anti-parallel 
AA2 3 4 ? anti-parallel 
AA2 4 5 ? anti-parallel 
AA3 1 2 ? anti-parallel 
AA3 2 3 ? anti-parallel 
AA3 3 4 ? anti-parallel 
AA4 1 2 ? anti-parallel 
AA4 2 3 ? parallel      
AA5 1 2 ? anti-parallel 
# 
loop_
_struct_sheet_range.sheet_id 
_struct_sheet_range.id 
_struct_sheet_range.beg_label_comp_id 
_struct_sheet_range.beg_label_asym_id 
_struct_sheet_range.beg_label_seq_id 
_struct_sheet_range.pdbx_beg_PDB_ins_code 
_struct_sheet_range.end_label_comp_id 
_struct_sheet_range.end_label_asym_id 
_struct_sheet_range.end_label_seq_id 
_struct_sheet_range.pdbx_end_PDB_ins_code 
_struct_sheet_range.beg_auth_comp_id 
_struct_sheet_range.beg_auth_asym_id 
_struct_sheet_range.beg_auth_seq_id 
_struct_sheet_range.end_auth_comp_id 
_struct_sheet_range.end_auth_asym_id 
_struct_sheet_range.end_auth_seq_id 
AA1 1 ARG A 4   ? LEU A 7   ? ARG A 43  LEU A 46  
AA1 2 LYS A 37  ? SER A 41  ? LYS A 76  SER A 80  
AA1 3 VAL A 102 ? SER A 103 ? VAL A 141 SER A 142 
AA2 1 GLU A 22  ? ILE A 24  ? GLU A 61  ILE A 63  
AA2 2 PHE A 153 ? VAL A 156 ? PHE A 192 VAL A 195 
AA2 3 LYS A 126 ? ARG A 135 ? LYS A 165 ARG A 174 
AA2 4 MET A 48  ? ALA A 57  ? MET A 87  ALA A 96  
AA2 5 ASN A 92  ? PHE A 93  ? ASN A 131 PHE A 132 
AA3 1 TYR A 85  ? ILE A 86  ? TYR A 124 ILE A 125 
AA3 2 MET A 48  ? ALA A 57  ? MET A 87  ALA A 96  
AA3 3 LYS A 126 ? ARG A 135 ? LYS A 165 ARG A 174 
AA3 4 ILE A 143 ? CYS A 147 ? ILE A 182 CYS A 186 
AA4 1 ARG A 30  ? ARG A 31  ? ARG A 69  ARG A 70  
AA4 2 LYS A 108 ? THR A 110 ? LYS A 147 THR A 149 
AA4 3 ILE A 119 ? MET A 120 ? ILE A 158 MET A 159 
AA5 1 ARG A 62  ? VAL A 66  ? ARG A 101 VAL A 105 
AA5 2 GLU A 69  ? GLY A 74  ? GLU A 108 GLY A 113 
# 
loop_
_pdbx_struct_sheet_hbond.sheet_id 
_pdbx_struct_sheet_hbond.range_id_1 
_pdbx_struct_sheet_hbond.range_id_2 
_pdbx_struct_sheet_hbond.range_1_label_atom_id 
_pdbx_struct_sheet_hbond.range_1_label_comp_id 
_pdbx_struct_sheet_hbond.range_1_label_asym_id 
_pdbx_struct_sheet_hbond.range_1_label_seq_id 
_pdbx_struct_sheet_hbond.range_1_PDB_ins_code 
_pdbx_struct_sheet_hbond.range_1_auth_atom_id 
_pdbx_struct_sheet_hbond.range_1_auth_comp_id 
_pdbx_struct_sheet_hbond.range_1_auth_asym_id 
_pdbx_struct_sheet_hbond.range_1_auth_seq_id 
_pdbx_struct_sheet_hbond.range_2_label_atom_id 
_pdbx_struct_sheet_hbond.range_2_label_comp_id 
_pdbx_struct_sheet_hbond.range_2_label_asym_id 
_pdbx_struct_sheet_hbond.range_2_label_seq_id 
_pdbx_struct_sheet_hbond.range_2_PDB_ins_code 
_pdbx_struct_sheet_hbond.range_2_auth_atom_id 
_pdbx_struct_sheet_hbond.range_2_auth_comp_id 
_pdbx_struct_sheet_hbond.range_2_auth_asym_id 
_pdbx_struct_sheet_hbond.range_2_auth_seq_id 
AA1 1 2 N ARG A 4   ? N ARG A 43  O SER A 41  ? O SER A 80  
AA1 2 3 N VAL A 38  ? N VAL A 77  O VAL A 102 ? O VAL A 141 
AA2 1 2 N MET A 23  ? N MET A 62  O VAL A 156 ? O VAL A 195 
AA2 2 3 O PHE A 153 ? O PHE A 192 N TYR A 127 ? N TYR A 166 
AA2 3 4 O HIS A 132 ? O HIS A 171 N LEU A 52  ? N LEU A 91  
AA2 4 5 N TYR A 49  ? N TYR A 88  O ASN A 92  ? O ASN A 131 
AA3 1 2 O TYR A 85  ? O TYR A 124 N LEU A 53  ? N LEU A 92  
AA3 2 3 N LEU A 52  ? N LEU A 91  O HIS A 132 ? O HIS A 171 
AA3 3 4 N ILE A 131 ? N ILE A 170 O HIS A 146 ? O HIS A 185 
AA4 1 2 N ARG A 30  ? N ARG A 69  O LEU A 109 ? O LEU A 148 
AA4 2 3 N THR A 110 ? N THR A 149 O ILE A 119 ? O ILE A 158 
AA5 1 2 N LYS A 64  ? N LYS A 103 O VAL A 71  ? O VAL A 110 
# 
_struct_site.id                   AC1 
_struct_site.pdbx_evidence_code   Software 
_struct_site.pdbx_auth_asym_id    A 
_struct_site.pdbx_auth_comp_id    NVY 
_struct_site.pdbx_auth_seq_id     301 
_struct_site.pdbx_auth_ins_code   ? 
_struct_site.pdbx_num_residues    5 
_struct_site.details              'binding site for residue NVY A 301' 
# 
loop_
_struct_site_gen.id 
_struct_site_gen.site_id 
_struct_site_gen.pdbx_num_res 
_struct_site_gen.label_comp_id 
_struct_site_gen.label_asym_id 
_struct_site_gen.label_seq_id 
_struct_site_gen.pdbx_auth_ins_code 
_struct_site_gen.auth_comp_id 
_struct_site_gen.auth_asym_id 
_struct_site_gen.auth_seq_id 
_struct_site_gen.label_atom_id 
_struct_site_gen.label_alt_id 
_struct_site_gen.symmetry 
_struct_site_gen.details 
1 AC1 5 GLU A 9   ? GLU A 48  . ? 1_555 ? 
2 AC1 5 GLU A 9   ? GLU A 48  . ? 4_555 ? 
3 AC1 5 GLU A 11  ? GLU A 50  . ? 1_555 ? 
4 AC1 5 LEU A 12  ? LEU A 51  . ? 1_555 ? 
5 AC1 5 TYR A 171 ? TYR A 210 . ? 4_555 ? 
# 
_pdbx_validate_close_contact.id               1 
_pdbx_validate_close_contact.PDB_model_num    1 
_pdbx_validate_close_contact.auth_atom_id_1   NH1 
_pdbx_validate_close_contact.auth_asym_id_1   A 
_pdbx_validate_close_contact.auth_comp_id_1   ARG 
_pdbx_validate_close_contact.auth_seq_id_1    43 
_pdbx_validate_close_contact.PDB_ins_code_1   ? 
_pdbx_validate_close_contact.label_alt_id_1   ? 
_pdbx_validate_close_contact.auth_atom_id_2   O 
_pdbx_validate_close_contact.auth_asym_id_2   A 
_pdbx_validate_close_contact.auth_comp_id_2   HOH 
_pdbx_validate_close_contact.auth_seq_id_2    401 
_pdbx_validate_close_contact.PDB_ins_code_2   ? 
_pdbx_validate_close_contact.label_alt_id_2   ? 
_pdbx_validate_close_contact.dist             2.17 
# 
loop_
_pdbx_validate_torsion.id 
_pdbx_validate_torsion.PDB_model_num 
_pdbx_validate_torsion.auth_comp_id 
_pdbx_validate_torsion.auth_asym_id 
_pdbx_validate_torsion.auth_seq_id 
_pdbx_validate_torsion.PDB_ins_code 
_pdbx_validate_torsion.label_alt_id 
_pdbx_validate_torsion.phi 
_pdbx_validate_torsion.psi 
1 1 THR A 59  ? ? 75.99  117.90 
2 1 ASN A 99  ? ? -99.03 36.70  
3 1 SER A 121 ? ? -62.01 82.20  
4 1 PHE A 143 ? ? -97.88 50.92  
5 1 PHE A 143 ? ? -95.94 50.92  
6 1 LEU A 152 ? ? -60.92 90.28  
# 
loop_
_pdbx_struct_special_symmetry.id 
_pdbx_struct_special_symmetry.PDB_model_num 
_pdbx_struct_special_symmetry.auth_asym_id 
_pdbx_struct_special_symmetry.auth_comp_id 
_pdbx_struct_special_symmetry.auth_seq_id 
_pdbx_struct_special_symmetry.PDB_ins_code 
_pdbx_struct_special_symmetry.label_asym_id 
_pdbx_struct_special_symmetry.label_comp_id 
_pdbx_struct_special_symmetry.label_seq_id 
1 1 A NVY 301 ? B NVY . 
2 1 A NVY 301 ? B NVY . 
3 1 A HOH 487 ? C HOH . 
# 
_phasing.method   MR 
# 
_pdbx_entry_details.entry_id                 5QSH 
_pdbx_entry_details.has_ligand_of_interest   Y 
_pdbx_entry_details.compound_details         ? 
_pdbx_entry_details.source_details           ? 
_pdbx_entry_details.nonpolymer_details       ? 
_pdbx_entry_details.sequence_details         ? 
# 
loop_
_pdbx_distant_solvent_atoms.id 
_pdbx_distant_solvent_atoms.PDB_model_num 
_pdbx_distant_solvent_atoms.auth_atom_id 
_pdbx_distant_solvent_atoms.label_alt_id 
_pdbx_distant_solvent_atoms.auth_asym_id 
_pdbx_distant_solvent_atoms.auth_comp_id 
_pdbx_distant_solvent_atoms.auth_seq_id 
_pdbx_distant_solvent_atoms.PDB_ins_code 
_pdbx_distant_solvent_atoms.neighbor_macromolecule_distance 
_pdbx_distant_solvent_atoms.neighbor_ligand_distance 
1 1 O ? A HOH 606 ? 6.29 . 
2 1 O ? A HOH 607 ? 6.68 . 
3 1 O ? A HOH 608 ? 7.11 . 
4 1 O ? A HOH 609 ? 7.74 . 
# 
_pdbx_unobs_or_zero_occ_residues.id               1 
_pdbx_unobs_or_zero_occ_residues.PDB_model_num    1 
_pdbx_unobs_or_zero_occ_residues.polymer_flag     Y 
_pdbx_unobs_or_zero_occ_residues.occupancy_flag   1 
_pdbx_unobs_or_zero_occ_residues.auth_asym_id     A 
_pdbx_unobs_or_zero_occ_residues.auth_comp_id     GLY 
_pdbx_unobs_or_zero_occ_residues.auth_seq_id      40 
_pdbx_unobs_or_zero_occ_residues.PDB_ins_code     ? 
_pdbx_unobs_or_zero_occ_residues.label_asym_id    A 
_pdbx_unobs_or_zero_occ_residues.label_comp_id    GLY 
_pdbx_unobs_or_zero_occ_residues.label_seq_id     1 
# 
loop_
_chem_comp_atom.comp_id 
_chem_comp_atom.atom_id 
_chem_comp_atom.type_symbol 
_chem_comp_atom.pdbx_aromatic_flag 
_chem_comp_atom.pdbx_stereo_config 
_chem_comp_atom.pdbx_ordinal 
ALA N    N N N 1   
ALA CA   C N S 2   
ALA C    C N N 3   
ALA O    O N N 4   
ALA CB   C N N 5   
ALA OXT  O N N 6   
ALA H    H N N 7   
ALA H2   H N N 8   
ALA HA   H N N 9   
ALA HB1  H N N 10  
ALA HB2  H N N 11  
ALA HB3  H N N 12  
ALA HXT  H N N 13  
ARG N    N N N 14  
ARG CA   C N S 15  
ARG C    C N N 16  
ARG O    O N N 17  
ARG CB   C N N 18  
ARG CG   C N N 19  
ARG CD   C N N 20  
ARG NE   N N N 21  
ARG CZ   C N N 22  
ARG NH1  N N N 23  
ARG NH2  N N N 24  
ARG OXT  O N N 25  
ARG H    H N N 26  
ARG H2   H N N 27  
ARG HA   H N N 28  
ARG HB2  H N N 29  
ARG HB3  H N N 30  
ARG HG2  H N N 31  
ARG HG3  H N N 32  
ARG HD2  H N N 33  
ARG HD3  H N N 34  
ARG HE   H N N 35  
ARG HH11 H N N 36  
ARG HH12 H N N 37  
ARG HH21 H N N 38  
ARG HH22 H N N 39  
ARG HXT  H N N 40  
ASN N    N N N 41  
ASN CA   C N S 42  
ASN C    C N N 43  
ASN O    O N N 44  
ASN CB   C N N 45  
ASN CG   C N N 46  
ASN OD1  O N N 47  
ASN ND2  N N N 48  
ASN OXT  O N N 49  
ASN H    H N N 50  
ASN H2   H N N 51  
ASN HA   H N N 52  
ASN HB2  H N N 53  
ASN HB3  H N N 54  
ASN HD21 H N N 55  
ASN HD22 H N N 56  
ASN HXT  H N N 57  
ASP N    N N N 58  
ASP CA   C N S 59  
ASP C    C N N 60  
ASP O    O N N 61  
ASP CB   C N N 62  
ASP CG   C N N 63  
ASP OD1  O N N 64  
ASP OD2  O N N 65  
ASP OXT  O N N 66  
ASP H    H N N 67  
ASP H2   H N N 68  
ASP HA   H N N 69  
ASP HB2  H N N 70  
ASP HB3  H N N 71  
ASP HD2  H N N 72  
ASP HXT  H N N 73  
CYS N    N N N 74  
CYS CA   C N R 75  
CYS C    C N N 76  
CYS O    O N N 77  
CYS CB   C N N 78  
CYS SG   S N N 79  
CYS OXT  O N N 80  
CYS H    H N N 81  
CYS H2   H N N 82  
CYS HA   H N N 83  
CYS HB2  H N N 84  
CYS HB3  H N N 85  
CYS HG   H N N 86  
CYS HXT  H N N 87  
GLN N    N N N 88  
GLN CA   C N S 89  
GLN C    C N N 90  
GLN O    O N N 91  
GLN CB   C N N 92  
GLN CG   C N N 93  
GLN CD   C N N 94  
GLN OE1  O N N 95  
GLN NE2  N N N 96  
GLN OXT  O N N 97  
GLN H    H N N 98  
GLN H2   H N N 99  
GLN HA   H N N 100 
GLN HB2  H N N 101 
GLN HB3  H N N 102 
GLN HG2  H N N 103 
GLN HG3  H N N 104 
GLN HE21 H N N 105 
GLN HE22 H N N 106 
GLN HXT  H N N 107 
GLU N    N N N 108 
GLU CA   C N S 109 
GLU C    C N N 110 
GLU O    O N N 111 
GLU CB   C N N 112 
GLU CG   C N N 113 
GLU CD   C N N 114 
GLU OE1  O N N 115 
GLU OE2  O N N 116 
GLU OXT  O N N 117 
GLU H    H N N 118 
GLU H2   H N N 119 
GLU HA   H N N 120 
GLU HB2  H N N 121 
GLU HB3  H N N 122 
GLU HG2  H N N 123 
GLU HG3  H N N 124 
GLU HE2  H N N 125 
GLU HXT  H N N 126 
GLY N    N N N 127 
GLY CA   C N N 128 
GLY C    C N N 129 
GLY O    O N N 130 
GLY OXT  O N N 131 
GLY H    H N N 132 
GLY H2   H N N 133 
GLY HA2  H N N 134 
GLY HA3  H N N 135 
GLY HXT  H N N 136 
HIS N    N N N 137 
HIS CA   C N S 138 
HIS C    C N N 139 
HIS O    O N N 140 
HIS CB   C N N 141 
HIS CG   C Y N 142 
HIS ND1  N Y N 143 
HIS CD2  C Y N 144 
HIS CE1  C Y N 145 
HIS NE2  N Y N 146 
HIS OXT  O N N 147 
HIS H    H N N 148 
HIS H2   H N N 149 
HIS HA   H N N 150 
HIS HB2  H N N 151 
HIS HB3  H N N 152 
HIS HD1  H N N 153 
HIS HD2  H N N 154 
HIS HE1  H N N 155 
HIS HE2  H N N 156 
HIS HXT  H N N 157 
HOH O    O N N 158 
HOH H1   H N N 159 
HOH H2   H N N 160 
ILE N    N N N 161 
ILE CA   C N S 162 
ILE C    C N N 163 
ILE O    O N N 164 
ILE CB   C N S 165 
ILE CG1  C N N 166 
ILE CG2  C N N 167 
ILE CD1  C N N 168 
ILE OXT  O N N 169 
ILE H    H N N 170 
ILE H2   H N N 171 
ILE HA   H N N 172 
ILE HB   H N N 173 
ILE HG12 H N N 174 
ILE HG13 H N N 175 
ILE HG21 H N N 176 
ILE HG22 H N N 177 
ILE HG23 H N N 178 
ILE HD11 H N N 179 
ILE HD12 H N N 180 
ILE HD13 H N N 181 
ILE HXT  H N N 182 
LEU N    N N N 183 
LEU CA   C N S 184 
LEU C    C N N 185 
LEU O    O N N 186 
LEU CB   C N N 187 
LEU CG   C N N 188 
LEU CD1  C N N 189 
LEU CD2  C N N 190 
LEU OXT  O N N 191 
LEU H    H N N 192 
LEU H2   H N N 193 
LEU HA   H N N 194 
LEU HB2  H N N 195 
LEU HB3  H N N 196 
LEU HG   H N N 197 
LEU HD11 H N N 198 
LEU HD12 H N N 199 
LEU HD13 H N N 200 
LEU HD21 H N N 201 
LEU HD22 H N N 202 
LEU HD23 H N N 203 
LEU HXT  H N N 204 
LYS N    N N N 205 
LYS CA   C N S 206 
LYS C    C N N 207 
LYS O    O N N 208 
LYS CB   C N N 209 
LYS CG   C N N 210 
LYS CD   C N N 211 
LYS CE   C N N 212 
LYS NZ   N N N 213 
LYS OXT  O N N 214 
LYS H    H N N 215 
LYS H2   H N N 216 
LYS HA   H N N 217 
LYS HB2  H N N 218 
LYS HB3  H N N 219 
LYS HG2  H N N 220 
LYS HG3  H N N 221 
LYS HD2  H N N 222 
LYS HD3  H N N 223 
LYS HE2  H N N 224 
LYS HE3  H N N 225 
LYS HZ1  H N N 226 
LYS HZ2  H N N 227 
LYS HZ3  H N N 228 
LYS HXT  H N N 229 
MET N    N N N 230 
MET CA   C N S 231 
MET C    C N N 232 
MET O    O N N 233 
MET CB   C N N 234 
MET CG   C N N 235 
MET SD   S N N 236 
MET CE   C N N 237 
MET OXT  O N N 238 
MET H    H N N 239 
MET H2   H N N 240 
MET HA   H N N 241 
MET HB2  H N N 242 
MET HB3  H N N 243 
MET HG2  H N N 244 
MET HG3  H N N 245 
MET HE1  H N N 246 
MET HE2  H N N 247 
MET HE3  H N N 248 
MET HXT  H N N 249 
NVY N1   N N N 250 
NVY C4   C N N 251 
NVY C5   C N N 252 
NVY C6   C N N 253 
NVY C7   C N N 254 
NVY C8   C Y N 255 
NVY C10  C Y N 256 
NVY C13  C Y N 257 
NVY C1   C N N 258 
NVY C11  C Y N 259 
NVY C12  C Y N 260 
NVY C2   C N N 261 
NVY C3   C N N 262 
NVY C9   C Y N 263 
NVY F1   F N N 264 
NVY N2   N N N 265 
NVY H2   H N N 266 
NVY H3   H N N 267 
NVY H4   H N N 268 
NVY H5   H N N 269 
NVY H6   H N N 270 
NVY H7   H N N 271 
NVY H8   H N N 272 
NVY H9   H N N 273 
NVY H10  H N N 274 
NVY H11  H N N 275 
NVY H12  H N N 276 
NVY H13  H N N 277 
NVY H14  H N N 278 
NVY H15  H N N 279 
NVY H16  H N N 280 
NVY H17  H N N 281 
NVY H18  H N N 282 
NVY H19  H N N 283 
NVY H20  H N N 284 
PHE N    N N N 285 
PHE CA   C N S 286 
PHE C    C N N 287 
PHE O    O N N 288 
PHE CB   C N N 289 
PHE CG   C Y N 290 
PHE CD1  C Y N 291 
PHE CD2  C Y N 292 
PHE CE1  C Y N 293 
PHE CE2  C Y N 294 
PHE CZ   C Y N 295 
PHE OXT  O N N 296 
PHE H    H N N 297 
PHE H2   H N N 298 
PHE HA   H N N 299 
PHE HB2  H N N 300 
PHE HB3  H N N 301 
PHE HD1  H N N 302 
PHE HD2  H N N 303 
PHE HE1  H N N 304 
PHE HE2  H N N 305 
PHE HZ   H N N 306 
PHE HXT  H N N 307 
PRO N    N N N 308 
PRO CA   C N S 309 
PRO C    C N N 310 
PRO O    O N N 311 
PRO CB   C N N 312 
PRO CG   C N N 313 
PRO CD   C N N 314 
PRO OXT  O N N 315 
PRO H    H N N 316 
PRO HA   H N N 317 
PRO HB2  H N N 318 
PRO HB3  H N N 319 
PRO HG2  H N N 320 
PRO HG3  H N N 321 
PRO HD2  H N N 322 
PRO HD3  H N N 323 
PRO HXT  H N N 324 
SER N    N N N 325 
SER CA   C N S 326 
SER C    C N N 327 
SER O    O N N 328 
SER CB   C N N 329 
SER OG   O N N 330 
SER OXT  O N N 331 
SER H    H N N 332 
SER H2   H N N 333 
SER HA   H N N 334 
SER HB2  H N N 335 
SER HB3  H N N 336 
SER HG   H N N 337 
SER HXT  H N N 338 
THR N    N N N 339 
THR CA   C N S 340 
THR C    C N N 341 
THR O    O N N 342 
THR CB   C N R 343 
THR OG1  O N N 344 
THR CG2  C N N 345 
THR OXT  O N N 346 
THR H    H N N 347 
THR H2   H N N 348 
THR HA   H N N 349 
THR HB   H N N 350 
THR HG1  H N N 351 
THR HG21 H N N 352 
THR HG22 H N N 353 
THR HG23 H N N 354 
THR HXT  H N N 355 
TRP N    N N N 356 
TRP CA   C N S 357 
TRP C    C N N 358 
TRP O    O N N 359 
TRP CB   C N N 360 
TRP CG   C Y N 361 
TRP CD1  C Y N 362 
TRP CD2  C Y N 363 
TRP NE1  N Y N 364 
TRP CE2  C Y N 365 
TRP CE3  C Y N 366 
TRP CZ2  C Y N 367 
TRP CZ3  C Y N 368 
TRP CH2  C Y N 369 
TRP OXT  O N N 370 
TRP H    H N N 371 
TRP H2   H N N 372 
TRP HA   H N N 373 
TRP HB2  H N N 374 
TRP HB3  H N N 375 
TRP HD1  H N N 376 
TRP HE1  H N N 377 
TRP HE3  H N N 378 
TRP HZ2  H N N 379 
TRP HZ3  H N N 380 
TRP HH2  H N N 381 
TRP HXT  H N N 382 
TYR N    N N N 383 
TYR CA   C N S 384 
TYR C    C N N 385 
TYR O    O N N 386 
TYR CB   C N N 387 
TYR CG   C Y N 388 
TYR CD1  C Y N 389 
TYR CD2  C Y N 390 
TYR CE1  C Y N 391 
TYR CE2  C Y N 392 
TYR CZ   C Y N 393 
TYR OH   O N N 394 
TYR OXT  O N N 395 
TYR H    H N N 396 
TYR H2   H N N 397 
TYR HA   H N N 398 
TYR HB2  H N N 399 
TYR HB3  H N N 400 
TYR HD1  H N N 401 
TYR HD2  H N N 402 
TYR HE1  H N N 403 
TYR HE2  H N N 404 
TYR HH   H N N 405 
TYR HXT  H N N 406 
VAL N    N N N 407 
VAL CA   C N S 408 
VAL C    C N N 409 
VAL O    O N N 410 
VAL CB   C N N 411 
VAL CG1  C N N 412 
VAL CG2  C N N 413 
VAL OXT  O N N 414 
VAL H    H N N 415 
VAL H2   H N N 416 
VAL HA   H N N 417 
VAL HB   H N N 418 
VAL HG11 H N N 419 
VAL HG12 H N N 420 
VAL HG13 H N N 421 
VAL HG21 H N N 422 
VAL HG22 H N N 423 
VAL HG23 H N N 424 
VAL HXT  H N N 425 
# 
loop_
_chem_comp_bond.comp_id 
_chem_comp_bond.atom_id_1 
_chem_comp_bond.atom_id_2 
_chem_comp_bond.value_order 
_chem_comp_bond.pdbx_aromatic_flag 
_chem_comp_bond.pdbx_stereo_config 
_chem_comp_bond.pdbx_ordinal 
ALA N   CA   sing N N 1   
ALA N   H    sing N N 2   
ALA N   H2   sing N N 3   
ALA CA  C    sing N N 4   
ALA CA  CB   sing N N 5   
ALA CA  HA   sing N N 6   
ALA C   O    doub N N 7   
ALA C   OXT  sing N N 8   
ALA CB  HB1  sing N N 9   
ALA CB  HB2  sing N N 10  
ALA CB  HB3  sing N N 11  
ALA OXT HXT  sing N N 12  
ARG N   CA   sing N N 13  
ARG N   H    sing N N 14  
ARG N   H2   sing N N 15  
ARG CA  C    sing N N 16  
ARG CA  CB   sing N N 17  
ARG CA  HA   sing N N 18  
ARG C   O    doub N N 19  
ARG C   OXT  sing N N 20  
ARG CB  CG   sing N N 21  
ARG CB  HB2  sing N N 22  
ARG CB  HB3  sing N N 23  
ARG CG  CD   sing N N 24  
ARG CG  HG2  sing N N 25  
ARG CG  HG3  sing N N 26  
ARG CD  NE   sing N N 27  
ARG CD  HD2  sing N N 28  
ARG CD  HD3  sing N N 29  
ARG NE  CZ   sing N N 30  
ARG NE  HE   sing N N 31  
ARG CZ  NH1  sing N N 32  
ARG CZ  NH2  doub N N 33  
ARG NH1 HH11 sing N N 34  
ARG NH1 HH12 sing N N 35  
ARG NH2 HH21 sing N N 36  
ARG NH2 HH22 sing N N 37  
ARG OXT HXT  sing N N 38  
ASN N   CA   sing N N 39  
ASN N   H    sing N N 40  
ASN N   H2   sing N N 41  
ASN CA  C    sing N N 42  
ASN CA  CB   sing N N 43  
ASN CA  HA   sing N N 44  
ASN C   O    doub N N 45  
ASN C   OXT  sing N N 46  
ASN CB  CG   sing N N 47  
ASN CB  HB2  sing N N 48  
ASN CB  HB3  sing N N 49  
ASN CG  OD1  doub N N 50  
ASN CG  ND2  sing N N 51  
ASN ND2 HD21 sing N N 52  
ASN ND2 HD22 sing N N 53  
ASN OXT HXT  sing N N 54  
ASP N   CA   sing N N 55  
ASP N   H    sing N N 56  
ASP N   H2   sing N N 57  
ASP CA  C    sing N N 58  
ASP CA  CB   sing N N 59  
ASP CA  HA   sing N N 60  
ASP C   O    doub N N 61  
ASP C   OXT  sing N N 62  
ASP CB  CG   sing N N 63  
ASP CB  HB2  sing N N 64  
ASP CB  HB3  sing N N 65  
ASP CG  OD1  doub N N 66  
ASP CG  OD2  sing N N 67  
ASP OD2 HD2  sing N N 68  
ASP OXT HXT  sing N N 69  
CYS N   CA   sing N N 70  
CYS N   H    sing N N 71  
CYS N   H2   sing N N 72  
CYS CA  C    sing N N 73  
CYS CA  CB   sing N N 74  
CYS CA  HA   sing N N 75  
CYS C   O    doub N N 76  
CYS C   OXT  sing N N 77  
CYS CB  SG   sing N N 78  
CYS CB  HB2  sing N N 79  
CYS CB  HB3  sing N N 80  
CYS SG  HG   sing N N 81  
CYS OXT HXT  sing N N 82  
GLN N   CA   sing N N 83  
GLN N   H    sing N N 84  
GLN N   H2   sing N N 85  
GLN CA  C    sing N N 86  
GLN CA  CB   sing N N 87  
GLN CA  HA   sing N N 88  
GLN C   O    doub N N 89  
GLN C   OXT  sing N N 90  
GLN CB  CG   sing N N 91  
GLN CB  HB2  sing N N 92  
GLN CB  HB3  sing N N 93  
GLN CG  CD   sing N N 94  
GLN CG  HG2  sing N N 95  
GLN CG  HG3  sing N N 96  
GLN CD  OE1  doub N N 97  
GLN CD  NE2  sing N N 98  
GLN NE2 HE21 sing N N 99  
GLN NE2 HE22 sing N N 100 
GLN OXT HXT  sing N N 101 
GLU N   CA   sing N N 102 
GLU N   H    sing N N 103 
GLU N   H2   sing N N 104 
GLU CA  C    sing N N 105 
GLU CA  CB   sing N N 106 
GLU CA  HA   sing N N 107 
GLU C   O    doub N N 108 
GLU C   OXT  sing N N 109 
GLU CB  CG   sing N N 110 
GLU CB  HB2  sing N N 111 
GLU CB  HB3  sing N N 112 
GLU CG  CD   sing N N 113 
GLU CG  HG2  sing N N 114 
GLU CG  HG3  sing N N 115 
GLU CD  OE1  doub N N 116 
GLU CD  OE2  sing N N 117 
GLU OE2 HE2  sing N N 118 
GLU OXT HXT  sing N N 119 
GLY N   CA   sing N N 120 
GLY N   H    sing N N 121 
GLY N   H2   sing N N 122 
GLY CA  C    sing N N 123 
GLY CA  HA2  sing N N 124 
GLY CA  HA3  sing N N 125 
GLY C   O    doub N N 126 
GLY C   OXT  sing N N 127 
GLY OXT HXT  sing N N 128 
HIS N   CA   sing N N 129 
HIS N   H    sing N N 130 
HIS N   H2   sing N N 131 
HIS CA  C    sing N N 132 
HIS CA  CB   sing N N 133 
HIS CA  HA   sing N N 134 
HIS C   O    doub N N 135 
HIS C   OXT  sing N N 136 
HIS CB  CG   sing N N 137 
HIS CB  HB2  sing N N 138 
HIS CB  HB3  sing N N 139 
HIS CG  ND1  sing Y N 140 
HIS CG  CD2  doub Y N 141 
HIS ND1 CE1  doub Y N 142 
HIS ND1 HD1  sing N N 143 
HIS CD2 NE2  sing Y N 144 
HIS CD2 HD2  sing N N 145 
HIS CE1 NE2  sing Y N 146 
HIS CE1 HE1  sing N N 147 
HIS NE2 HE2  sing N N 148 
HIS OXT HXT  sing N N 149 
HOH O   H1   sing N N 150 
HOH O   H2   sing N N 151 
ILE N   CA   sing N N 152 
ILE N   H    sing N N 153 
ILE N   H2   sing N N 154 
ILE CA  C    sing N N 155 
ILE CA  CB   sing N N 156 
ILE CA  HA   sing N N 157 
ILE C   O    doub N N 158 
ILE C   OXT  sing N N 159 
ILE CB  CG1  sing N N 160 
ILE CB  CG2  sing N N 161 
ILE CB  HB   sing N N 162 
ILE CG1 CD1  sing N N 163 
ILE CG1 HG12 sing N N 164 
ILE CG1 HG13 sing N N 165 
ILE CG2 HG21 sing N N 166 
ILE CG2 HG22 sing N N 167 
ILE CG2 HG23 sing N N 168 
ILE CD1 HD11 sing N N 169 
ILE CD1 HD12 sing N N 170 
ILE CD1 HD13 sing N N 171 
ILE OXT HXT  sing N N 172 
LEU N   CA   sing N N 173 
LEU N   H    sing N N 174 
LEU N   H2   sing N N 175 
LEU CA  C    sing N N 176 
LEU CA  CB   sing N N 177 
LEU CA  HA   sing N N 178 
LEU C   O    doub N N 179 
LEU C   OXT  sing N N 180 
LEU CB  CG   sing N N 181 
LEU CB  HB2  sing N N 182 
LEU CB  HB3  sing N N 183 
LEU CG  CD1  sing N N 184 
LEU CG  CD2  sing N N 185 
LEU CG  HG   sing N N 186 
LEU CD1 HD11 sing N N 187 
LEU CD1 HD12 sing N N 188 
LEU CD1 HD13 sing N N 189 
LEU CD2 HD21 sing N N 190 
LEU CD2 HD22 sing N N 191 
LEU CD2 HD23 sing N N 192 
LEU OXT HXT  sing N N 193 
LYS N   CA   sing N N 194 
LYS N   H    sing N N 195 
LYS N   H2   sing N N 196 
LYS CA  C    sing N N 197 
LYS CA  CB   sing N N 198 
LYS CA  HA   sing N N 199 
LYS C   O    doub N N 200 
LYS C   OXT  sing N N 201 
LYS CB  CG   sing N N 202 
LYS CB  HB2  sing N N 203 
LYS CB  HB3  sing N N 204 
LYS CG  CD   sing N N 205 
LYS CG  HG2  sing N N 206 
LYS CG  HG3  sing N N 207 
LYS CD  CE   sing N N 208 
LYS CD  HD2  sing N N 209 
LYS CD  HD3  sing N N 210 
LYS CE  NZ   sing N N 211 
LYS CE  HE2  sing N N 212 
LYS CE  HE3  sing N N 213 
LYS NZ  HZ1  sing N N 214 
LYS NZ  HZ2  sing N N 215 
LYS NZ  HZ3  sing N N 216 
LYS OXT HXT  sing N N 217 
MET N   CA   sing N N 218 
MET N   H    sing N N 219 
MET N   H2   sing N N 220 
MET CA  C    sing N N 221 
MET CA  CB   sing N N 222 
MET CA  HA   sing N N 223 
MET C   O    doub N N 224 
MET C   OXT  sing N N 225 
MET CB  CG   sing N N 226 
MET CB  HB2  sing N N 227 
MET CB  HB3  sing N N 228 
MET CG  SD   sing N N 229 
MET CG  HG2  sing N N 230 
MET CG  HG3  sing N N 231 
MET SD  CE   sing N N 232 
MET CE  HE1  sing N N 233 
MET CE  HE2  sing N N 234 
MET CE  HE3  sing N N 235 
MET OXT HXT  sing N N 236 
NVY F1  C13  sing N N 237 
NVY C12 C13  doub Y N 238 
NVY C12 C11  sing Y N 239 
NVY C13 C8   sing Y N 240 
NVY C11 C10  doub Y N 241 
NVY C8  N2   sing N N 242 
NVY C8  C9   doub Y N 243 
NVY C10 C9   sing Y N 244 
NVY N2  C5   sing N N 245 
NVY C5  C4   sing N N 246 
NVY C5  C6   sing N N 247 
NVY C4  C3   sing N N 248 
NVY C6  C7   sing N N 249 
NVY C3  N1   sing N N 250 
NVY N1  C7   sing N N 251 
NVY N1  C2   sing N N 252 
NVY C2  C1   sing N N 253 
NVY C4  H2   sing N N 254 
NVY C4  H3   sing N N 255 
NVY C5  H4   sing N N 256 
NVY C6  H5   sing N N 257 
NVY C6  H6   sing N N 258 
NVY C7  H7   sing N N 259 
NVY C7  H8   sing N N 260 
NVY C10 H9   sing N N 261 
NVY C1  H10  sing N N 262 
NVY C1  H11  sing N N 263 
NVY C1  H12  sing N N 264 
NVY C11 H13  sing N N 265 
NVY C12 H14  sing N N 266 
NVY C2  H15  sing N N 267 
NVY C2  H16  sing N N 268 
NVY C3  H17  sing N N 269 
NVY C3  H18  sing N N 270 
NVY C9  H19  sing N N 271 
NVY N2  H20  sing N N 272 
PHE N   CA   sing N N 273 
PHE N   H    sing N N 274 
PHE N   H2   sing N N 275 
PHE CA  C    sing N N 276 
PHE CA  CB   sing N N 277 
PHE CA  HA   sing N N 278 
PHE C   O    doub N N 279 
PHE C   OXT  sing N N 280 
PHE CB  CG   sing N N 281 
PHE CB  HB2  sing N N 282 
PHE CB  HB3  sing N N 283 
PHE CG  CD1  doub Y N 284 
PHE CG  CD2  sing Y N 285 
PHE CD1 CE1  sing Y N 286 
PHE CD1 HD1  sing N N 287 
PHE CD2 CE2  doub Y N 288 
PHE CD2 HD2  sing N N 289 
PHE CE1 CZ   doub Y N 290 
PHE CE1 HE1  sing N N 291 
PHE CE2 CZ   sing Y N 292 
PHE CE2 HE2  sing N N 293 
PHE CZ  HZ   sing N N 294 
PHE OXT HXT  sing N N 295 
PRO N   CA   sing N N 296 
PRO N   CD   sing N N 297 
PRO N   H    sing N N 298 
PRO CA  C    sing N N 299 
PRO CA  CB   sing N N 300 
PRO CA  HA   sing N N 301 
PRO C   O    doub N N 302 
PRO C   OXT  sing N N 303 
PRO CB  CG   sing N N 304 
PRO CB  HB2  sing N N 305 
PRO CB  HB3  sing N N 306 
PRO CG  CD   sing N N 307 
PRO CG  HG2  sing N N 308 
PRO CG  HG3  sing N N 309 
PRO CD  HD2  sing N N 310 
PRO CD  HD3  sing N N 311 
PRO OXT HXT  sing N N 312 
SER N   CA   sing N N 313 
SER N   H    sing N N 314 
SER N   H2   sing N N 315 
SER CA  C    sing N N 316 
SER CA  CB   sing N N 317 
SER CA  HA   sing N N 318 
SER C   O    doub N N 319 
SER C   OXT  sing N N 320 
SER CB  OG   sing N N 321 
SER CB  HB2  sing N N 322 
SER CB  HB3  sing N N 323 
SER OG  HG   sing N N 324 
SER OXT HXT  sing N N 325 
THR N   CA   sing N N 326 
THR N   H    sing N N 327 
THR N   H2   sing N N 328 
THR CA  C    sing N N 329 
THR CA  CB   sing N N 330 
THR CA  HA   sing N N 331 
THR C   O    doub N N 332 
THR C   OXT  sing N N 333 
THR CB  OG1  sing N N 334 
THR CB  CG2  sing N N 335 
THR CB  HB   sing N N 336 
THR OG1 HG1  sing N N 337 
THR CG2 HG21 sing N N 338 
THR CG2 HG22 sing N N 339 
THR CG2 HG23 sing N N 340 
THR OXT HXT  sing N N 341 
TRP N   CA   sing N N 342 
TRP N   H    sing N N 343 
TRP N   H2   sing N N 344 
TRP CA  C    sing N N 345 
TRP CA  CB   sing N N 346 
TRP CA  HA   sing N N 347 
TRP C   O    doub N N 348 
TRP C   OXT  sing N N 349 
TRP CB  CG   sing N N 350 
TRP CB  HB2  sing N N 351 
TRP CB  HB3  sing N N 352 
TRP CG  CD1  doub Y N 353 
TRP CG  CD2  sing Y N 354 
TRP CD1 NE1  sing Y N 355 
TRP CD1 HD1  sing N N 356 
TRP CD2 CE2  doub Y N 357 
TRP CD2 CE3  sing Y N 358 
TRP NE1 CE2  sing Y N 359 
TRP NE1 HE1  sing N N 360 
TRP CE2 CZ2  sing Y N 361 
TRP CE3 CZ3  doub Y N 362 
TRP CE3 HE3  sing N N 363 
TRP CZ2 CH2  doub Y N 364 
TRP CZ2 HZ2  sing N N 365 
TRP CZ3 CH2  sing Y N 366 
TRP CZ3 HZ3  sing N N 367 
TRP CH2 HH2  sing N N 368 
TRP OXT HXT  sing N N 369 
TYR N   CA   sing N N 370 
TYR N   H    sing N N 371 
TYR N   H2   sing N N 372 
TYR CA  C    sing N N 373 
TYR CA  CB   sing N N 374 
TYR CA  HA   sing N N 375 
TYR C   O    doub N N 376 
TYR C   OXT  sing N N 377 
TYR CB  CG   sing N N 378 
TYR CB  HB2  sing N N 379 
TYR CB  HB3  sing N N 380 
TYR CG  CD1  doub Y N 381 
TYR CG  CD2  sing Y N 382 
TYR CD1 CE1  sing Y N 383 
TYR CD1 HD1  sing N N 384 
TYR CD2 CE2  doub Y N 385 
TYR CD2 HD2  sing N N 386 
TYR CE1 CZ   doub Y N 387 
TYR CE1 HE1  sing N N 388 
TYR CE2 CZ   sing Y N 389 
TYR CE2 HE2  sing N N 390 
TYR CZ  OH   sing N N 391 
TYR OH  HH   sing N N 392 
TYR OXT HXT  sing N N 393 
VAL N   CA   sing N N 394 
VAL N   H    sing N N 395 
VAL N   H2   sing N N 396 
VAL CA  C    sing N N 397 
VAL CA  CB   sing N N 398 
VAL CA  HA   sing N N 399 
VAL C   O    doub N N 400 
VAL C   OXT  sing N N 401 
VAL CB  CG1  sing N N 402 
VAL CB  CG2  sing N N 403 
VAL CB  HB   sing N N 404 
VAL CG1 HG11 sing N N 405 
VAL CG1 HG12 sing N N 406 
VAL CG1 HG13 sing N N 407 
VAL CG2 HG21 sing N N 408 
VAL CG2 HG22 sing N N 409 
VAL CG2 HG23 sing N N 410 
VAL OXT HXT  sing N N 411 
# 
_pdbx_deposit_group.group_id            G_1002081 
_pdbx_deposit_group.group_description   
;Human Brachyury G177D variant screened against the DSI-poised Fragment Library by X-ray Crystallography at the XChem facility of Diamond Light Source beamline I04-1
;
_pdbx_deposit_group.group_title         'PanDDA analysis group deposition' 
_pdbx_deposit_group.group_type          'changed state' 
# 
_pdbx_entity_instance_feature.ordinal        1 
_pdbx_entity_instance_feature.comp_id        NVY 
_pdbx_entity_instance_feature.asym_id        ? 
_pdbx_entity_instance_feature.seq_num        ? 
_pdbx_entity_instance_feature.auth_comp_id   NVY 
_pdbx_entity_instance_feature.auth_asym_id   ? 
_pdbx_entity_instance_feature.auth_seq_num   ? 
_pdbx_entity_instance_feature.feature_type   'SUBJECT OF INVESTIGATION' 
_pdbx_entity_instance_feature.details        ? 
# 
_atom_sites.entry_id                    5QSH 
_atom_sites.fract_transf_matrix[1][1]   0.00319562 
_atom_sites.fract_transf_matrix[1][2]   -0.01026827 
_atom_sites.fract_transf_matrix[1][3]   0.00439892 
_atom_sites.fract_transf_matrix[2][1]   -0.00649782 
_atom_sites.fract_transf_matrix[2][2]   -0.00509442 
_atom_sites.fract_transf_matrix[2][3]   0.00817474 
_atom_sites.fract_transf_matrix[3][1]   -0.00530094 
_atom_sites.fract_transf_matrix[3][2]   -0.00471307 
_atom_sites.fract_transf_matrix[3][3]   -0.00715068 
_atom_sites.fract_transf_vector[1]      -0.176844 
_atom_sites.fract_transf_vector[2]      -0.362189 
_atom_sites.fract_transf_vector[3]      -0.017550 
# 
loop_
_atom_type.symbol 
C 
F 
N 
O 
S 
# 
loop_
_atom_site.group_PDB 
_atom_site.id 
_atom_site.type_symbol 
_atom_site.label_atom_id 
_atom_site.label_alt_id 
_atom_site.label_comp_id 
_atom_site.label_asym_id 
_atom_site.label_entity_id 
_atom_site.label_seq_id 
_atom_site.pdbx_PDB_ins_code 
_atom_site.Cartn_x 
_atom_site.Cartn_y 
_atom_site.Cartn_z 
_atom_site.occupancy 
_atom_site.B_iso_or_equiv 
_atom_site.pdbx_formal_charge 
_atom_site.auth_seq_id 
_atom_site.auth_comp_id 
_atom_site.auth_asym_id 
_atom_site.auth_atom_id 
_atom_site.pdbx_PDB_model_num 
ATOM   1    N N   . GLU A 1 2   ? -14.966 -12.073 15.154  1.00 51.88  ? 41  GLU A N   1 
ATOM   2    C CA  . GLU A 1 2   ? -14.292 -12.322 13.862  1.00 48.30  ? 41  GLU A CA  1 
ATOM   3    C C   . GLU A 1 2   ? -13.453 -11.101 13.444  1.00 42.09  ? 41  GLU A C   1 
ATOM   4    O O   . GLU A 1 2   ? -14.021 -10.002 13.411  1.00 39.70  ? 41  GLU A O   1 
ATOM   5    C CB  . GLU A 1 2   ? -15.349 -12.595 12.797  1.00 57.14  ? 41  GLU A CB  1 
ATOM   6    C CG  . GLU A 1 2   ? -14.778 -13.164 11.517  1.00 65.86  ? 41  GLU A CG  1 
ATOM   7    C CD  . GLU A 1 2   ? -14.807 -14.680 11.446  1.00 75.91  ? 41  GLU A CD  1 
ATOM   8    O OE1 . GLU A 1 2   ? -13.828 -15.262 10.934  1.00 76.38  ? 41  GLU A OE1 1 
ATOM   9    O OE2 . GLU A 1 2   ? -15.817 -15.274 11.896  1.00 85.44  ? 41  GLU A OE2 1 
ATOM   10   N N   . LEU A 1 3   ? -12.187 -11.301 13.051  1.00 34.15  ? 42  LEU A N   1 
ATOM   11   C CA  . LEU A 1 3   ? -11.293 -10.213 12.565  1.00 32.81  ? 42  LEU A CA  1 
ATOM   12   C C   . LEU A 1 3   ? -11.829 -9.699  11.229  1.00 29.97  ? 42  LEU A C   1 
ATOM   13   O O   . LEU A 1 3   ? -11.946 -10.485 10.272  1.00 30.90  ? 42  LEU A O   1 
ATOM   14   C CB  . LEU A 1 3   ? -9.849  -10.694 12.424  1.00 28.50  ? 42  LEU A CB  1 
ATOM   15   C CG  . LEU A 1 3   ? -8.886  -9.675  11.815  1.00 30.94  ? 42  LEU A CG  1 
ATOM   16   C CD1 . LEU A 1 3   ? -8.921  -8.356  12.571  1.00 31.47  ? 42  LEU A CD1 1 
ATOM   17   C CD2 . LEU A 1 3   ? -7.477  -10.215 11.796  1.00 32.43  ? 42  LEU A CD2 1 
ATOM   18   N N   . ARG A 1 4   ? -12.085 -8.406  11.148  1.00 28.13  ? 43  ARG A N   1 
ATOM   19   C CA  . ARG A 1 4   ? -12.453 -7.731  9.878   1.00 30.61  ? 43  ARG A CA  1 
ATOM   20   C C   . ARG A 1 4   ? -11.553 -6.514  9.696   1.00 28.66  ? 43  ARG A C   1 
ATOM   21   O O   . ARG A 1 4   ? -11.449 -5.713  10.645  1.00 28.72  ? 43  ARG A O   1 
ATOM   22   C CB  . ARG A 1 4   ? -13.938 -7.362  9.916   1.00 35.32  ? 43  ARG A CB  1 
ATOM   23   C CG  . ARG A 1 4   ? -14.865 -8.560  9.741   1.00 40.61  ? 43  ARG A CG  1 
ATOM   24   C CD  . ARG A 1 4   ? -16.250 -8.320  10.317  1.00 49.21  ? 43  ARG A CD  1 
ATOM   25   N NE  . ARG A 1 4   ? -16.860 -7.132  9.731   1.00 53.93  ? 43  ARG A NE  1 
ATOM   26   C CZ  . ARG A 1 4   ? -17.914 -7.125  8.917   1.00 62.26  ? 43  ARG A CZ  1 
ATOM   27   N NH1 . ARG A 1 4   ? -18.370 -5.973  8.454   1.00 60.43  ? 43  ARG A NH1 1 
ATOM   28   N NH2 . ARG A 1 4   ? -18.511 -8.255  8.570   1.00 69.36  ? 43  ARG A NH2 1 
ATOM   29   N N   . VAL A 1 5   ? -10.950 -6.378  8.516   1.00 28.14  ? 44  VAL A N   1 
ATOM   30   C CA  . VAL A 1 5   ? -10.170 -5.179  8.128   1.00 26.77  ? 44  VAL A CA  1 
ATOM   31   C C   . VAL A 1 5   ? -10.838 -4.589  6.886   1.00 28.52  ? 44  VAL A C   1 
ATOM   32   O O   . VAL A 1 5   ? -10.850 -5.258  5.844   1.00 32.29  ? 44  VAL A O   1 
ATOM   33   C CB  . VAL A 1 5   ? -8.692  -5.512  7.918   1.00 25.33  ? 44  VAL A CB  1 
ATOM   34   C CG1 . VAL A 1 5   ? -7.870  -4.241  7.760   1.00 30.18  ? 44  VAL A CG1 1 
ATOM   35   C CG2 . VAL A 1 5   ? -8.130  -6.355  9.060   1.00 26.95  ? 44  VAL A CG2 1 
ATOM   36   N N   . GLY A 1 6   ? -11.377 -3.379  7.023   1.00 28.05  ? 45  GLY A N   1 
ATOM   37   C CA  . GLY A 1 6   ? -12.151 -2.690  5.977   1.00 26.86  ? 45  GLY A CA  1 
ATOM   38   C C   . GLY A 1 6   ? -11.384 -1.519  5.389   1.00 27.31  ? 45  GLY A C   1 
ATOM   39   O O   . GLY A 1 6   ? -10.734 -0.773  6.128   1.00 26.82  ? 45  GLY A O   1 
ATOM   40   N N   . LEU A 1 7   ? -11.405 -1.396  4.067   1.00 29.07  ? 46  LEU A N   1 
ATOM   41   C CA  . LEU A 1 7   ? -10.772 -0.272  3.371   1.00 27.70  ? 46  LEU A CA  1 
ATOM   42   C C   . LEU A 1 7   ? -11.652 0.959   3.624   1.00 28.04  ? 46  LEU A C   1 
ATOM   43   O O   . LEU A 1 7   ? -12.874 0.883   3.389   1.00 28.58  ? 46  LEU A O   1 
ATOM   44   C CB  . LEU A 1 7   ? -10.660 -0.588  1.882   1.00 27.47  ? 46  LEU A CB  1 
ATOM   45   C CG  . LEU A 1 7   ? -10.044 0.523   1.056   1.00 24.72  ? 46  LEU A CG  1 
ATOM   46   C CD1 . LEU A 1 7   ? -8.628  0.836   1.509   1.00 26.11  ? 46  LEU A CD1 1 
ATOM   47   C CD2 . LEU A 1 7   ? -10.088 0.152   -0.415  1.00 25.54  ? 46  LEU A CD2 1 
ATOM   48   N N   . GLU A 1 8   ? -11.017 2.022   4.100   1.00 26.19  ? 47  GLU A N   1 
ATOM   49   C CA  . GLU A 1 8   ? -11.614 3.363   4.257   1.00 28.18  ? 47  GLU A CA  1 
ATOM   50   C C   . GLU A 1 8   ? -11.545 4.080   2.909   1.00 26.61  ? 47  GLU A C   1 
ATOM   51   O O   . GLU A 1 8   ? -10.587 3.835   2.122   1.00 26.95  ? 47  GLU A O   1 
ATOM   52   C CB  . GLU A 1 8   ? -10.876 4.166   5.332   1.00 31.34  ? 47  GLU A CB  1 
ATOM   53   C CG  . GLU A 1 8   ? -11.150 3.637   6.720   1.00 31.12  ? 47  GLU A CG  1 
ATOM   54   C CD  . GLU A 1 8   ? -12.454 4.096   7.340   1.00 30.73  ? 47  GLU A CD  1 
ATOM   55   O OE1 . GLU A 1 8   ? -13.012 3.326   8.148   1.00 33.00  ? 47  GLU A OE1 1 
ATOM   56   O OE2 . GLU A 1 8   ? -12.891 5.225   7.025   1.00 34.96  ? 47  GLU A OE2 1 
ATOM   57   N N   . GLU A 1 9   ? -12.564 4.886   2.627   1.00 27.27  ? 48  GLU A N   1 
ATOM   58   C CA  . GLU A 1 9   ? -12.594 5.752   1.427   1.00 27.23  ? 48  GLU A CA  1 
ATOM   59   C C   . GLU A 1 9   ? -12.472 4.870   0.181   1.00 26.80  ? 48  GLU A C   1 
ATOM   60   O O   . GLU A 1 9   ? -11.767 5.249   -0.777  1.00 28.78  ? 48  GLU A O   1 
ATOM   61   C CB  . GLU A 1 9   ? -11.467 6.771   1.552   1.00 27.76  ? 48  GLU A CB  1 
ATOM   62   C CG  . GLU A 1 9   ? -11.642 7.714   2.723   1.00 29.60  ? 48  GLU A CG  1 
ATOM   63   C CD  . GLU A 1 9   ? -10.604 8.827   2.756   1.00 31.45  ? 48  GLU A CD  1 
ATOM   64   O OE1 . GLU A 1 9   ? -9.642  8.762   1.974   1.00 33.45  ? 48  GLU A OE1 1 
ATOM   65   O OE2 . GLU A 1 9   ? -10.703 9.712   3.621   1.00 38.94  ? 48  GLU A OE2 1 
ATOM   66   N N   . SER A 1 10  ? -13.117 3.712   0.178   1.00 26.68  ? 49  SER A N   1 
ATOM   67   C CA  . SER A 1 10  ? -13.048 2.776   -0.968  1.00 28.23  ? 49  SER A CA  1 
ATOM   68   C C   . SER A 1 10  ? -13.537 3.441   -2.272  1.00 28.84  ? 49  SER A C   1 
ATOM   69   O O   . SER A 1 10  ? -12.971 3.179   -3.311  1.00 28.02  ? 49  SER A O   1 
ATOM   70   C CB  . SER A 1 10  ? -13.818 1.526   -0.696  1.00 28.48  ? 49  SER A CB  1 
ATOM   71   O OG  . SER A 1 10  ? -15.098 1.843   -0.209  1.00 26.74  ? 49  SER A OG  1 
ATOM   72   N N   . GLU A 1 11  ? -14.562 4.293   -2.205  0.56 28.12  ? 50  GLU A N   1 
ATOM   73   C CA  . GLU A 1 11  ? -15.153 4.938   -3.410  0.56 27.84  ? 50  GLU A CA  1 
ATOM   74   C C   . GLU A 1 11  ? -14.164 5.966   -3.981  0.56 27.21  ? 50  GLU A C   1 
ATOM   75   O O   . GLU A 1 11  ? -14.238 6.233   -5.198  0.56 28.56  ? 50  GLU A O   1 
ATOM   76   C CB  . GLU A 1 11  ? -16.517 5.540   -3.074  0.56 27.50  ? 50  GLU A CB  1 
ATOM   77   C CG  . GLU A 1 11  ? -17.521 4.494   -2.621  0.56 27.60  ? 50  GLU A CG  1 
ATOM   78   C CD  . GLU A 1 11  ? -18.961 4.962   -2.580  0.56 27.54  ? 50  GLU A CD  1 
ATOM   79   O OE1 . GLU A 1 11  ? -19.202 6.135   -2.884  0.56 27.56  ? 50  GLU A OE1 1 
ATOM   80   O OE2 . GLU A 1 11  ? -19.832 4.148   -2.240  0.56 27.13  ? 50  GLU A OE2 1 
ATOM   81   N N   . LEU A 1 12  ? -13.282 6.523   -3.147  1.00 25.97  ? 51  LEU A N   1 
ATOM   82   C CA  . LEU A 1 12  ? -12.161 7.388   -3.611  1.00 27.81  ? 51  LEU A CA  1 
ATOM   83   C C   . LEU A 1 12  ? -11.105 6.546   -4.337  1.00 28.98  ? 51  LEU A C   1 
ATOM   84   O O   . LEU A 1 12  ? -10.722 6.906   -5.491  1.00 27.77  ? 51  LEU A O   1 
ATOM   85   C CB  . LEU A 1 12  ? -11.540 8.097   -2.410  1.00 27.00  ? 51  LEU A CB  1 
ATOM   86   C CG  . LEU A 1 12  ? -10.285 8.911   -2.746  1.00 27.81  ? 51  LEU A CG  1 
ATOM   87   C CD1 . LEU A 1 12  ? -10.583 9.992   -3.763  1.00 27.40  ? 51  LEU A CD1 1 
ATOM   88   C CD2 . LEU A 1 12  ? -9.654  9.495   -1.496  1.00 30.10  ? 51  LEU A CD2 1 
ATOM   89   N N   . TRP A 1 13  ? -10.675 5.435   -3.733  1.00 27.00  ? 52  TRP A N   1 
ATOM   90   C CA  . TRP A 1 13  ? -9.756  4.482   -4.412  1.00 29.50  ? 52  TRP A CA  1 
ATOM   91   C C   . TRP A 1 13  ? -10.318 4.063   -5.772  1.00 29.62  ? 52  TRP A C   1 
ATOM   92   O O   . TRP A 1 13  ? -9.539  4.023   -6.742  1.00 30.76  ? 52  TRP A O   1 
ATOM   93   C CB  . TRP A 1 13  ? -9.465  3.254   -3.542  1.00 30.72  ? 52  TRP A CB  1 
ATOM   94   C CG  . TRP A 1 13  ? -8.469  3.547   -2.468  1.00 27.32  ? 52  TRP A CG  1 
ATOM   95   C CD1 . TRP A 1 13  ? -8.745  3.774   -1.148  1.00 30.43  ? 52  TRP A CD1 1 
ATOM   96   C CD2 . TRP A 1 13  ? -7.045  3.680   -2.613  1.00 29.23  ? 52  TRP A CD2 1 
ATOM   97   N NE1 . TRP A 1 13  ? -7.593  4.070   -0.467  1.00 29.77  ? 52  TRP A NE1 1 
ATOM   98   C CE2 . TRP A 1 13  ? -6.531  4.010   -1.335  1.00 27.43  ? 52  TRP A CE2 1 
ATOM   99   C CE3 . TRP A 1 13  ? -6.152  3.589   -3.693  1.00 27.20  ? 52  TRP A CE3 1 
ATOM   100  C CZ2 . TRP A 1 13  ? -5.172  4.213   -1.107  1.00 28.00  ? 52  TRP A CZ2 1 
ATOM   101  C CZ3 . TRP A 1 13  ? -4.806  3.771   -3.457  1.00 27.59  ? 52  TRP A CZ3 1 
ATOM   102  C CH2 . TRP A 1 13  ? -4.318  4.059   -2.178  1.00 28.68  ? 52  TRP A CH2 1 
ATOM   103  N N   . LEU A 1 14  ? -11.602 3.723   -5.829  1.00 33.23  ? 53  LEU A N   1 
ATOM   104  C CA  . LEU A 1 14  ? -12.240 3.173   -7.055  1.00 37.44  ? 53  LEU A CA  1 
ATOM   105  C C   . LEU A 1 14  ? -12.207 4.192   -8.209  1.00 33.73  ? 53  LEU A C   1 
ATOM   106  O O   . LEU A 1 14  ? -12.033 3.781   -9.348  1.00 31.20  ? 53  LEU A O   1 
ATOM   107  C CB  . LEU A 1 14  ? -13.662 2.678   -6.751  1.00 39.46  ? 53  LEU A CB  1 
ATOM   108  C CG  . LEU A 1 14  ? -13.784 1.208   -6.302  1.00 48.34  ? 53  LEU A CG  1 
ATOM   109  C CD1 . LEU A 1 14  ? -12.793 0.281   -7.013  1.00 48.19  ? 53  LEU A CD1 1 
ATOM   110  C CD2 . LEU A 1 14  ? -13.596 1.055   -4.807  1.00 49.53  ? 53  LEU A CD2 1 
ATOM   111  N N   . ARG A 1 15  ? -12.375 5.480   -7.905  0.56 33.51  ? 54  ARG A N   1 
ATOM   112  C CA  . ARG A 1 15  ? -12.302 6.582   -8.904  0.56 34.76  ? 54  ARG A CA  1 
ATOM   113  C C   . ARG A 1 15  ? -10.914 6.597   -9.554  0.56 32.60  ? 54  ARG A C   1 
ATOM   114  O O   . ARG A 1 15  ? -10.842 6.848   -10.769 0.56 30.98  ? 54  ARG A O   1 
ATOM   115  C CB  . ARG A 1 15  ? -12.650 7.921   -8.244  0.56 37.35  ? 54  ARG A CB  1 
ATOM   116  C CG  . ARG A 1 15  ? -14.148 8.136   -8.081  0.56 40.46  ? 54  ARG A CG  1 
ATOM   117  C CD  . ARG A 1 15  ? -14.778 8.891   -9.237  0.56 44.64  ? 54  ARG A CD  1 
ATOM   118  N NE  . ARG A 1 15  ? -16.207 8.617   -9.375  0.56 50.60  ? 54  ARG A NE  1 
ATOM   119  C CZ  . ARG A 1 15  ? -17.153 9.518   -9.655  0.56 51.51  ? 54  ARG A CZ  1 
ATOM   120  N NH1 . ARG A 1 15  ? -18.413 9.130   -9.754  0.56 51.69  ? 54  ARG A NH1 1 
ATOM   121  N NH2 . ARG A 1 15  ? -16.854 10.798  -9.813  0.56 52.72  ? 54  ARG A NH2 1 
ATOM   122  N N   . PHE A 1 16  ? -9.859  6.318   -8.778  1.00 31.84  ? 55  PHE A N   1 
ATOM   123  C CA  . PHE A 1 16  ? -8.468  6.251   -9.296  1.00 30.67  ? 55  PHE A CA  1 
ATOM   124  C C   . PHE A 1 16  ? -8.306  4.945   -10.054 1.00 29.55  ? 55  PHE A C   1 
ATOM   125  O O   . PHE A 1 16  ? -7.735  4.956   -11.184 1.00 27.55  ? 55  PHE A O   1 
ATOM   126  C CB  . PHE A 1 16  ? -7.436  6.394   -8.181  1.00 27.84  ? 55  PHE A CB  1 
ATOM   127  C CG  . PHE A 1 16  ? -7.288  7.803   -7.686  1.00 27.42  ? 55  PHE A CG  1 
ATOM   128  C CD1 . PHE A 1 16  ? -6.373  8.672   -8.274  1.00 28.22  ? 55  PHE A CD1 1 
ATOM   129  C CD2 . PHE A 1 16  ? -8.081  8.277   -6.656  1.00 29.46  ? 55  PHE A CD2 1 
ATOM   130  C CE1 . PHE A 1 16  ? -6.256  9.979   -7.819  1.00 30.19  ? 55  PHE A CE1 1 
ATOM   131  C CE2 . PHE A 1 16  ? -7.938  9.580   -6.184  1.00 31.85  ? 55  PHE A CE2 1 
ATOM   132  C CZ  . PHE A 1 16  ? -7.038  10.433  -6.776  1.00 29.05  ? 55  PHE A CZ  1 
ATOM   133  N N   . LYS A 1 17  ? -8.817  3.861   -9.468  1.00 28.32  ? 56  LYS A N   1 
ATOM   134  C CA  . LYS A 1 17  ? -8.599  2.520   -10.034 1.00 29.85  ? 56  LYS A CA  1 
ATOM   135  C C   . LYS A 1 17  ? -9.277  2.446   -11.404 1.00 29.91  ? 56  LYS A C   1 
ATOM   136  O O   . LYS A 1 17  ? -8.729  1.752   -12.270 1.00 28.43  ? 56  LYS A O   1 
ATOM   137  C CB  . LYS A 1 17  ? -9.084  1.391   -9.127  1.00 30.21  ? 56  LYS A CB  1 
ATOM   138  C CG  . LYS A 1 17  ? -9.036  0.026   -9.814  1.00 34.81  ? 56  LYS A CG  1 
ATOM   139  C CD  . LYS A 1 17  ? -8.890  -1.145  -8.873  1.00 35.77  ? 56  LYS A CD  1 
ATOM   140  C CE  . LYS A 1 17  ? -8.690  -2.462  -9.594  1.00 36.74  ? 56  LYS A CE  1 
ATOM   141  N NZ  . LYS A 1 17  ? -8.645  -3.567  -8.617  1.00 40.33  ? 56  LYS A NZ  1 
ATOM   142  N N   . GLU A 1 18  ? -10.399 3.130   -11.627 1.00 34.34  ? 57  GLU A N   1 
ATOM   143  C CA  . GLU A 1 18  ? -11.072 3.001   -12.947 1.00 39.79  ? 57  GLU A CA  1 
ATOM   144  C C   . GLU A 1 18  ? -10.288 3.779   -14.015 1.00 36.40  ? 57  GLU A C   1 
ATOM   145  O O   . GLU A 1 18  ? -10.508 3.490   -15.191 1.00 38.64  ? 57  GLU A O   1 
ATOM   146  C CB  . GLU A 1 18  ? -12.567 3.317   -12.886 1.00 44.99  ? 57  GLU A CB  1 
ATOM   147  C CG  . GLU A 1 18  ? -12.914 4.752   -12.613 1.00 53.64  ? 57  GLU A CG  1 
ATOM   148  C CD  . GLU A 1 18  ? -14.383 4.966   -12.255 1.00 66.19  ? 57  GLU A CD  1 
ATOM   149  O OE1 . GLU A 1 18  ? -15.115 3.949   -12.079 1.00 68.29  ? 57  GLU A OE1 1 
ATOM   150  O OE2 . GLU A 1 18  ? -14.795 6.147   -12.136 1.00 68.26  ? 57  GLU A OE2 1 
ATOM   151  N N   . LEU A 1 19  ? -9.384  4.692   -13.656 1.00 29.61  ? 58  LEU A N   1 
ATOM   152  C CA  . LEU A 1 19  ? -8.475  5.332   -14.653 1.00 32.68  ? 58  LEU A CA  1 
ATOM   153  C C   . LEU A 1 19  ? -7.185  4.517   -14.778 1.00 32.05  ? 58  LEU A C   1 
ATOM   154  O O   . LEU A 1 19  ? -6.356  4.832   -15.650 1.00 34.38  ? 58  LEU A O   1 
ATOM   155  C CB  . LEU A 1 19  ? -8.094  6.743   -14.211 1.00 33.23  ? 58  LEU A CB  1 
ATOM   156  C CG  . LEU A 1 19  ? -9.234  7.714   -13.925 1.00 36.38  ? 58  LEU A CG  1 
ATOM   157  C CD1 . LEU A 1 19  ? -8.648  9.064   -13.567 1.00 34.04  ? 58  LEU A CD1 1 
ATOM   158  C CD2 . LEU A 1 19  ? -10.176 7.837   -15.102 1.00 34.15  ? 58  LEU A CD2 1 
ATOM   159  N N   . THR A 1 20  ? -6.995  3.576   -13.856 1.00 31.62  ? 59  THR A N   1 
ATOM   160  C CA  . THR A 1 20  ? -5.707  2.938   -13.505 1.00 29.76  ? 59  THR A CA  1 
ATOM   161  C C   . THR A 1 20  ? -4.915  3.937   -12.665 1.00 26.46  ? 59  THR A C   1 
ATOM   162  O O   . THR A 1 20  ? -4.506  4.989   -13.173 1.00 24.53  ? 59  THR A O   1 
ATOM   163  C CB  . THR A 1 20  ? -4.879  2.465   -14.705 1.00 31.74  ? 59  THR A CB  1 
ATOM   164  O OG1 . THR A 1 20  ? -5.648  1.522   -15.453 1.00 31.02  ? 59  THR A OG1 1 
ATOM   165  C CG2 . THR A 1 20  ? -3.583  1.815   -14.270 1.00 30.24  ? 59  THR A CG2 1 
ATOM   166  N N   . ASN A 1 21  ? -4.644  3.533   -11.433 1.00 25.05  ? 60  ASN A N   1 
ATOM   167  C CA  . ASN A 1 21  ? -4.020  4.371   -10.396 1.00 24.93  ? 60  ASN A CA  1 
ATOM   168  C C   . ASN A 1 21  ? -2.517  4.381   -10.635 1.00 26.00  ? 60  ASN A C   1 
ATOM   169  O O   . ASN A 1 21  ? -1.966  3.356   -11.103 1.00 26.87  ? 60  ASN A O   1 
ATOM   170  C CB  . ASN A 1 21  ? -4.444  3.897   -9.009  1.00 25.72  ? 60  ASN A CB  1 
ATOM   171  C CG  . ASN A 1 21  ? -4.293  4.955   -7.935  1.00 27.38  ? 60  ASN A CG  1 
ATOM   172  O OD1 . ASN A 1 21  ? -3.826  6.062   -8.202  1.00 26.11  ? 60  ASN A OD1 1 
ATOM   173  N ND2 . ASN A 1 21  ? -4.727  4.622   -6.725  1.00 30.21  ? 60  ASN A ND2 1 
ATOM   174  N N   . GLU A 1 22  ? -1.898  5.522   -10.350 1.00 23.50  ? 61  GLU A N   1 
ATOM   175  C CA  . GLU A 1 22  ? -0.449  5.747   -10.489 1.00 25.02  ? 61  GLU A CA  1 
ATOM   176  C C   . GLU A 1 22  ? 0.044   6.398   -9.204  1.00 27.05  ? 61  GLU A C   1 
ATOM   177  O O   . GLU A 1 22  ? -0.642  7.288   -8.705  1.00 29.64  ? 61  GLU A O   1 
ATOM   178  C CB  . GLU A 1 22  ? -0.140  6.677   -11.663 1.00 25.34  ? 61  GLU A CB  1 
ATOM   179  C CG  . GLU A 1 22  ? -0.757  6.239   -12.975 1.00 26.10  ? 61  GLU A CG  1 
ATOM   180  C CD  . GLU A 1 22  ? -0.429  7.181   -14.127 1.00 27.67  ? 61  GLU A CD  1 
ATOM   181  O OE1 . GLU A 1 22  ? -1.261  7.307   -15.059 1.00 31.59  ? 61  GLU A OE1 1 
ATOM   182  O OE2 . GLU A 1 22  ? 0.670   7.753   -14.114 1.00 30.04  ? 61  GLU A OE2 1 
ATOM   183  N N   . MET A 1 23  ? 1.159   5.929   -8.668  1.00 27.54  ? 62  MET A N   1 
ATOM   184  C CA  . MET A 1 23  ? 1.794   6.545   -7.494  1.00 28.16  ? 62  MET A CA  1 
ATOM   185  C C   . MET A 1 23  ? 3.199   6.946   -7.918  1.00 29.25  ? 62  MET A C   1 
ATOM   186  O O   . MET A 1 23  ? 3.900   6.102   -8.501  1.00 29.52  ? 62  MET A O   1 
ATOM   187  C CB  . MET A 1 23  ? 1.838   5.575   -6.309  1.00 29.66  ? 62  MET A CB  1 
ATOM   188  C CG  . MET A 1 23  ? 0.463   5.222   -5.781  1.00 30.00  ? 62  MET A CG  1 
ATOM   189  S SD  . MET A 1 23  ? -0.273  6.570   -4.786  1.00 29.06  ? 62  MET A SD  1 
ATOM   190  C CE  . MET A 1 23  ? -1.877  5.857   -4.453  1.00 31.36  ? 62  MET A CE  1 
ATOM   191  N N   . ILE A 1 24  ? 3.568   8.194   -7.646  1.00 31.61  ? 63  ILE A N   1 
ATOM   192  C CA  . ILE A 1 24  ? 4.920   8.732   -7.954  1.00 33.27  ? 63  ILE A CA  1 
ATOM   193  C C   . ILE A 1 24  ? 5.923   8.070   -7.024  1.00 33.50  ? 63  ILE A C   1 
ATOM   194  O O   . ILE A 1 24  ? 5.639   8.002   -5.835  1.00 34.05  ? 63  ILE A O   1 
ATOM   195  C CB  . ILE A 1 24  ? 5.029   10.252  -7.773  1.00 36.78  ? 63  ILE A CB  1 
ATOM   196  C CG1 . ILE A 1 24  ? 4.001   11.042  -8.581  1.00 37.98  ? 63  ILE A CG1 1 
ATOM   197  C CG2 . ILE A 1 24  ? 6.453   10.686  -8.100  1.00 36.06  ? 63  ILE A CG2 1 
ATOM   198  C CD1 . ILE A 1 24  ? 4.240   10.990  -10.053 1.00 38.78  ? 63  ILE A CD1 1 
ATOM   199  N N   . VAL A 1 25  ? 7.067   7.661   -7.569  1.00 30.61  ? 64  VAL A N   1 
ATOM   200  C CA  . VAL A 1 25  ? 8.282   7.260   -6.808  1.00 32.45  ? 64  VAL A CA  1 
ATOM   201  C C   . VAL A 1 25  ? 9.386   8.268   -7.153  1.00 33.34  ? 64  VAL A C   1 
ATOM   202  O O   . VAL A 1 25  ? 9.479   8.665   -8.331  1.00 34.30  ? 64  VAL A O   1 
ATOM   203  C CB  . VAL A 1 25  ? 8.691   5.812   -7.138  1.00 33.65  ? 64  VAL A CB  1 
ATOM   204  C CG1 . VAL A 1 25  ? 7.693   4.797   -6.590  1.00 34.05  ? 64  VAL A CG1 1 
ATOM   205  C CG2 . VAL A 1 25  ? 8.883   5.593   -8.633  1.00 33.42  ? 64  VAL A CG2 1 
ATOM   206  N N   . THR A 1 26  ? 10.203  8.631   -6.171  1.00 34.63  ? 65  THR A N   1 
ATOM   207  C CA  . THR A 1 26  ? 11.315  9.607   -6.288  1.00 36.22  ? 65  THR A CA  1 
ATOM   208  C C   . THR A 1 26  ? 12.505  9.110   -5.471  1.00 41.13  ? 65  THR A C   1 
ATOM   209  O O   . THR A 1 26  ? 12.347  8.150   -4.660  1.00 38.14  ? 65  THR A O   1 
ATOM   210  C CB  . THR A 1 26  ? 10.923  11.003  -5.781  1.00 37.56  ? 65  THR A CB  1 
ATOM   211  O OG1 . THR A 1 26  ? 10.670  10.883  -4.378  1.00 34.13  ? 65  THR A OG1 1 
ATOM   212  C CG2 . THR A 1 26  ? 9.720   11.589  -6.478  1.00 35.99  ? 65  THR A CG2 1 
ATOM   213  N N   . LYS A 1 27  ? 13.651  9.752   -5.688  1.00 41.44  ? 66  LYS A N   1 
ATOM   214  C CA  . LYS A 1 27  ? 14.925  9.500   -4.974  1.00 49.70  ? 66  LYS A CA  1 
ATOM   215  C C   . LYS A 1 27  ? 14.654  9.452   -3.464  1.00 39.80  ? 66  LYS A C   1 
ATOM   216  O O   . LYS A 1 27  ? 15.121  8.504   -2.777  1.00 39.22  ? 66  LYS A O   1 
ATOM   217  C CB  . LYS A 1 27  ? 15.886  10.641  -5.340  1.00 55.04  ? 66  LYS A CB  1 
ATOM   218  C CG  . LYS A 1 27  ? 17.331  10.522  -4.875  1.00 65.97  ? 66  LYS A CG  1 
ATOM   219  C CD  . LYS A 1 27  ? 18.182  11.651  -5.446  1.00 73.24  ? 66  LYS A CD  1 
ATOM   220  C CE  . LYS A 1 27  ? 19.675  11.434  -5.339  1.00 80.94  ? 66  LYS A CE  1 
ATOM   221  N NZ  . LYS A 1 27  ? 20.216  11.989  -4.078  1.00 86.01  ? 66  LYS A NZ  1 
ATOM   222  N N   . ASN A 1 28  ? 13.944  10.463  -2.981  1.00 37.52  ? 67  ASN A N   1 
ATOM   223  C CA  . ASN A 1 28  ? 13.829  10.770  -1.535  1.00 46.23  ? 67  ASN A CA  1 
ATOM   224  C C   . ASN A 1 28  ? 12.532  10.185  -0.956  1.00 47.38  ? 67  ASN A C   1 
ATOM   225  O O   . ASN A 1 28  ? 12.401  10.186  0.289   1.00 47.66  ? 67  ASN A O   1 
ATOM   226  C CB  . ASN A 1 28  ? 13.985  12.272  -1.322  1.00 48.59  ? 67  ASN A CB  1 
ATOM   227  C CG  . ASN A 1 28  ? 15.404  12.723  -1.610  1.00 50.92  ? 67  ASN A CG  1 
ATOM   228  O OD1 . ASN A 1 28  ? 16.334  11.915  -1.601  1.00 51.16  ? 67  ASN A OD1 1 
ATOM   229  N ND2 . ASN A 1 28  ? 15.580  14.007  -1.864  1.00 49.12  ? 67  ASN A ND2 1 
ATOM   230  N N   . GLY A 1 29  ? 11.643  9.665   -1.816  1.00 44.66  ? 68  GLY A N   1 
ATOM   231  C CA  . GLY A 1 29  ? 10.381  9.008   -1.428  1.00 39.59  ? 68  GLY A CA  1 
ATOM   232  C C   . GLY A 1 29  ? 9.242   10.003  -1.428  1.00 37.75  ? 68  GLY A C   1 
ATOM   233  O O   . GLY A 1 29  ? 9.476   11.164  -1.029  1.00 38.27  ? 68  GLY A O   1 
ATOM   234  N N   . ARG A 1 30  ? 8.078   9.572   -1.904  1.00 32.96  ? 69  ARG A N   1 
ATOM   235  C CA  . ARG A 1 30  ? 6.840   10.369  -1.998  1.00 34.93  ? 69  ARG A CA  1 
ATOM   236  C C   . ARG A 1 30  ? 5.709   9.672   -1.224  1.00 34.40  ? 69  ARG A C   1 
ATOM   237  O O   . ARG A 1 30  ? 5.477   8.460   -1.424  1.00 29.56  ? 69  ARG A O   1 
ATOM   238  C CB  . ARG A 1 30  ? 6.474   10.578  -3.464  1.00 37.90  ? 69  ARG A CB  1 
ATOM   239  C CG  . ARG A 1 30  ? 5.357   11.587  -3.665  1.00 44.15  ? 69  ARG A CG  1 
ATOM   240  C CD  . ARG A 1 30  ? 5.783   13.011  -3.354  1.00 50.04  ? 69  ARG A CD  1 
ATOM   241  N NE  . ARG A 1 30  ? 6.835   13.504  -4.236  1.00 49.08  ? 69  ARG A NE  1 
ATOM   242  C CZ  . ARG A 1 30  ? 6.639   13.946  -5.484  1.00 55.82  ? 69  ARG A CZ  1 
ATOM   243  N NH1 . ARG A 1 30  ? 7.663   14.386  -6.198  1.00 54.42  ? 69  ARG A NH1 1 
ATOM   244  N NH2 . ARG A 1 30  ? 5.431   13.920  -6.034  1.00 54.06  ? 69  ARG A NH2 1 
ATOM   245  N N   . ARG A 1 31  ? 5.049   10.412  -0.336  1.00 32.56  ? 70  ARG A N   1 
ATOM   246  C CA  . ARG A 1 31  ? 3.804   9.948   0.324   1.00 34.99  ? 70  ARG A CA  1 
ATOM   247  C C   . ARG A 1 31  ? 2.769   9.635   -0.756  1.00 34.70  ? 70  ARG A C   1 
ATOM   248  O O   . ARG A 1 31  ? 2.828   10.225  -1.862  1.00 32.06  ? 70  ARG A O   1 
ATOM   249  C CB  . ARG A 1 31  ? 3.275   10.969  1.332   1.00 35.54  ? 70  ARG A CB  1 
ATOM   250  C CG  . ARG A 1 31  ? 4.066   11.003  2.635   1.00 43.25  ? 70  ARG A CG  1 
ATOM   251  C CD  . ARG A 1 31  ? 3.524   12.020  3.628   1.00 43.77  ? 70  ARG A CD  1 
ATOM   252  N NE  . ARG A 1 31  ? 3.705   13.368  3.130   1.00 50.82  ? 70  ARG A NE  1 
ATOM   253  C CZ  . ARG A 1 31  ? 4.863   14.042  3.157   1.00 57.84  ? 70  ARG A CZ  1 
ATOM   254  N NH1 . ARG A 1 31  ? 5.955   13.487  3.658   1.00 58.93  ? 70  ARG A NH1 1 
ATOM   255  N NH2 . ARG A 1 31  ? 4.929   15.272  2.676   1.00 58.64  ? 70  ARG A NH2 1 
ATOM   256  N N   . MET A 1 32  ? 1.884   8.692   -0.443  1.00 32.56  ? 71  MET A N   1 
ATOM   257  C CA  . MET A 1 32  ? 0.794   8.233   -1.322  1.00 33.45  ? 71  MET A CA  1 
ATOM   258  C C   . MET A 1 32  ? -0.392  9.186   -1.229  1.00 33.10  ? 71  MET A C   1 
ATOM   259  O O   . MET A 1 32  ? -0.654  9.726   -0.136  1.00 30.54  ? 71  MET A O   1 
ATOM   260  C CB  . MET A 1 32  ? 0.322   6.834   -0.913  1.00 33.57  ? 71  MET A CB  1 
ATOM   261  C CG  . MET A 1 32  ? 1.413   5.786   -1.041  1.00 37.96  ? 71  MET A CG  1 
ATOM   262  S SD  . MET A 1 32  ? 0.898   4.207   -0.351  1.00 34.37  ? 71  MET A SD  1 
ATOM   263  C CE  . MET A 1 32  ? -0.438  3.817   -1.476  1.00 35.61  ? 71  MET A CE  1 
ATOM   264  N N   . PHE A 1 33  ? -1.108  9.310   -2.344  1.00 31.13  ? 72  PHE A N   1 
ATOM   265  C CA  . PHE A 1 33  ? -2.500  9.800   -2.385  1.00 31.19  ? 72  PHE A CA  1 
ATOM   266  C C   . PHE A 1 33  ? -3.274  8.944   -3.367  1.00 29.32  ? 72  PHE A C   1 
ATOM   267  O O   . PHE A 1 33  ? -2.896  8.862   -4.523  1.00 31.77  ? 72  PHE A O   1 
ATOM   268  C CB  . PHE A 1 33  ? -2.616  11.262  -2.818  1.00 30.76  ? 72  PHE A CB  1 
ATOM   269  C CG  . PHE A 1 33  ? -4.031  11.720  -2.630  1.00 33.78  ? 72  PHE A CG  1 
ATOM   270  C CD1 . PHE A 1 33  ? -4.452  12.196  -1.395  1.00 36.16  ? 72  PHE A CD1 1 
ATOM   271  C CD2 . PHE A 1 33  ? -4.972  11.512  -3.620  1.00 34.45  ? 72  PHE A CD2 1 
ATOM   272  C CE1 . PHE A 1 33  ? -5.768  12.570  -1.198  1.00 36.60  ? 72  PHE A CE1 1 
ATOM   273  C CE2 . PHE A 1 33  ? -6.291  11.866  -3.411  1.00 34.41  ? 72  PHE A CE2 1 
ATOM   274  C CZ  . PHE A 1 33  ? -6.688  12.392  -2.203  1.00 35.99  ? 72  PHE A CZ  1 
ATOM   275  N N   . PRO A 1 34  ? -4.429  8.371   -2.997  1.00 31.81  ? 73  PRO A N   1 
ATOM   276  C CA  . PRO A 1 34  ? -4.974  8.475   -1.644  1.00 31.74  ? 73  PRO A CA  1 
ATOM   277  C C   . PRO A 1 34  ? -4.087  7.837   -0.570  1.00 30.07  ? 73  PRO A C   1 
ATOM   278  O O   . PRO A 1 34  ? -3.235  7.041   -0.878  1.00 30.63  ? 73  PRO A O   1 
ATOM   279  C CB  . PRO A 1 34  ? -6.287  7.679   -1.732  1.00 33.19  ? 73  PRO A CB  1 
ATOM   280  C CG  . PRO A 1 34  ? -6.641  7.682   -3.217  1.00 30.86  ? 73  PRO A CG  1 
ATOM   281  C CD  . PRO A 1 34  ? -5.309  7.645   -3.918  1.00 31.40  ? 73  PRO A CD  1 
ATOM   282  N N   . VAL A 1 35  ? -4.344  8.170   0.689   1.00 32.04  ? 74  VAL A N   1 
ATOM   283  C CA  . VAL A 1 35  ? -3.676  7.511   1.839   1.00 32.94  ? 74  VAL A CA  1 
ATOM   284  C C   . VAL A 1 35  ? -4.445  6.226   2.148   1.00 32.27  ? 74  VAL A C   1 
ATOM   285  O O   . VAL A 1 35  ? -5.674  6.301   2.332   1.00 32.09  ? 74  VAL A O   1 
ATOM   286  C CB  . VAL A 1 35  ? -3.605  8.448   3.055   1.00 39.63  ? 74  VAL A CB  1 
ATOM   287  C CG1 . VAL A 1 35  ? -3.054  7.726   4.280   1.00 42.98  ? 74  VAL A CG1 1 
ATOM   288  C CG2 . VAL A 1 35  ? -2.793  9.704   2.745   1.00 40.84  ? 74  VAL A CG2 1 
ATOM   289  N N   . LEU A 1 36  ? -3.722  5.116   2.249   1.00 31.45  ? 75  LEU A N   1 
ATOM   290  C CA  . LEU A 1 36  ? -4.259  3.819   2.733   1.00 32.09  ? 75  LEU A CA  1 
ATOM   291  C C   . LEU A 1 36  ? -4.657  3.937   4.209   1.00 32.70  ? 75  LEU A C   1 
ATOM   292  O O   . LEU A 1 36  ? -3.798  4.285   5.080   1.00 29.40  ? 75  LEU A O   1 
ATOM   293  C CB  . LEU A 1 36  ? -3.216  2.732   2.527   1.00 33.73  ? 75  LEU A CB  1 
ATOM   294  C CG  . LEU A 1 36  ? -3.726  1.333   2.835   1.00 37.23  ? 75  LEU A CG  1 
ATOM   295  C CD1 . LEU A 1 36  ? -4.812  0.926   1.853   1.00 40.30  ? 75  LEU A CD1 1 
ATOM   296  C CD2 . LEU A 1 36  ? -2.587  0.342   2.814   1.00 43.63  ? 75  LEU A CD2 1 
ATOM   297  N N   . LYS A 1 37  ? -5.923  3.663   4.474   1.00 29.73  ? 76  LYS A N   1 
ATOM   298  C CA  . LYS A 1 37  ? -6.523  3.705   5.821   1.00 28.13  ? 76  LYS A CA  1 
ATOM   299  C C   . LYS A 1 37  ? -7.470  2.525   5.926   1.00 27.71  ? 76  LYS A C   1 
ATOM   300  O O   . LYS A 1 37  ? -8.146  2.251   4.935   1.00 24.88  ? 76  LYS A O   1 
ATOM   301  C CB  . LYS A 1 37  ? -7.314  4.993   6.032   1.00 29.15  ? 76  LYS A CB  1 
ATOM   302  C CG  . LYS A 1 37  ? -6.581  6.289   5.753   1.00 33.43  ? 76  LYS A CG  1 
ATOM   303  C CD  . LYS A 1 37  ? -7.451  7.510   6.038   1.00 35.64  ? 76  LYS A CD  1 
ATOM   304  C CE  . LYS A 1 37  ? -7.233  8.639   5.061   1.00 43.04  ? 76  LYS A CE  1 
ATOM   305  N NZ  . LYS A 1 37  ? -7.614  8.273   3.677   1.00 47.40  ? 76  LYS A NZ  1 
ATOM   306  N N   . VAL A 1 38  ? -7.506  1.854   7.076   1.00 26.03  ? 77  VAL A N   1 
ATOM   307  C CA  . VAL A 1 38  ? -8.430  0.708   7.272   1.00 26.85  ? 77  VAL A CA  1 
ATOM   308  C C   . VAL A 1 38  ? -9.101  0.844   8.625   1.00 26.44  ? 77  VAL A C   1 
ATOM   309  O O   . VAL A 1 38  ? -8.498  1.410   9.565   1.00 24.99  ? 77  VAL A O   1 
ATOM   310  C CB  . VAL A 1 38  ? -7.697  -0.641  7.135   1.00 26.41  ? 77  VAL A CB  1 
ATOM   311  C CG1 . VAL A 1 38  ? -7.189  -0.833  5.716   1.00 26.66  ? 77  VAL A CG1 1 
ATOM   312  C CG2 . VAL A 1 38  ? -6.557  -0.773  8.144   1.00 26.90  ? 77  VAL A CG2 1 
ATOM   313  N N   . ASN A 1 39  ? -10.288 0.272   8.706   1.00 28.73  ? 78  ASN A N   1 
ATOM   314  C CA  . ASN A 1 39  ? -11.019 0.109   9.979   1.00 30.65  ? 78  ASN A CA  1 
ATOM   315  C C   . ASN A 1 39  ? -10.822 -1.351  10.412  1.00 28.68  ? 78  ASN A C   1 
ATOM   316  O O   . ASN A 1 39  ? -10.739 -2.278  9.535   1.00 27.84  ? 78  ASN A O   1 
ATOM   317  C CB  . ASN A 1 39  ? -12.463 0.594   9.857   1.00 33.04  ? 78  ASN A CB  1 
ATOM   318  C CG  . ASN A 1 39  ? -13.218 -0.053  8.726   1.00 35.95  ? 78  ASN A CG  1 
ATOM   319  O OD1 . ASN A 1 39  ? -13.430 -1.264  8.737   1.00 35.40  ? 78  ASN A OD1 1 
ATOM   320  N ND2 . ASN A 1 39  ? -13.576 0.739   7.726   1.00 38.99  ? 78  ASN A ND2 1 
ATOM   321  N N   . VAL A 1 40  ? -10.715 -1.564  11.710  1.00 26.12  ? 79  VAL A N   1 
ATOM   322  C CA  . VAL A 1 40  ? -10.431 -2.918  12.248  1.00 26.63  ? 79  VAL A CA  1 
ATOM   323  C C   . VAL A 1 40  ? -11.477 -3.241  13.306  1.00 28.85  ? 79  VAL A C   1 
ATOM   324  O O   . VAL A 1 40  ? -11.694 -2.430  14.221  1.00 30.36  ? 79  VAL A O   1 
ATOM   325  C CB  . VAL A 1 40  ? -8.998  -2.975  12.807  1.00 28.52  ? 79  VAL A CB  1 
ATOM   326  C CG1 . VAL A 1 40  ? -8.650  -4.349  13.353  1.00 31.07  ? 79  VAL A CG1 1 
ATOM   327  C CG2 . VAL A 1 40  ? -7.993  -2.522  11.756  1.00 27.97  ? 79  VAL A CG2 1 
ATOM   328  N N   . SER A 1 41  ? -12.046 -4.433  13.230  1.00 29.47  ? 80  SER A N   1 
ATOM   329  C CA  . SER A 1 41  ? -12.781 -5.035  14.365  1.00 28.18  ? 80  SER A CA  1 
ATOM   330  C C   . SER A 1 41  ? -12.359 -6.493  14.559  1.00 25.51  ? 80  SER A C   1 
ATOM   331  O O   . SER A 1 41  ? -11.787 -7.069  13.629  1.00 26.69  ? 80  SER A O   1 
ATOM   332  C CB  . SER A 1 41  ? -14.253 -4.879  14.150  1.00 31.47  ? 80  SER A CB  1 
ATOM   333  O OG  . SER A 1 41  ? -14.667 -5.578  12.988  1.00 32.13  ? 80  SER A OG  1 
ATOM   334  N N   . GLY A 1 42  ? -12.655 -7.051  15.734  1.00 26.82  ? 81  GLY A N   1 
ATOM   335  C CA  . GLY A 1 42  ? -12.434 -8.468  16.090  1.00 26.98  ? 81  GLY A CA  1 
ATOM   336  C C   . GLY A 1 42  ? -11.009 -8.767  16.500  1.00 27.44  ? 81  GLY A C   1 
ATOM   337  O O   . GLY A 1 42  ? -10.610 -9.949  16.485  1.00 27.42  ? 81  GLY A O   1 
ATOM   338  N N   . LEU A 1 43  ? -10.206 -7.741  16.758  1.00 27.42  ? 82  LEU A N   1 
ATOM   339  C CA  . LEU A 1 43  ? -8.956  -7.937  17.525  1.00 26.86  ? 82  LEU A CA  1 
ATOM   340  C C   . LEU A 1 43  ? -9.337  -8.142  18.982  1.00 27.05  ? 82  LEU A C   1 
ATOM   341  O O   . LEU A 1 43  ? -10.455 -7.748  19.376  1.00 28.51  ? 82  LEU A O   1 
ATOM   342  C CB  . LEU A 1 43  ? -8.039  -6.732  17.354  1.00 28.77  ? 82  LEU A CB  1 
ATOM   343  C CG  . LEU A 1 43  ? -7.341  -6.644  16.008  1.00 28.47  ? 82  LEU A CG  1 
ATOM   344  C CD1 . LEU A 1 43  ? -6.404  -5.449  15.993  1.00 28.42  ? 82  LEU A CD1 1 
ATOM   345  C CD2 . LEU A 1 43  ? -6.589  -7.923  15.691  1.00 31.69  ? 82  LEU A CD2 1 
ATOM   346  N N   . ASP A 1 44  ? -8.458  -8.793  19.734  1.00 29.79  ? 83  ASP A N   1 
ATOM   347  C CA  . ASP A 1 44  ? -8.510  -8.806  21.211  1.00 31.62  ? 83  ASP A CA  1 
ATOM   348  C C   . ASP A 1 44  ? -8.134  -7.412  21.669  1.00 28.74  ? 83  ASP A C   1 
ATOM   349  O O   . ASP A 1 44  ? -7.003  -7.005  21.455  1.00 32.47  ? 83  ASP A O   1 
ATOM   350  C CB  . ASP A 1 44  ? -7.572  -9.873  21.766  1.00 34.42  ? 83  ASP A CB  1 
ATOM   351  C CG  . ASP A 1 44  ? -7.655  -10.077 23.263  1.00 35.82  ? 83  ASP A CG  1 
ATOM   352  O OD1 . ASP A 1 44  ? -8.227  -9.217  23.963  1.00 37.27  ? 83  ASP A OD1 1 
ATOM   353  O OD2 . ASP A 1 44  ? -7.141  -11.103 23.711  1.00 42.44  ? 83  ASP A OD2 1 
ATOM   354  N N   . PRO A 1 45  ? -9.053  -6.636  22.283  1.00 29.49  ? 84  PRO A N   1 
ATOM   355  C CA  . PRO A 1 45  ? -8.746  -5.267  22.669  1.00 29.45  ? 84  PRO A CA  1 
ATOM   356  C C   . PRO A 1 45  ? -7.602  -5.209  23.673  1.00 30.98  ? 84  PRO A C   1 
ATOM   357  O O   . PRO A 1 45  ? -6.958  -4.183  23.726  1.00 30.32  ? 84  PRO A O   1 
ATOM   358  C CB  . PRO A 1 45  ? -10.026 -4.709  23.304  1.00 30.67  ? 84  PRO A CB  1 
ATOM   359  C CG  . PRO A 1 45  ? -10.891 -5.925  23.585  1.00 33.55  ? 84  PRO A CG  1 
ATOM   360  C CD  . PRO A 1 45  ? -10.421 -7.023  22.652  1.00 30.17  ? 84  PRO A CD  1 
ATOM   361  N N   . ASN A 1 46  ? -7.403  -6.303  24.424  1.00 31.21  ? 85  ASN A N   1 
ATOM   362  C CA  . ASN A 1 46  ? -6.410  -6.448  25.516  1.00 29.47  ? 85  ASN A CA  1 
ATOM   363  C C   . ASN A 1 46  ? -5.016  -6.795  24.971  1.00 31.39  ? 85  ASN A C   1 
ATOM   364  O O   . ASN A 1 46  ? -4.037  -6.541  25.671  1.00 35.94  ? 85  ASN A O   1 
ATOM   365  C CB  . ASN A 1 46  ? -6.830  -7.565  26.473  1.00 34.04  ? 85  ASN A CB  1 
ATOM   366  C CG  . ASN A 1 46  ? -8.230  -7.389  27.029  1.00 38.34  ? 85  ASN A CG  1 
ATOM   367  O OD1 . ASN A 1 46  ? -8.528  -6.370  27.639  1.00 38.72  ? 85  ASN A OD1 1 
ATOM   368  N ND2 . ASN A 1 46  ? -9.100  -8.364  26.787  1.00 44.05  ? 85  ASN A ND2 1 
ATOM   369  N N   . ALA A 1 47  ? -4.933  -7.424  23.801  1.00 29.69  ? 86  ALA A N   1 
ATOM   370  C CA  . ALA A 1 47  ? -3.685  -7.994  23.236  1.00 30.62  ? 86  ALA A CA  1 
ATOM   371  C C   . ALA A 1 47  ? -2.928  -6.856  22.556  1.00 29.41  ? 86  ALA A C   1 
ATOM   372  O O   . ALA A 1 47  ? -3.544  -5.805  22.292  1.00 27.97  ? 86  ALA A O   1 
ATOM   373  C CB  . ALA A 1 47  ? -3.987  -9.144  22.290  1.00 29.21  ? 86  ALA A CB  1 
ATOM   374  N N   . MET A 1 48  ? -1.622  -7.017  22.374  1.00 28.42  ? 87  MET A N   1 
ATOM   375  C CA  . MET A 1 48  ? -0.818  -6.009  21.655  1.00 28.32  ? 87  MET A CA  1 
ATOM   376  C C   . MET A 1 48  ? -0.461  -6.553  20.271  1.00 27.62  ? 87  MET A C   1 
ATOM   377  O O   . MET A 1 48  ? -0.293  -7.781  20.110  1.00 29.62  ? 87  MET A O   1 
ATOM   378  C CB  . MET A 1 48  ? 0.424   -5.618  22.444  1.00 30.61  ? 87  MET A CB  1 
ATOM   379  C CG  . MET A 1 48  ? 0.087   -4.896  23.735  1.00 32.87  ? 87  MET A CG  1 
ATOM   380  S SD  . MET A 1 48  ? 1.542   -4.075  24.374  1.00 38.13  ? 87  MET A SD  1 
ATOM   381  C CE  . MET A 1 48  ? 1.571   -2.687  23.242  1.00 39.16  ? 87  MET A CE  1 
ATOM   382  N N   . TYR A 1 49  ? -0.457  -5.651  19.296  1.00 27.36  ? 88  TYR A N   1 
ATOM   383  C CA  . TYR A 1 49  ? -0.270  -5.965  17.869  1.00 27.01  ? 88  TYR A CA  1 
ATOM   384  C C   . TYR A 1 49  ? 0.575   -4.880  17.241  1.00 24.72  ? 88  TYR A C   1 
ATOM   385  O O   . TYR A 1 49  ? 0.476   -3.682  17.647  1.00 24.93  ? 88  TYR A O   1 
ATOM   386  C CB  . TYR A 1 49  ? -1.582  -6.054  17.083  1.00 27.80  ? 88  TYR A CB  1 
ATOM   387  C CG  . TYR A 1 49  ? -2.631  -6.985  17.618  1.00 26.42  ? 88  TYR A CG  1 
ATOM   388  C CD1 . TYR A 1 49  ? -2.734  -8.298  17.175  1.00 26.72  ? 88  TYR A CD1 1 
ATOM   389  C CD2 . TYR A 1 49  ? -3.525  -6.553  18.577  1.00 28.22  ? 88  TYR A CD2 1 
ATOM   390  C CE1 . TYR A 1 49  ? -3.697  -9.147  17.685  1.00 25.48  ? 88  TYR A CE1 1 
ATOM   391  C CE2 . TYR A 1 49  ? -4.484  -7.394  19.102  1.00 27.40  ? 88  TYR A CE2 1 
ATOM   392  C CZ  . TYR A 1 49  ? -4.589  -8.689  18.634  1.00 26.44  ? 88  TYR A CZ  1 
ATOM   393  O OH  . TYR A 1 49  ? -5.585  -9.471  19.135  1.00 31.11  ? 88  TYR A OH  1 
ATOM   394  N N   . SER A 1 50  ? 1.355   -5.287  16.245  1.00 25.13  ? 89  SER A N   1 
ATOM   395  C CA  . SER A 1 50  ? 1.949   -4.354  15.257  1.00 27.79  ? 89  SER A CA  1 
ATOM   396  C C   . SER A 1 50  ? 1.235   -4.475  13.914  1.00 25.61  ? 89  SER A C   1 
ATOM   397  O O   . SER A 1 50  ? 0.783   -5.567  13.583  1.00 25.80  ? 89  SER A O   1 
ATOM   398  C CB  . SER A 1 50  ? 3.400   -4.585  15.117  1.00 27.85  ? 89  SER A CB  1 
ATOM   399  O OG  . SER A 1 50  ? 3.969   -4.556  16.401  1.00 32.34  ? 89  SER A OG  1 
ATOM   400  N N   . PHE A 1 51  ? 1.157   -3.362  13.193  1.00 26.02  ? 90  PHE A N   1 
ATOM   401  C CA  . PHE A 1 51  ? 0.588   -3.273  11.832  1.00 26.32  ? 90  PHE A CA  1 
ATOM   402  C C   . PHE A 1 51  ? 1.755   -3.068  10.868  1.00 27.99  ? 90  PHE A C   1 
ATOM   403  O O   . PHE A 1 51  ? 2.561   -2.131  11.065  1.00 30.37  ? 90  PHE A O   1 
ATOM   404  C CB  . PHE A 1 51  ? -0.442  -2.150  11.767  1.00 26.22  ? 90  PHE A CB  1 
ATOM   405  C CG  . PHE A 1 51  ? -1.833  -2.570  12.140  1.00 25.08  ? 90  PHE A CG  1 
ATOM   406  C CD1 . PHE A 1 51  ? -2.876  -2.388  11.256  1.00 24.03  ? 90  PHE A CD1 1 
ATOM   407  C CD2 . PHE A 1 51  ? -2.092  -3.177  13.358  1.00 24.91  ? 90  PHE A CD2 1 
ATOM   408  C CE1 . PHE A 1 51  ? -4.163  -2.768  11.599  1.00 24.13  ? 90  PHE A CE1 1 
ATOM   409  C CE2 . PHE A 1 51  ? -3.381  -3.543  13.708  1.00 23.09  ? 90  PHE A CE2 1 
ATOM   410  C CZ  . PHE A 1 51  ? -4.412  -3.346  12.820  1.00 25.04  ? 90  PHE A CZ  1 
ATOM   411  N N   . LEU A 1 52  ? 1.847   -3.926  9.859   1.00 30.81  ? 91  LEU A N   1 
ATOM   412  C CA  . LEU A 1 52  ? 2.893   -3.845  8.808   1.00 33.80  ? 91  LEU A CA  1 
ATOM   413  C C   . LEU A 1 52  ? 2.218   -3.594  7.463   1.00 31.54  ? 91  LEU A C   1 
ATOM   414  O O   . LEU A 1 52  ? 1.100   -4.074  7.261   1.00 31.44  ? 91  LEU A O   1 
ATOM   415  C CB  . LEU A 1 52  ? 3.693   -5.153  8.784   1.00 38.41  ? 91  LEU A CB  1 
ATOM   416  C CG  . LEU A 1 52  ? 4.880   -5.261  9.741   1.00 43.70  ? 91  LEU A CG  1 
ATOM   417  C CD1 . LEU A 1 52  ? 4.544   -4.748  11.120  1.00 39.02  ? 91  LEU A CD1 1 
ATOM   418  C CD2 . LEU A 1 52  ? 5.374   -6.707  9.810   1.00 46.36  ? 91  LEU A CD2 1 
ATOM   419  N N   . LEU A 1 53  ? 2.899   -2.879  6.576   1.00 32.05  ? 92  LEU A N   1 
ATOM   420  C CA  . LEU A 1 53  ? 2.453   -2.637  5.181   1.00 29.44  ? 92  LEU A CA  1 
ATOM   421  C C   . LEU A 1 53  ? 3.578   -3.079  4.259   1.00 27.89  ? 92  LEU A C   1 
ATOM   422  O O   . LEU A 1 53  ? 4.712   -2.622  4.459   1.00 29.31  ? 92  LEU A O   1 
ATOM   423  C CB  . LEU A 1 53  ? 2.138   -1.157  4.977   1.00 31.48  ? 92  LEU A CB  1 
ATOM   424  C CG  . LEU A 1 53  ? 1.876   -0.735  3.529   1.00 31.72  ? 92  LEU A CG  1 
ATOM   425  C CD1 . LEU A 1 53  ? 0.599   -1.378  3.000   1.00 33.64  ? 92  LEU A CD1 1 
ATOM   426  C CD2 . LEU A 1 53  ? 1.831   0.782   3.401   1.00 31.93  ? 92  LEU A CD2 1 
ATOM   427  N N   . ASP A 1 54  ? 3.287   -3.937  3.295   1.00 28.55  ? 93  ASP A N   1 
ATOM   428  C CA  . ASP A 1 54  ? 4.214   -4.140  2.147   1.00 28.07  ? 93  ASP A CA  1 
ATOM   429  C C   . ASP A 1 54  ? 3.397   -4.047  0.859   1.00 30.35  ? 93  ASP A C   1 
ATOM   430  O O   . ASP A 1 54  ? 2.164   -3.790  0.927   1.00 25.04  ? 93  ASP A O   1 
ATOM   431  C CB  . ASP A 1 54  ? 5.024   -5.433  2.303   1.00 28.53  ? 93  ASP A CB  1 
ATOM   432  C CG  . ASP A 1 54  ? 4.246   -6.729  2.128   1.00 33.51  ? 93  ASP A CG  1 
ATOM   433  O OD1 . ASP A 1 54  ? 3.001   -6.709  2.178   1.00 35.99  ? 93  ASP A OD1 1 
ATOM   434  O OD2 . ASP A 1 54  ? 4.897   -7.766  1.948   1.00 38.71  ? 93  ASP A OD2 1 
ATOM   435  N N   . PHE A 1 55  ? 4.073   -4.196  -0.283  1.00 29.54  ? 94  PHE A N   1 
ATOM   436  C CA  . PHE A 1 55  ? 3.472   -4.026  -1.632  1.00 28.49  ? 94  PHE A CA  1 
ATOM   437  C C   . PHE A 1 55  ? 3.822   -5.256  -2.457  1.00 29.17  ? 94  PHE A C   1 
ATOM   438  O O   . PHE A 1 55  ? 5.003   -5.574  -2.604  1.00 31.86  ? 94  PHE A O   1 
ATOM   439  C CB  . PHE A 1 55  ? 3.986   -2.729  -2.265  1.00 30.98  ? 94  PHE A CB  1 
ATOM   440  C CG  . PHE A 1 55  ? 3.544   -1.467  -1.574  1.00 30.04  ? 94  PHE A CG  1 
ATOM   441  C CD1 . PHE A 1 55  ? 2.455   -0.739  -2.046  1.00 29.95  ? 94  PHE A CD1 1 
ATOM   442  C CD2 . PHE A 1 55  ? 4.168   -1.045  -0.414  1.00 28.83  ? 94  PHE A CD2 1 
ATOM   443  C CE1 . PHE A 1 55  ? 2.037   0.400   -1.382  1.00 29.94  ? 94  PHE A CE1 1 
ATOM   444  C CE2 . PHE A 1 55  ? 3.741   0.086   0.250   1.00 28.81  ? 94  PHE A CE2 1 
ATOM   445  C CZ  . PHE A 1 55  ? 2.690   0.816   -0.247  1.00 30.56  ? 94  PHE A CZ  1 
ATOM   446  N N   . VAL A 1 56  ? 2.810   -5.933  -2.972  1.00 30.23  ? 95  VAL A N   1 
ATOM   447  C CA  . VAL A 1 56  ? 2.991   -7.199  -3.730  1.00 31.76  ? 95  VAL A CA  1 
ATOM   448  C C   . VAL A 1 56  ? 2.937   -6.861  -5.209  1.00 30.18  ? 95  VAL A C   1 
ATOM   449  O O   . VAL A 1 56  ? 2.006   -6.160  -5.604  1.00 26.78  ? 95  VAL A O   1 
ATOM   450  C CB  . VAL A 1 56  ? 1.907   -8.211  -3.337  1.00 33.77  ? 95  VAL A CB  1 
ATOM   451  C CG1 . VAL A 1 56  ? 2.014   -9.486  -4.156  1.00 38.62  ? 95  VAL A CG1 1 
ATOM   452  C CG2 . VAL A 1 56  ? 1.996   -8.494  -1.844  1.00 35.82  ? 95  VAL A CG2 1 
ATOM   453  N N   . ALA A 1 57  ? 3.879   -7.401  -5.966  1.00 34.42  ? 96  ALA A N   1 
ATOM   454  C CA  . ALA A 1 57  ? 3.953   -7.277  -7.432  1.00 40.02  ? 96  ALA A CA  1 
ATOM   455  C C   . ALA A 1 57  ? 2.782   -8.064  -8.023  1.00 40.10  ? 96  ALA A C   1 
ATOM   456  O O   . ALA A 1 57  ? 2.614   -9.215  -7.638  1.00 35.79  ? 96  ALA A O   1 
ATOM   457  C CB  . ALA A 1 57  ? 5.298   -7.765  -7.928  1.00 39.60  ? 96  ALA A CB  1 
ATOM   458  N N   . ALA A 1 58  ? 1.980   -7.434  -8.888  1.00 39.96  ? 97  ALA A N   1 
ATOM   459  C CA  . ALA A 1 58  ? 0.686   -7.969  -9.375  1.00 38.36  ? 97  ALA A CA  1 
ATOM   460  C C   . ALA A 1 58  ? 0.876   -8.814  -10.641 1.00 38.83  ? 97  ALA A C   1 
ATOM   461  O O   . ALA A 1 58  ? -0.056  -9.577  -10.929 1.00 44.24  ? 97  ALA A O   1 
ATOM   462  C CB  . ALA A 1 58  ? -0.295  -6.841  -9.591  1.00 38.97  ? 97  ALA A CB  1 
ATOM   463  N N   . ASP A 1 59  ? 2.017   -8.729  -11.351 1.00 38.44  ? 98  ASP A N   1 
ATOM   464  C CA  . ASP A 1 59  ? 2.163   -9.274  -12.735 1.00 39.42  ? 98  ASP A CA  1 
ATOM   465  C C   . ASP A 1 59  ? 3.577   -9.784  -13.011 1.00 40.38  ? 98  ASP A C   1 
ATOM   466  O O   . ASP A 1 59  ? 4.512   -9.281  -12.378 1.00 40.49  ? 98  ASP A O   1 
ATOM   467  C CB  . ASP A 1 59  ? 1.919   -8.197  -13.791 1.00 40.04  ? 98  ASP A CB  1 
ATOM   468  C CG  . ASP A 1 59  ? 0.651   -7.424  -13.542 1.00 37.55  ? 98  ASP A CG  1 
ATOM   469  O OD1 . ASP A 1 59  ? 0.742   -6.214  -13.303 1.00 41.13  ? 98  ASP A OD1 1 
ATOM   470  O OD2 . ASP A 1 59  ? -0.394  -8.047  -13.585 1.00 43.28  ? 98  ASP A OD2 1 
ATOM   471  N N   . ASN A 1 60  ? 3.736   -10.670 -14.000 1.00 40.47  ? 99  ASN A N   1 
ATOM   472  C CA  . ASN A 1 60  ? 5.074   -11.124 -14.470 1.00 46.73  ? 99  ASN A CA  1 
ATOM   473  C C   . ASN A 1 60  ? 5.446   -10.337 -15.739 1.00 44.87  ? 99  ASN A C   1 
ATOM   474  O O   . ASN A 1 60  ? 6.079   -10.914 -16.657 1.00 41.70  ? 99  ASN A O   1 
ATOM   475  C CB  . ASN A 1 60  ? 5.125   -12.640 -14.687 1.00 54.20  ? 99  ASN A CB  1 
ATOM   476  C CG  . ASN A 1 60  ? 4.344   -13.080 -15.910 1.00 63.56  ? 99  ASN A CG  1 
ATOM   477  O OD1 . ASN A 1 60  ? 3.387   -12.417 -16.307 1.00 67.41  ? 99  ASN A OD1 1 
ATOM   478  N ND2 . ASN A 1 60  ? 4.752   -14.181 -16.526 1.00 71.32  ? 99  ASN A ND2 1 
ATOM   479  N N   . HIS A 1 61  ? 5.078   -9.057  -15.790 1.00 39.78  ? 100 HIS A N   1 
ATOM   480  C CA  . HIS A 1 61  ? 5.400   -8.139  -16.913 1.00 37.22  ? 100 HIS A CA  1 
ATOM   481  C C   . HIS A 1 61  ? 5.289   -6.704  -16.406 1.00 37.87  ? 100 HIS A C   1 
ATOM   482  O O   . HIS A 1 61  ? 4.616   -6.487  -15.368 1.00 37.61  ? 100 HIS A O   1 
ATOM   483  C CB  . HIS A 1 61  ? 4.479   -8.396  -18.112 1.00 36.59  ? 100 HIS A CB  1 
ATOM   484  C CG  . HIS A 1 61  ? 3.044   -8.067  -17.857 1.00 37.07  ? 100 HIS A CG  1 
ATOM   485  N ND1 . HIS A 1 61  ? 2.086   -9.035  -17.631 1.00 36.01  ? 100 HIS A ND1 1 
ATOM   486  C CD2 . HIS A 1 61  ? 2.396   -6.880  -17.816 1.00 37.43  ? 100 HIS A CD2 1 
ATOM   487  C CE1 . HIS A 1 61  ? 0.913   -8.465  -17.453 1.00 32.84  ? 100 HIS A CE1 1 
ATOM   488  N NE2 . HIS A 1 61  ? 1.077   -7.141  -17.568 1.00 37.83  ? 100 HIS A NE2 1 
ATOM   489  N N   . ARG A 1 62  ? 5.917   -5.758  -17.097 1.00 35.76  ? 101 ARG A N   1 
ATOM   490  C CA  . ARG A 1 62  ? 5.726   -4.333  -16.760 1.00 36.57  ? 101 ARG A CA  1 
ATOM   491  C C   . ARG A 1 62  ? 4.656   -3.754  -17.681 1.00 31.21  ? 101 ARG A C   1 
ATOM   492  O O   . ARG A 1 62  ? 4.124   -4.478  -18.527 1.00 31.00  ? 101 ARG A O   1 
ATOM   493  C CB  . ARG A 1 62  ? 7.066   -3.606  -16.791 1.00 39.96  ? 101 ARG A CB  1 
ATOM   494  C CG  . ARG A 1 62  ? 7.752   -3.598  -18.141 1.00 47.87  ? 101 ARG A CG  1 
ATOM   495  C CD  . ARG A 1 62  ? 9.138   -3.051  -17.912 1.00 54.36  ? 101 ARG A CD  1 
ATOM   496  N NE  . ARG A 1 62  ? 9.749   -2.663  -19.159 1.00 58.95  ? 101 ARG A NE  1 
ATOM   497  C CZ  . ARG A 1 62  ? 10.910  -2.032  -19.250 1.00 71.17  ? 101 ARG A CZ  1 
ATOM   498  N NH1 . ARG A 1 62  ? 11.394  -1.718  -20.441 1.00 67.99  ? 101 ARG A NH1 1 
ATOM   499  N NH2 . ARG A 1 62  ? 11.584  -1.729  -18.148 1.00 69.94  ? 101 ARG A NH2 1 
ATOM   500  N N   . TRP A 1 63  ? 4.309   -2.498  -17.448 1.00 29.32  ? 102 TRP A N   1 
ATOM   501  C CA  . TRP A 1 63  ? 3.224   -1.788  -18.165 1.00 28.79  ? 102 TRP A CA  1 
ATOM   502  C C   . TRP A 1 63  ? 3.831   -0.594  -18.882 1.00 30.89  ? 102 TRP A C   1 
ATOM   503  O O   . TRP A 1 63  ? 4.926   -0.143  -18.504 1.00 30.75  ? 102 TRP A O   1 
ATOM   504  C CB  . TRP A 1 63  ? 2.120   -1.314  -17.209 1.00 29.82  ? 102 TRP A CB  1 
ATOM   505  C CG  . TRP A 1 63  ? 1.372   -2.454  -16.617 1.00 30.49  ? 102 TRP A CG  1 
ATOM   506  C CD1 . TRP A 1 63  ? 1.701   -3.152  -15.496 1.00 29.74  ? 102 TRP A CD1 1 
ATOM   507  C CD2 . TRP A 1 63  ? 0.170   -3.051  -17.133 1.00 28.12  ? 102 TRP A CD2 1 
ATOM   508  N NE1 . TRP A 1 63  ? 0.800   -4.157  -15.289 1.00 29.11  ? 102 TRP A NE1 1 
ATOM   509  C CE2 . TRP A 1 63  ? -0.167  -4.105  -16.255 1.00 29.29  ? 102 TRP A CE2 1 
ATOM   510  C CE3 . TRP A 1 63  ? -0.656  -2.792  -18.229 1.00 28.47  ? 102 TRP A CE3 1 
ATOM   511  C CZ2 . TRP A 1 63  ? -1.276  -4.921  -16.461 1.00 27.50  ? 102 TRP A CZ2 1 
ATOM   512  C CZ3 . TRP A 1 63  ? -1.765  -3.587  -18.420 1.00 30.35  ? 102 TRP A CZ3 1 
ATOM   513  C CH2 . TRP A 1 63  ? -2.065  -4.640  -17.548 1.00 28.45  ? 102 TRP A CH2 1 
ATOM   514  N N   A LYS A 1 64  ? 3.102   -0.085  -19.879 0.25 30.52  ? 103 LYS A N   1 
ATOM   515  N N   B LYS A 1 64  ? 3.147   -0.104  -19.918 0.25 31.09  ? 103 LYS A N   1 
ATOM   516  C CA  A LYS A 1 64  ? 3.449   1.131   -20.655 0.25 30.62  ? 103 LYS A CA  1 
ATOM   517  C CA  B LYS A 1 64  ? 3.475   1.184   -20.581 0.25 31.41  ? 103 LYS A CA  1 
ATOM   518  C C   A LYS A 1 64  ? 2.144   1.859   -20.981 0.25 29.76  ? 103 LYS A C   1 
ATOM   519  C C   B LYS A 1 64  ? 2.164   1.860   -20.982 0.25 30.25  ? 103 LYS A C   1 
ATOM   520  O O   A LYS A 1 64  ? 1.135   1.160   -21.183 0.25 28.54  ? 103 LYS A O   1 
ATOM   521  O O   B LYS A 1 64  ? 1.181   1.135   -21.223 0.25 28.92  ? 103 LYS A O   1 
ATOM   522  C CB  A LYS A 1 64  ? 4.217   0.751   -21.926 0.25 30.85  ? 103 LYS A CB  1 
ATOM   523  C CB  B LYS A 1 64  ? 4.432   0.991   -21.766 0.25 32.49  ? 103 LYS A CB  1 
ATOM   524  C CG  A LYS A 1 64  ? 4.986   1.892   -22.576 0.25 32.13  ? 103 LYS A CG  1 
ATOM   525  C CG  B LYS A 1 64  ? 4.002   0.014   -22.851 0.25 33.49  ? 103 LYS A CG  1 
ATOM   526  C CD  A LYS A 1 64  ? 5.633   1.504   -23.890 0.25 33.00  ? 103 LYS A CD  1 
ATOM   527  C CD  B LYS A 1 64  ? 4.898   0.088   -24.081 0.25 35.00  ? 103 LYS A CD  1 
ATOM   528  C CE  A LYS A 1 64  ? 6.056   2.698   -24.717 0.25 32.80  ? 103 LYS A CE  1 
ATOM   529  C CE  B LYS A 1 64  ? 5.083   -1.222  -24.822 0.25 36.58  ? 103 LYS A CE  1 
ATOM   530  N NZ  A LYS A 1 64  ? 6.401   2.296   -26.100 0.25 33.79  ? 103 LYS A NZ  1 
ATOM   531  N NZ  B LYS A 1 64  ? 3.799   -1.896  -25.120 0.25 37.16  ? 103 LYS A NZ  1 
ATOM   532  N N   . TYR A 1 65  ? 2.173   3.195   -21.004 1.00 30.70  ? 104 TYR A N   1 
ATOM   533  C CA  . TYR A 1 65  ? 0.994   4.048   -21.315 1.00 31.38  ? 104 TYR A CA  1 
ATOM   534  C C   . TYR A 1 65  ? 1.152   4.401   -22.789 1.00 29.74  ? 104 TYR A C   1 
ATOM   535  O O   . TYR A 1 65  ? 2.108   5.077   -23.111 1.00 31.44  ? 104 TYR A O   1 
ATOM   536  C CB  . TYR A 1 65  ? 0.955   5.284   -20.406 1.00 32.86  ? 104 TYR A CB  1 
ATOM   537  C CG  . TYR A 1 65  ? -0.384  5.971   -20.354 1.00 32.30  ? 104 TYR A CG  1 
ATOM   538  C CD1 . TYR A 1 65  ? -1.490  5.296   -19.882 1.00 32.04  ? 104 TYR A CD1 1 
ATOM   539  C CD2 . TYR A 1 65  ? -0.558  7.287   -20.783 1.00 33.93  ? 104 TYR A CD2 1 
ATOM   540  C CE1 . TYR A 1 65  ? -2.739  5.881   -19.846 1.00 33.02  ? 104 TYR A CE1 1 
ATOM   541  C CE2 . TYR A 1 65  ? -1.796  7.910   -20.698 1.00 31.46  ? 104 TYR A CE2 1 
ATOM   542  C CZ  . TYR A 1 65  ? -2.893  7.200   -20.247 1.00 33.72  ? 104 TYR A CZ  1 
ATOM   543  O OH  . TYR A 1 65  ? -4.154  7.721   -20.193 1.00 35.81  ? 104 TYR A OH  1 
ATOM   544  N N   . VAL A 1 66  ? 0.336   3.805   -23.648 1.00 29.83  ? 105 VAL A N   1 
ATOM   545  C CA  . VAL A 1 66  ? 0.452   3.937   -25.121 1.00 32.27  ? 105 VAL A CA  1 
ATOM   546  C C   . VAL A 1 66  ? -0.915  4.366   -25.626 1.00 31.07  ? 105 VAL A C   1 
ATOM   547  O O   . VAL A 1 66  ? -1.904  3.695   -25.291 1.00 30.36  ? 105 VAL A O   1 
ATOM   548  C CB  . VAL A 1 66  ? 0.916   2.636   -25.799 1.00 33.45  ? 105 VAL A CB  1 
ATOM   549  C CG1 . VAL A 1 66  ? 1.004   2.828   -27.313 1.00 35.60  ? 105 VAL A CG1 1 
ATOM   550  C CG2 . VAL A 1 66  ? 2.252   2.145   -25.256 1.00 34.91  ? 105 VAL A CG2 1 
ATOM   551  N N   . ASN A 1 67  ? -0.961  5.469   -26.362 1.00 33.16  ? 106 ASN A N   1 
ATOM   552  C CA  . ASN A 1 67  ? -2.212  5.975   -26.974 1.00 32.39  ? 106 ASN A CA  1 
ATOM   553  C C   . ASN A 1 67  ? -3.290  6.059   -25.900 1.00 31.43  ? 106 ASN A C   1 
ATOM   554  O O   . ASN A 1 67  ? -4.425  5.688   -26.186 1.00 32.92  ? 106 ASN A O   1 
ATOM   555  C CB  . ASN A 1 67  ? -2.620  5.092   -28.151 1.00 32.77  ? 106 ASN A CB  1 
ATOM   556  C CG  . ASN A 1 67  ? -1.578  5.120   -29.243 1.00 33.88  ? 106 ASN A CG  1 
ATOM   557  O OD1 . ASN A 1 67  ? -0.876  6.128   -29.402 1.00 32.75  ? 106 ASN A OD1 1 
ATOM   558  N ND2 . ASN A 1 67  ? -1.453  4.013   -29.966 1.00 31.90  ? 106 ASN A ND2 1 
ATOM   559  N N   . GLY A 1 68  ? -2.934  6.547   -24.706 1.00 36.02  ? 107 GLY A N   1 
ATOM   560  C CA  . GLY A 1 68  ? -3.899  6.834   -23.628 1.00 36.86  ? 107 GLY A CA  1 
ATOM   561  C C   . GLY A 1 68  ? -4.439  5.571   -22.979 1.00 39.41  ? 107 GLY A C   1 
ATOM   562  O O   . GLY A 1 68  ? -5.473  5.660   -22.303 1.00 38.53  ? 107 GLY A O   1 
ATOM   563  N N   . GLU A 1 69  ? -3.757  4.440   -23.169 1.00 39.57  ? 108 GLU A N   1 
ATOM   564  C CA  . GLU A 1 69  ? -4.170  3.078   -22.707 1.00 41.36  ? 108 GLU A CA  1 
ATOM   565  C C   . GLU A 1 69  ? -2.962  2.480   -21.966 1.00 37.87  ? 108 GLU A C   1 
ATOM   566  O O   . GLU A 1 69  ? -1.818  2.625   -22.458 1.00 29.73  ? 108 GLU A O   1 
ATOM   567  C CB  . GLU A 1 69  ? -4.585  2.284   -23.953 1.00 46.86  ? 108 GLU A CB  1 
ATOM   568  C CG  . GLU A 1 69  ? -5.496  1.090   -23.741 1.00 56.71  ? 108 GLU A CG  1 
ATOM   569  C CD  . GLU A 1 69  ? -5.661  0.158   -24.953 1.00 62.43  ? 108 GLU A CD  1 
ATOM   570  O OE1 . GLU A 1 69  ? -4.971  0.360   -25.992 1.00 53.40  ? 108 GLU A OE1 1 
ATOM   571  O OE2 . GLU A 1 69  ? -6.472  -0.794  -24.864 1.00 64.32  ? 108 GLU A OE2 1 
ATOM   572  N N   . TRP A 1 70  ? -3.140  1.884   -20.789 1.00 36.62  ? 109 TRP A N   1 
ATOM   573  C CA  . TRP A 1 70  ? -2.025  1.106   -20.187 1.00 34.70  ? 109 TRP A CA  1 
ATOM   574  C C   . TRP A 1 70  ? -1.972  -0.279  -20.840 1.00 31.85  ? 109 TRP A C   1 
ATOM   575  O O   . TRP A 1 70  ? -3.017  -0.944  -20.882 1.00 31.94  ? 109 TRP A O   1 
ATOM   576  C CB  . TRP A 1 70  ? -2.171  0.952   -18.677 1.00 34.94  ? 109 TRP A CB  1 
ATOM   577  C CG  . TRP A 1 70  ? -1.757  2.155   -17.898 1.00 33.16  ? 109 TRP A CG  1 
ATOM   578  C CD1 . TRP A 1 70  ? -2.595  3.094   -17.388 1.00 31.46  ? 109 TRP A CD1 1 
ATOM   579  C CD2 . TRP A 1 70  ? -0.424  2.549   -17.541 1.00 31.08  ? 109 TRP A CD2 1 
ATOM   580  N NE1 . TRP A 1 70  ? -1.863  4.051   -16.753 1.00 32.57  ? 109 TRP A NE1 1 
ATOM   581  C CE2 . TRP A 1 70  ? -0.542  3.732   -16.795 1.00 32.96  ? 109 TRP A CE2 1 
ATOM   582  C CE3 . TRP A 1 70  ? 0.851   2.029   -17.769 1.00 32.84  ? 109 TRP A CE3 1 
ATOM   583  C CZ2 . TRP A 1 70  ? 0.561   4.399   -16.276 1.00 33.61  ? 109 TRP A CZ2 1 
ATOM   584  C CZ3 . TRP A 1 70  ? 1.942   2.667   -17.236 1.00 36.31  ? 109 TRP A CZ3 1 
ATOM   585  C CH2 . TRP A 1 70  ? 1.799   3.853   -16.513 1.00 35.18  ? 109 TRP A CH2 1 
ATOM   586  N N   . VAL A 1 71  ? -0.814  -0.717  -21.312 1.00 31.98  ? 110 VAL A N   1 
ATOM   587  C CA  . VAL A 1 71  ? -0.693  -2.068  -21.952 1.00 33.22  ? 110 VAL A CA  1 
ATOM   588  C C   . VAL A 1 71  ? 0.544   -2.771  -21.423 1.00 32.98  ? 110 VAL A C   1 
ATOM   589  O O   . VAL A 1 71  ? 1.501   -2.137  -20.979 1.00 32.42  ? 110 VAL A O   1 
ATOM   590  C CB  . VAL A 1 71  ? -0.657  -1.967  -23.486 1.00 36.06  ? 110 VAL A CB  1 
ATOM   591  C CG1 . VAL A 1 71  ? -1.973  -1.434  -24.038 1.00 37.51  ? 110 VAL A CG1 1 
ATOM   592  C CG2 . VAL A 1 71  ? 0.499   -1.110  -23.967 1.00 33.38  ? 110 VAL A CG2 1 
ATOM   593  N N   . PRO A 1 72  ? 0.578   -4.116  -21.453 1.00 34.38  ? 111 PRO A N   1 
ATOM   594  C CA  . PRO A 1 72  ? 1.805   -4.836  -21.121 1.00 37.65  ? 111 PRO A CA  1 
ATOM   595  C C   . PRO A 1 72  ? 2.993   -4.211  -21.863 1.00 33.39  ? 111 PRO A C   1 
ATOM   596  O O   . PRO A 1 72  ? 2.854   -3.901  -23.026 1.00 32.56  ? 111 PRO A O   1 
ATOM   597  C CB  . PRO A 1 72  ? 1.474   -6.261  -21.560 1.00 37.99  ? 111 PRO A CB  1 
ATOM   598  C CG  . PRO A 1 72  ? -0.015  -6.354  -21.322 1.00 37.83  ? 111 PRO A CG  1 
ATOM   599  C CD  . PRO A 1 72  ? -0.541  -5.008  -21.778 1.00 38.91  ? 111 PRO A CD  1 
ATOM   600  N N   . GLY A 1 73  ? 4.109   -4.005  -21.159 1.00 33.82  ? 112 GLY A N   1 
ATOM   601  C CA  . GLY A 1 73  ? 5.183   -3.085  -21.579 1.00 36.10  ? 112 GLY A CA  1 
ATOM   602  C C   . GLY A 1 73  ? 6.569   -3.698  -21.587 1.00 36.70  ? 112 GLY A C   1 
ATOM   603  O O   . GLY A 1 73  ? 7.548   -2.941  -21.768 1.00 40.34  ? 112 GLY A O   1 
ATOM   604  N N   . GLY A 1 74  ? 6.663   -5.019  -21.482 1.00 37.68  ? 113 GLY A N   1 
ATOM   605  C CA  . GLY A 1 74  ? 7.962   -5.698  -21.429 1.00 38.81  ? 113 GLY A CA  1 
ATOM   606  C C   . GLY A 1 74  ? 8.010   -6.699  -20.306 1.00 39.96  ? 113 GLY A C   1 
ATOM   607  O O   . GLY A 1 74  ? 7.030   -6.825  -19.516 1.00 33.24  ? 113 GLY A O   1 
ATOM   608  N N   . LYS A 1 75  ? 9.139   -7.377  -20.212 1.00 45.00  ? 114 LYS A N   1 
ATOM   609  C CA  . LYS A 1 75  ? 9.401   -8.330  -19.115 1.00 45.16  ? 114 LYS A CA  1 
ATOM   610  C C   . LYS A 1 75  ? 9.659   -7.511  -17.864 1.00 46.42  ? 114 LYS A C   1 
ATOM   611  O O   . LYS A 1 75  ? 10.132  -6.377  -17.939 1.00 48.45  ? 114 LYS A O   1 
ATOM   612  C CB  . LYS A 1 75  ? 10.549  -9.269  -19.493 1.00 51.35  ? 114 LYS A CB  1 
ATOM   613  C CG  . LYS A 1 75  ? 10.095  -10.579 -20.131 1.00 50.81  ? 114 LYS A CG  1 
ATOM   614  C CD  . LYS A 1 75  ? 10.955  -11.056 -21.277 1.00 51.88  ? 114 LYS A CD  1 
ATOM   615  C CE  . LYS A 1 75  ? 11.159  -12.555 -21.305 1.00 48.46  ? 114 LYS A CE  1 
ATOM   616  N NZ  . LYS A 1 75  ? 9.976   -13.315 -20.833 1.00 51.22  ? 114 LYS A NZ  1 
ATOM   617  N N   . PRO A 1 76  ? 9.360   -8.080  -16.684 1.00 46.02  ? 115 PRO A N   1 
ATOM   618  C CA  . PRO A 1 76  ? 9.584   -7.388  -15.417 1.00 46.29  ? 115 PRO A CA  1 
ATOM   619  C C   . PRO A 1 76  ? 11.078  -7.184  -15.136 1.00 47.56  ? 115 PRO A C   1 
ATOM   620  O O   . PRO A 1 76  ? 11.912  -7.901  -15.667 1.00 47.66  ? 115 PRO A O   1 
ATOM   621  C CB  . PRO A 1 76  ? 8.984   -8.344  -14.385 1.00 45.54  ? 115 PRO A CB  1 
ATOM   622  C CG  . PRO A 1 76  ? 9.148   -9.708  -15.021 1.00 48.23  ? 115 PRO A CG  1 
ATOM   623  C CD  . PRO A 1 76  ? 8.914   -9.468  -16.499 1.00 46.68  ? 115 PRO A CD  1 
ATOM   624  N N   . GLU A 1 77  ? 11.385  -6.173  -14.332 1.00 46.80  ? 116 GLU A N   1 
ATOM   625  C CA  . GLU A 1 77  ? 12.680  -6.073  -13.627 1.00 52.79  ? 116 GLU A CA  1 
ATOM   626  C C   . GLU A 1 77  ? 12.695  -7.140  -12.532 1.00 49.68  ? 116 GLU A C   1 
ATOM   627  O O   . GLU A 1 77  ? 11.646  -7.651  -12.131 1.00 45.40  ? 116 GLU A O   1 
ATOM   628  C CB  . GLU A 1 77  ? 12.884  -4.635  -13.146 1.00 57.55  ? 116 GLU A CB  1 
ATOM   629  C CG  . GLU A 1 77  ? 13.259  -3.701  -14.285 1.00 59.71  ? 116 GLU A CG  1 
ATOM   630  C CD  . GLU A 1 77  ? 12.680  -2.304  -14.240 1.00 63.41  ? 116 GLU A CD  1 
ATOM   631  O OE1 . GLU A 1 77  ? 12.967  -1.563  -13.272 1.00 62.22  ? 116 GLU A OE1 1 
ATOM   632  O OE2 . GLU A 1 77  ? 11.955  -1.957  -15.190 1.00 73.57  ? 116 GLU A OE2 1 
ATOM   633  N N   . PRO A 1 78  ? 13.893  -7.560  -12.067 1.00 49.23  ? 117 PRO A N   1 
ATOM   634  C CA  . PRO A 1 78  ? 14.003  -8.414  -10.884 1.00 50.25  ? 117 PRO A CA  1 
ATOM   635  C C   . PRO A 1 78  ? 13.151  -7.839  -9.742  1.00 51.05  ? 117 PRO A C   1 
ATOM   636  O O   . PRO A 1 78  ? 13.102  -6.618  -9.637  1.00 49.22  ? 117 PRO A O   1 
ATOM   637  C CB  . PRO A 1 78  ? 15.499  -8.344  -10.532 1.00 49.25  ? 117 PRO A CB  1 
ATOM   638  C CG  . PRO A 1 78  ? 16.179  -8.081  -11.871 1.00 50.29  ? 117 PRO A CG  1 
ATOM   639  C CD  . PRO A 1 78  ? 15.200  -7.226  -12.656 1.00 49.43  ? 117 PRO A CD  1 
ATOM   640  N N   . GLN A 1 79  ? 12.501  -8.698  -8.951  1.00 54.48  ? 118 GLN A N   1 
ATOM   641  C CA  . GLN A 1 79  ? 11.643  -8.284  -7.803  1.00 60.90  ? 118 GLN A CA  1 
ATOM   642  C C   . GLN A 1 79  ? 12.394  -7.240  -6.965  1.00 60.67  ? 118 GLN A C   1 
ATOM   643  O O   . GLN A 1 79  ? 13.566  -7.495  -6.631  1.00 59.18  ? 118 GLN A O   1 
ATOM   644  C CB  . GLN A 1 79  ? 11.243  -9.487  -6.943  1.00 65.10  ? 118 GLN A CB  1 
ATOM   645  C CG  . GLN A 1 79  ? 10.206  -10.402 -7.592  1.00 77.40  ? 118 GLN A CG  1 
ATOM   646  C CD  . GLN A 1 79  ? 8.803   -9.828  -7.623  1.00 83.60  ? 118 GLN A CD  1 
ATOM   647  O OE1 . GLN A 1 79  ? 8.428   -8.993  -6.802  1.00 87.48  ? 118 GLN A OE1 1 
ATOM   648  N NE2 . GLN A 1 79  ? 8.001   -10.282 -8.574  1.00 82.23  ? 118 GLN A NE2 1 
ATOM   649  N N   . ALA A 1 80  ? 11.738  -6.104  -6.663  1.00 64.54  ? 119 ALA A N   1 
ATOM   650  C CA  . ALA A 1 80  ? 12.153  -5.072  -5.674  1.00 65.68  ? 119 ALA A CA  1 
ATOM   651  C C   . ALA A 1 80  ? 12.456  -5.727  -4.323  1.00 71.49  ? 119 ALA A C   1 
ATOM   652  O O   . ALA A 1 80  ? 11.805  -6.708  -3.955  1.00 70.59  ? 119 ALA A O   1 
ATOM   653  C CB  . ALA A 1 80  ? 11.063  -4.029  -5.542  1.00 60.18  ? 119 ALA A CB  1 
ATOM   654  N N   . PRO A 1 81  ? 13.439  -5.234  -3.526  1.00 72.61  ? 120 PRO A N   1 
ATOM   655  C CA  . PRO A 1 81  ? 13.711  -5.820  -2.209  1.00 78.40  ? 120 PRO A CA  1 
ATOM   656  C C   . PRO A 1 81  ? 12.442  -5.777  -1.344  1.00 79.61  ? 120 PRO A C   1 
ATOM   657  O O   . PRO A 1 81  ? 11.799  -4.728  -1.306  1.00 85.04  ? 120 PRO A O   1 
ATOM   658  C CB  . PRO A 1 81  ? 14.837  -4.958  -1.613  1.00 76.17  ? 120 PRO A CB  1 
ATOM   659  C CG  . PRO A 1 81  ? 14.828  -3.683  -2.445  1.00 75.52  ? 120 PRO A CG  1 
ATOM   660  C CD  . PRO A 1 81  ? 14.306  -4.081  -3.813  1.00 73.31  ? 120 PRO A CD  1 
ATOM   661  N N   . SER A 1 82  ? 12.079  -6.909  -0.729  1.00 78.30  ? 121 SER A N   1 
ATOM   662  C CA  . SER A 1 82  ? 10.834  -7.071  0.072   1.00 77.75  ? 121 SER A CA  1 
ATOM   663  C C   . SER A 1 82  ? 10.874  -6.110  1.267   1.00 66.33  ? 121 SER A C   1 
ATOM   664  O O   . SER A 1 82  ? 11.286  -6.534  2.366   1.00 69.55  ? 121 SER A O   1 
ATOM   665  C CB  . SER A 1 82  ? 10.632  -8.504  0.498   1.00 79.48  ? 121 SER A CB  1 
ATOM   666  O OG  . SER A 1 82  ? 10.014  -9.246  -0.545  1.00 88.38  ? 121 SER A OG  1 
ATOM   667  N N   . CYS A 1 83  ? 10.506  -4.850  1.030   1.00 56.30  ? 122 CYS A N   1 
ATOM   668  C CA  . CYS A 1 83  ? 10.521  -3.768  2.043   1.00 48.70  ? 122 CYS A CA  1 
ATOM   669  C C   . CYS A 1 83  ? 9.228   -3.865  2.854   1.00 46.39  ? 122 CYS A C   1 
ATOM   670  O O   . CYS A 1 83  ? 8.158   -4.048  2.238   1.00 39.43  ? 122 CYS A O   1 
ATOM   671  C CB  . CYS A 1 83  ? 10.619  -2.387  1.410   1.00 51.96  ? 122 CYS A CB  1 
ATOM   672  S SG  . CYS A 1 83  ? 12.192  -2.067  0.572   1.00 53.11  ? 122 CYS A SG  1 
ATOM   673  N N   . VAL A 1 84  ? 9.327   -3.748  4.178   1.00 38.06  ? 123 VAL A N   1 
ATOM   674  C CA  . VAL A 1 84  ? 8.139   -3.700  5.069   1.00 39.86  ? 123 VAL A CA  1 
ATOM   675  C C   . VAL A 1 84  ? 8.168   -2.388  5.843   1.00 37.30  ? 123 VAL A C   1 
ATOM   676  O O   . VAL A 1 84  ? 9.239   -1.971  6.320   1.00 44.00  ? 123 VAL A O   1 
ATOM   677  C CB  . VAL A 1 84  ? 8.033   -4.918  5.998   1.00 40.77  ? 123 VAL A CB  1 
ATOM   678  C CG1 . VAL A 1 84  ? 6.705   -4.915  6.725   1.00 43.58  ? 123 VAL A CG1 1 
ATOM   679  C CG2 . VAL A 1 84  ? 8.213   -6.232  5.243   1.00 42.32  ? 123 VAL A CG2 1 
ATOM   680  N N   . TYR A 1 85  ? 7.020   -1.736  5.891   1.00 34.10  ? 124 TYR A N   1 
ATOM   681  C CA  . TYR A 1 85  ? 6.805   -0.485  6.630   1.00 32.89  ? 124 TYR A CA  1 
ATOM   682  C C   . TYR A 1 85  ? 6.032   -0.846  7.890   1.00 33.91  ? 124 TYR A C   1 
ATOM   683  O O   . TYR A 1 85  ? 5.013   -1.568  7.807   1.00 30.17  ? 124 TYR A O   1 
ATOM   684  C CB  . TYR A 1 85  ? 6.045   0.522   5.775   1.00 30.70  ? 124 TYR A CB  1 
ATOM   685  C CG  . TYR A 1 85  ? 5.670   1.781   6.505   1.00 29.81  ? 124 TYR A CG  1 
ATOM   686  C CD1 . TYR A 1 85  ? 6.577   2.820   6.626   1.00 33.62  ? 124 TYR A CD1 1 
ATOM   687  C CD2 . TYR A 1 85  ? 4.431   1.937   7.095   1.00 27.71  ? 124 TYR A CD2 1 
ATOM   688  C CE1 . TYR A 1 85  ? 6.247   3.998   7.272   1.00 32.93  ? 124 TYR A CE1 1 
ATOM   689  C CE2 . TYR A 1 85  ? 4.090   3.101   7.759   1.00 31.48  ? 124 TYR A CE2 1 
ATOM   690  C CZ  . TYR A 1 85  ? 5.001   4.139   7.853   1.00 34.63  ? 124 TYR A CZ  1 
ATOM   691  O OH  . TYR A 1 85  ? 4.702   5.289   8.528   1.00 34.00  ? 124 TYR A OH  1 
ATOM   692  N N   . ILE A 1 86  ? 6.544   -0.396  9.030   1.00 33.95  ? 125 ILE A N   1 
ATOM   693  C CA  . ILE A 1 86  ? 5.946   -0.650  10.366  1.00 32.62  ? 125 ILE A CA  1 
ATOM   694  C C   . ILE A 1 86  ? 5.108   0.569   10.704  1.00 29.97  ? 125 ILE A C   1 
ATOM   695  O O   . ILE A 1 86  ? 5.671   1.649   10.789  1.00 28.35  ? 125 ILE A O   1 
ATOM   696  C CB  . ILE A 1 86  ? 7.044   -0.904  11.416  1.00 35.13  ? 125 ILE A CB  1 
ATOM   697  C CG1 . ILE A 1 86  ? 7.923   -2.103  11.047  1.00 40.25  ? 125 ILE A CG1 1 
ATOM   698  C CG2 . ILE A 1 86  ? 6.442   -1.089  12.806  1.00 38.16  ? 125 ILE A CG2 1 
ATOM   699  C CD1 . ILE A 1 86  ? 9.247   -2.121  11.789  1.00 43.13  ? 125 ILE A CD1 1 
ATOM   700  N N   . HIS A 1 87  ? 3.803   0.417   10.909  1.00 27.97  ? 126 HIS A N   1 
ATOM   701  C CA  . HIS A 1 87  ? 2.961   1.571   11.292  1.00 29.13  ? 126 HIS A CA  1 
ATOM   702  C C   . HIS A 1 87  ? 3.572   2.197   12.539  1.00 29.03  ? 126 HIS A C   1 
ATOM   703  O O   . HIS A 1 87  ? 3.941   1.473   13.453  1.00 28.04  ? 126 HIS A O   1 
ATOM   704  C CB  . HIS A 1 87  ? 1.495   1.179   11.489  1.00 27.40  ? 126 HIS A CB  1 
ATOM   705  C CG  . HIS A 1 87  ? 0.638   2.385   11.616  1.00 27.95  ? 126 HIS A CG  1 
ATOM   706  N ND1 . HIS A 1 87  ? 0.516   3.071   12.818  1.00 28.23  ? 126 HIS A ND1 1 
ATOM   707  C CD2 . HIS A 1 87  ? -0.128  3.030   10.705  1.00 27.18  ? 126 HIS A CD2 1 
ATOM   708  C CE1 . HIS A 1 87  ? -0.325  4.078   12.638  1.00 30.74  ? 126 HIS A CE1 1 
ATOM   709  N NE2 . HIS A 1 87  ? -0.717  4.084   11.343  1.00 29.32  ? 126 HIS A NE2 1 
ATOM   710  N N   . PRO A 1 88  ? 3.801   3.527   12.585  1.00 32.50  ? 127 PRO A N   1 
ATOM   711  C CA  . PRO A 1 88  ? 4.454   4.149   13.744  1.00 33.89  ? 127 PRO A CA  1 
ATOM   712  C C   . PRO A 1 88  ? 3.764   3.983   15.115  1.00 32.44  ? 127 PRO A C   1 
ATOM   713  O O   . PRO A 1 88  ? 4.407   4.205   16.110  1.00 31.89  ? 127 PRO A O   1 
ATOM   714  C CB  . PRO A 1 88  ? 4.498   5.651   13.405  1.00 38.48  ? 127 PRO A CB  1 
ATOM   715  C CG  . PRO A 1 88  ? 3.584   5.820   12.194  1.00 35.83  ? 127 PRO A CG  1 
ATOM   716  C CD  . PRO A 1 88  ? 3.554   4.478   11.492  1.00 33.90  ? 127 PRO A CD  1 
ATOM   717  N N   . ASP A 1 89  ? 2.494   3.588   15.168  1.00 29.00  ? 128 ASP A N   1 
ATOM   718  C CA  . ASP A 1 89  ? 1.789   3.353   16.458  1.00 29.74  ? 128 ASP A CA  1 
ATOM   719  C C   . ASP A 1 89  ? 2.187   1.982   17.022  1.00 30.80  ? 128 ASP A C   1 
ATOM   720  O O   . ASP A 1 89  ? 1.811   1.688   18.154  1.00 33.28  ? 128 ASP A O   1 
ATOM   721  C CB  . ASP A 1 89  ? 0.272   3.462   16.309  1.00 30.72  ? 128 ASP A CB  1 
ATOM   722  C CG  . ASP A 1 89  ? -0.274  4.833   15.943  1.00 32.01  ? 128 ASP A CG  1 
ATOM   723  O OD1 . ASP A 1 89  ? 0.530   5.751   15.728  1.00 32.98  ? 128 ASP A OD1 1 
ATOM   724  O OD2 . ASP A 1 89  ? -1.525  4.972   15.877  1.00 32.46  ? 128 ASP A OD2 1 
ATOM   725  N N   . SER A 1 90  ? 2.899   1.150   16.264  1.00 28.30  ? 129 SER A N   1 
ATOM   726  C CA  . SER A 1 90  ? 3.261   -0.229  16.672  1.00 30.25  ? 129 SER A CA  1 
ATOM   727  C C   . SER A 1 90  ? 4.279   -0.173  17.811  1.00 31.03  ? 129 SER A C   1 
ATOM   728  O O   . SER A 1 90  ? 5.108   0.720   17.847  1.00 30.02  ? 129 SER A O   1 
ATOM   729  C CB  . SER A 1 90  ? 3.826   -1.002  15.508  1.00 29.67  ? 129 SER A CB  1 
ATOM   730  O OG  . SER A 1 90  ? 2.885   -1.095  14.454  1.00 25.97  ? 129 SER A OG  1 
ATOM   731  N N   . PRO A 1 91  ? 4.290   -1.084  18.803  1.00 31.38  ? 130 PRO A N   1 
ATOM   732  C CA  . PRO A 1 91  ? 3.209   -2.020  19.067  1.00 30.96  ? 130 PRO A CA  1 
ATOM   733  C C   . PRO A 1 91  ? 2.118   -1.292  19.854  1.00 29.59  ? 130 PRO A C   1 
ATOM   734  O O   . PRO A 1 91  ? 2.431   -0.337  20.528  1.00 31.20  ? 130 PRO A O   1 
ATOM   735  C CB  . PRO A 1 91  ? 3.856   -3.071  19.974  1.00 31.00  ? 130 PRO A CB  1 
ATOM   736  C CG  . PRO A 1 91  ? 4.910   -2.276  20.748  1.00 32.73  ? 130 PRO A CG  1 
ATOM   737  C CD  . PRO A 1 91  ? 5.397   -1.207  19.778  1.00 31.68  ? 130 PRO A CD  1 
ATOM   738  N N   . ASN A 1 92  ? 0.886   -1.790  19.820  1.00 30.15  ? 131 ASN A N   1 
ATOM   739  C CA  . ASN A 1 92  ? -0.224  -1.145  20.554  1.00 27.93  ? 131 ASN A CA  1 
ATOM   740  C C   . ASN A 1 92  ? -1.368  -2.132  20.777  1.00 28.28  ? 131 ASN A C   1 
ATOM   741  O O   . ASN A 1 92  ? -1.435  -3.180  20.133  1.00 25.73  ? 131 ASN A O   1 
ATOM   742  C CB  . ASN A 1 92  ? -0.695  0.089   19.791  1.00 28.97  ? 131 ASN A CB  1 
ATOM   743  C CG  . ASN A 1 92  ? -0.864  1.289   20.678  1.00 32.88  ? 131 ASN A CG  1 
ATOM   744  O OD1 . ASN A 1 92  ? -1.454  1.194   21.749  1.00 33.12  ? 131 ASN A OD1 1 
ATOM   745  N ND2 . ASN A 1 92  ? -0.383  2.429   20.209  1.00 31.78  ? 131 ASN A ND2 1 
ATOM   746  N N   . PHE A 1 93  ? -2.250  -1.759  21.682  1.00 30.07  ? 132 PHE A N   1 
ATOM   747  C CA  . PHE A 1 93  ? -3.397  -2.570  22.112  1.00 30.06  ? 132 PHE A CA  1 
ATOM   748  C C   . PHE A 1 93  ? -4.352  -2.793  20.938  1.00 32.47  ? 132 PHE A C   1 
ATOM   749  O O   . PHE A 1 93  ? -4.491  -1.887  20.105  1.00 26.95  ? 132 PHE A O   1 
ATOM   750  C CB  . PHE A 1 93  ? -4.074  -1.834  23.254  1.00 31.43  ? 132 PHE A CB  1 
ATOM   751  C CG  . PHE A 1 93  ? -3.290  -1.893  24.536  1.00 30.61  ? 132 PHE A CG  1 
ATOM   752  C CD1 . PHE A 1 93  ? -3.162  -3.087  25.222  1.00 34.83  ? 132 PHE A CD1 1 
ATOM   753  C CD2 . PHE A 1 93  ? -2.644  -0.771  25.026  1.00 34.58  ? 132 PHE A CD2 1 
ATOM   754  C CE1 . PHE A 1 93  ? -2.448  -3.144  26.413  1.00 35.45  ? 132 PHE A CE1 1 
ATOM   755  C CE2 . PHE A 1 93  ? -1.939  -0.828  26.215  1.00 35.38  ? 132 PHE A CE2 1 
ATOM   756  C CZ  . PHE A 1 93  ? -1.851  -2.011  26.906  1.00 33.92  ? 132 PHE A CZ  1 
ATOM   757  N N   . GLY A 1 94  ? -5.065  -3.924  20.925  1.00 29.64  ? 133 GLY A N   1 
ATOM   758  C CA  . GLY A 1 94  ? -6.186  -4.080  19.984  1.00 29.30  ? 133 GLY A CA  1 
ATOM   759  C C   . GLY A 1 94  ? -7.092  -2.865  20.057  1.00 27.41  ? 133 GLY A C   1 
ATOM   760  O O   . GLY A 1 94  ? -7.564  -2.386  18.996  1.00 25.50  ? 133 GLY A O   1 
ATOM   761  N N   . ALA A 1 95  ? -7.341  -2.369  21.276  1.00 26.81  ? 134 ALA A N   1 
ATOM   762  C CA  . ALA A 1 95  ? -8.317  -1.282  21.518  1.00 27.25  ? 134 ALA A CA  1 
ATOM   763  C C   . ALA A 1 95  ? -7.867  -0.031  20.762  1.00 27.52  ? 134 ALA A C   1 
ATOM   764  O O   . ALA A 1 95  ? -8.736  0.695   20.240  1.00 27.37  ? 134 ALA A O   1 
ATOM   765  C CB  . ALA A 1 95  ? -8.475  -0.989  22.997  1.00 28.05  ? 134 ALA A CB  1 
ATOM   766  N N   . HIS A 1 96  ? -6.553  0.211   20.720  1.00 31.24  ? 135 HIS A N   1 
ATOM   767  C CA  . HIS A 1 96  ? -5.973  1.374   20.016  1.00 31.42  ? 135 HIS A CA  1 
ATOM   768  C C   . HIS A 1 96  ? -6.302  1.251   18.525  1.00 32.09  ? 135 HIS A C   1 
ATOM   769  O O   . HIS A 1 96  ? -6.758  2.234   17.925  1.00 33.04  ? 135 HIS A O   1 
ATOM   770  C CB  . HIS A 1 96  ? -4.475  1.487   20.267  1.00 31.10  ? 135 HIS A CB  1 
ATOM   771  C CG  . HIS A 1 96  ? -3.860  2.530   19.398  1.00 32.69  ? 135 HIS A CG  1 
ATOM   772  N ND1 . HIS A 1 96  ? -3.737  3.846   19.809  1.00 33.09  ? 135 HIS A ND1 1 
ATOM   773  C CD2 . HIS A 1 96  ? -3.413  2.475   18.119  1.00 27.44  ? 135 HIS A CD2 1 
ATOM   774  C CE1 . HIS A 1 96  ? -3.192  4.543   18.832  1.00 31.61  ? 135 HIS A CE1 1 
ATOM   775  N NE2 . HIS A 1 96  ? -2.984  3.724   17.791  1.00 32.17  ? 135 HIS A NE2 1 
ATOM   776  N N   . TRP A 1 97  ? -6.053  0.079   17.947  1.00 27.00  ? 136 TRP A N   1 
ATOM   777  C CA  . TRP A 1 97  ? -6.178  -0.115  16.487  1.00 26.61  ? 136 TRP A CA  1 
ATOM   778  C C   . TRP A 1 97  ? -7.650  -0.048  16.081  1.00 26.12  ? 136 TRP A C   1 
ATOM   779  O O   . TRP A 1 97  ? -7.917  0.329   14.934  1.00 27.44  ? 136 TRP A O   1 
ATOM   780  C CB  . TRP A 1 97  ? -5.536  -1.436  16.066  1.00 24.21  ? 136 TRP A CB  1 
ATOM   781  C CG  . TRP A 1 97  ? -4.077  -1.571  16.367  1.00 24.26  ? 136 TRP A CG  1 
ATOM   782  C CD1 . TRP A 1 97  ? -3.518  -2.465  17.236  1.00 24.94  ? 136 TRP A CD1 1 
ATOM   783  C CD2 . TRP A 1 97  ? -2.978  -0.837  15.783  1.00 26.20  ? 136 TRP A CD2 1 
ATOM   784  N NE1 . TRP A 1 97  ? -2.159  -2.328  17.238  1.00 26.01  ? 136 TRP A NE1 1 
ATOM   785  C CE2 . TRP A 1 97  ? -1.794  -1.345  16.351  1.00 24.77  ? 136 TRP A CE2 1 
ATOM   786  C CE3 . TRP A 1 97  ? -2.873  0.201   14.854  1.00 26.99  ? 136 TRP A CE3 1 
ATOM   787  C CZ2 . TRP A 1 97  ? -0.532  -0.848  16.030  1.00 25.42  ? 136 TRP A CZ2 1 
ATOM   788  C CZ3 . TRP A 1 97  ? -1.626  0.690   14.528  1.00 27.10  ? 136 TRP A CZ3 1 
ATOM   789  C CH2 . TRP A 1 97  ? -0.466  0.143   15.077  1.00 27.63  ? 136 TRP A CH2 1 
ATOM   790  N N   . MET A 1 98  ? -8.576  -0.434  16.959  1.00 24.25  ? 137 MET A N   1 
ATOM   791  C CA  . MET A 1 98  ? -10.009 -0.534  16.587  1.00 24.74  ? 137 MET A CA  1 
ATOM   792  C C   . MET A 1 98  ? -10.766 0.771   16.891  1.00 27.72  ? 137 MET A C   1 
ATOM   793  O O   . MET A 1 98  ? -11.857 0.917   16.374  1.00 27.90  ? 137 MET A O   1 
ATOM   794  C CB  . MET A 1 98  ? -10.672 -1.702  17.323  1.00 23.16  ? 137 MET A CB  1 
ATOM   795  C CG  . MET A 1 98  ? -10.049 -3.036  17.003  1.00 27.01  ? 137 MET A CG  1 
ATOM   796  S SD  . MET A 1 98  ? -10.997 -4.406  17.704  1.00 30.46  ? 137 MET A SD  1 
ATOM   797  C CE  . MET A 1 98  ? -10.493 -4.276  19.417  1.00 29.29  ? 137 MET A CE  1 
ATOM   798  N N   . LYS A 1 99  ? -10.230 1.700   17.682  1.00 29.91  ? 138 LYS A N   1 
ATOM   799  C CA  . LYS A 1 99  ? -11.034 2.854   18.152  1.00 32.38  ? 138 LYS A CA  1 
ATOM   800  C C   . LYS A 1 99  ? -11.189 3.878   17.025  1.00 34.83  ? 138 LYS A C   1 
ATOM   801  O O   . LYS A 1 99  ? -12.087 4.690   17.120  1.00 34.07  ? 138 LYS A O   1 
ATOM   802  C CB  . LYS A 1 99  ? -10.404 3.478   19.392  1.00 33.96  ? 138 LYS A CB  1 
ATOM   803  C CG  . LYS A 1 99  ? -9.096  4.199   19.147  1.00 36.77  ? 138 LYS A CG  1 
ATOM   804  C CD  . LYS A 1 99  ? -8.521  4.738   20.407  1.00 41.42  ? 138 LYS A CD  1 
ATOM   805  C CE  . LYS A 1 99  ? -7.058  5.109   20.308  1.00 43.60  ? 138 LYS A CE  1 
ATOM   806  N NZ  . LYS A 1 99  ? -6.452  5.079   21.660  1.00 44.31  ? 138 LYS A NZ  1 
ATOM   807  N N   . ALA A 1 100 ? -10.323 3.833   16.015  1.00 32.87  ? 139 ALA A N   1 
ATOM   808  C CA  . ALA A 1 100 ? -10.207 4.817   14.921  1.00 32.70  ? 139 ALA A CA  1 
ATOM   809  C C   . ALA A 1 100 ? -9.441  4.173   13.779  1.00 33.10  ? 139 ALA A C   1 
ATOM   810  O O   . ALA A 1 100 ? -8.540  3.354   14.014  1.00 30.22  ? 139 ALA A O   1 
ATOM   811  C CB  . ALA A 1 100 ? -9.482  6.079   15.346  1.00 36.40  ? 139 ALA A CB  1 
ATOM   812  N N   . PRO A 1 101 ? -9.763  4.592   12.537  1.00 34.87  ? 140 PRO A N   1 
ATOM   813  C CA  . PRO A 1 101 ? -9.106  4.081   11.329  1.00 31.28  ? 140 PRO A CA  1 
ATOM   814  C C   . PRO A 1 101 ? -7.582  4.117   11.427  1.00 28.77  ? 140 PRO A C   1 
ATOM   815  O O   . PRO A 1 101 ? -7.049  5.046   11.966  1.00 26.91  ? 140 PRO A O   1 
ATOM   816  C CB  . PRO A 1 101 ? -9.602  5.052   10.247  1.00 35.54  ? 140 PRO A CB  1 
ATOM   817  C CG  . PRO A 1 101 ? -10.968 5.463   10.728  1.00 35.51  ? 140 PRO A CG  1 
ATOM   818  C CD  . PRO A 1 101 ? -10.824 5.584   12.235  1.00 33.03  ? 140 PRO A CD  1 
ATOM   819  N N   . VAL A 1 102 ? -6.922  3.066   10.966  1.00 27.71  ? 141 VAL A N   1 
ATOM   820  C CA  . VAL A 1 102 ? -5.437  2.986   10.969  1.00 29.38  ? 141 VAL A CA  1 
ATOM   821  C C   . VAL A 1 102 ? -4.948  3.591   9.654   1.00 27.72  ? 141 VAL A C   1 
ATOM   822  O O   . VAL A 1 102 ? -5.285  3.087   8.586   1.00 30.03  ? 141 VAL A O   1 
ATOM   823  C CB  . VAL A 1 102 ? -4.989  1.533   11.183  1.00 28.06  ? 141 VAL A CB  1 
ATOM   824  C CG1 . VAL A 1 102 ? -3.476  1.401   11.203  1.00 28.47  ? 141 VAL A CG1 1 
ATOM   825  C CG2 . VAL A 1 102 ? -5.617  0.987   12.459  1.00 30.55  ? 141 VAL A CG2 1 
ATOM   826  N N   A SER A 1 103 ? -4.169  4.668   9.744   0.25 28.51  ? 142 SER A N   1 
ATOM   827  N N   B SER A 1 103 ? -4.138  4.645   9.744   0.25 29.20  ? 142 SER A N   1 
ATOM   828  C CA  A SER A 1 103 ? -3.734  5.485   8.580   0.25 28.78  ? 142 SER A CA  1 
ATOM   829  C CA  B SER A 1 103 ? -3.726  5.486   8.590   0.25 29.94  ? 142 SER A CA  1 
ATOM   830  C C   A SER A 1 103 ? -2.234  5.315   8.340   0.25 28.43  ? 142 SER A C   1 
ATOM   831  C C   B SER A 1 103 ? -2.226  5.351   8.333   0.25 29.11  ? 142 SER A C   1 
ATOM   832  O O   A SER A 1 103 ? -1.456  5.533   9.289   0.25 31.53  ? 142 SER A O   1 
ATOM   833  O O   B SER A 1 103 ? -1.438  5.629   9.258   0.25 32.25  ? 142 SER A O   1 
ATOM   834  C CB  A SER A 1 103 ? -4.083  6.933   8.772   0.25 28.02  ? 142 SER A CB  1 
ATOM   835  C CB  B SER A 1 103 ? -4.117  6.917   8.820   0.25 29.87  ? 142 SER A CB  1 
ATOM   836  O OG  A SER A 1 103 ? -3.521  7.710   7.726   0.25 28.20  ? 142 SER A OG  1 
ATOM   837  O OG  B SER A 1 103 ? -5.529  7.042   8.827   0.25 31.98  ? 142 SER A OG  1 
ATOM   838  N N   . PHE A 1 104 ? -1.859  4.967   7.107   1.00 29.17  ? 143 PHE A N   1 
ATOM   839  C CA  . PHE A 1 104 ? -0.456  4.813   6.665   1.00 29.52  ? 143 PHE A CA  1 
ATOM   840  C C   . PHE A 1 104 ? -0.022  6.098   5.956   1.00 31.76  ? 143 PHE A C   1 
ATOM   841  O O   . PHE A 1 104 ? 0.564   6.044   4.879   1.00 30.04  ? 143 PHE A O   1 
ATOM   842  C CB  . PHE A 1 104 ? -0.359  3.567   5.788   1.00 28.91  ? 143 PHE A CB  1 
ATOM   843  C CG  . PHE A 1 104 ? -0.496  2.300   6.579   1.00 30.60  ? 143 PHE A CG  1 
ATOM   844  C CD1 . PHE A 1 104 ? 0.621   1.703   7.145   1.00 32.15  ? 143 PHE A CD1 1 
ATOM   845  C CD2 . PHE A 1 104 ? -1.744  1.749   6.815   1.00 34.36  ? 143 PHE A CD2 1 
ATOM   846  C CE1 . PHE A 1 104 ? 0.492   0.548   7.897   1.00 31.88  ? 143 PHE A CE1 1 
ATOM   847  C CE2 . PHE A 1 104 ? -1.870  0.598   7.567   1.00 33.90  ? 143 PHE A CE2 1 
ATOM   848  C CZ  . PHE A 1 104 ? -0.754  0.001   8.104   1.00 31.21  ? 143 PHE A CZ  1 
ATOM   849  N N   . SER A 1 105 ? -0.238  7.239   6.599   1.00 33.98  ? 144 SER A N   1 
ATOM   850  C CA  . SER A 1 105 ? -0.123  8.561   5.940   1.00 36.96  ? 144 SER A CA  1 
ATOM   851  C C   . SER A 1 105 ? 1.353   8.870   5.630   1.00 35.15  ? 144 SER A C   1 
ATOM   852  O O   . SER A 1 105 ? 1.621   9.498   4.589   1.00 33.96  ? 144 SER A O   1 
ATOM   853  C CB  . SER A 1 105 ? -0.827  9.619   6.770   1.00 36.92  ? 144 SER A CB  1 
ATOM   854  O OG  . SER A 1 105 ? -0.436  9.518   8.125   1.00 42.97  ? 144 SER A OG  1 
ATOM   855  N N   . LYS A 1 106 ? 2.284   8.334   6.421   1.00 36.55  ? 145 LYS A N   1 
ATOM   856  C CA  . LYS A 1 106 ? 3.704   8.776   6.449   1.00 39.64  ? 145 LYS A CA  1 
ATOM   857  C C   . LYS A 1 106 ? 4.561   7.898   5.526   1.00 37.95  ? 145 LYS A C   1 
ATOM   858  O O   . LYS A 1 106 ? 5.699   8.315   5.254   1.00 32.90  ? 145 LYS A O   1 
ATOM   859  C CB  . LYS A 1 106 ? 4.252   8.748   7.885   1.00 42.99  ? 145 LYS A CB  1 
ATOM   860  C CG  . LYS A 1 106 ? 3.564   9.685   8.878   1.00 48.96  ? 145 LYS A CG  1 
ATOM   861  C CD  . LYS A 1 106 ? 3.554   11.133  8.444   1.00 59.63  ? 145 LYS A CD  1 
ATOM   862  C CE  . LYS A 1 106 ? 3.418   12.135  9.579   1.00 67.18  ? 145 LYS A CE  1 
ATOM   863  N NZ  . LYS A 1 106 ? 3.807   13.501  9.137   1.00 67.39  ? 145 LYS A NZ  1 
ATOM   864  N N   . VAL A 1 107 ? 4.059   6.745   5.051   1.00 31.74  ? 146 VAL A N   1 
ATOM   865  C CA  . VAL A 1 107 ? 4.892   5.824   4.223   1.00 32.19  ? 146 VAL A CA  1 
ATOM   866  C C   . VAL A 1 107 ? 5.272   6.557   2.929   1.00 30.87  ? 146 VAL A C   1 
ATOM   867  O O   . VAL A 1 107 ? 4.420   7.274   2.378   1.00 29.17  ? 146 VAL A O   1 
ATOM   868  C CB  . VAL A 1 107 ? 4.209   4.478   3.924   1.00 34.42  ? 146 VAL A CB  1 
ATOM   869  C CG1 . VAL A 1 107 ? 3.033   4.610   2.957   1.00 32.91  ? 146 VAL A CG1 1 
ATOM   870  C CG2 . VAL A 1 107 ? 5.231   3.467   3.413   1.00 37.77  ? 146 VAL A CG2 1 
ATOM   871  N N   . LYS A 1 108 ? 6.513   6.373   2.478   1.00 30.29  ? 147 LYS A N   1 
ATOM   872  C CA  . LYS A 1 108 ? 7.079   7.023   1.271   1.00 32.18  ? 147 LYS A CA  1 
ATOM   873  C C   . LYS A 1 108 ? 7.534   5.933   0.304   1.00 31.52  ? 147 LYS A C   1 
ATOM   874  O O   . LYS A 1 108 ? 8.154   4.977   0.748   1.00 32.62  ? 147 LYS A O   1 
ATOM   875  C CB  . LYS A 1 108 ? 8.251   7.929   1.647   1.00 34.03  ? 147 LYS A CB  1 
ATOM   876  C CG  . LYS A 1 108 ? 7.872   9.211   2.371   1.00 36.98  ? 147 LYS A CG  1 
ATOM   877  C CD  . LYS A 1 108 ? 9.042   10.188  2.405   1.00 40.77  ? 147 LYS A CD  1 
ATOM   878  C CE  . LYS A 1 108 ? 8.831   11.342  3.356   1.00 48.65  ? 147 LYS A CE  1 
ATOM   879  N NZ  . LYS A 1 108 ? 9.864   12.389  3.160   1.00 51.92  ? 147 LYS A NZ  1 
ATOM   880  N N   . LEU A 1 109 ? 7.171   6.087   -0.959  1.00 32.01  ? 148 LEU A N   1 
ATOM   881  C CA  . LEU A 1 109 ? 7.524   5.179   -2.076  1.00 31.32  ? 148 LEU A CA  1 
ATOM   882  C C   . LEU A 1 109 ? 8.717   5.782   -2.814  1.00 32.01  ? 148 LEU A C   1 
ATOM   883  O O   . LEU A 1 109 ? 8.633   6.963   -3.204  1.00 30.00  ? 148 LEU A O   1 
ATOM   884  C CB  . LEU A 1 109 ? 6.321   5.086   -3.020  1.00 29.59  ? 148 LEU A CB  1 
ATOM   885  C CG  . LEU A 1 109 ? 5.017   4.620   -2.376  1.00 28.44  ? 148 LEU A CG  1 
ATOM   886  C CD1 . LEU A 1 109 ? 3.946   4.388   -3.440  1.00 27.79  ? 148 LEU A CD1 1 
ATOM   887  C CD2 . LEU A 1 109 ? 5.252   3.375   -1.539  1.00 28.83  ? 148 LEU A CD2 1 
ATOM   888  N N   . THR A 1 110 ? 9.744   4.973   -3.044  1.00 33.46  ? 149 THR A N   1 
ATOM   889  C CA  . THR A 1 110 ? 11.025  5.409   -3.631  1.00 34.75  ? 149 THR A CA  1 
ATOM   890  C C   . THR A 1 110 ? 11.424  4.442   -4.744  1.00 36.74  ? 149 THR A C   1 
ATOM   891  O O   . THR A 1 110 ? 10.936  3.292   -4.778  1.00 35.58  ? 149 THR A O   1 
ATOM   892  C CB  . THR A 1 110 ? 12.117  5.546   -2.559  1.00 36.28  ? 149 THR A CB  1 
ATOM   893  O OG1 . THR A 1 110 ? 13.149  6.327   -3.161  1.00 42.73  ? 149 THR A OG1 1 
ATOM   894  C CG2 . THR A 1 110 ? 12.666  4.220   -2.074  1.00 35.22  ? 149 THR A CG2 1 
ATOM   895  N N   . ASN A 1 111 ? 12.294  4.929   -5.618  1.00 37.78  ? 150 ASN A N   1 
ATOM   896  C CA  . ASN A 1 111 ? 12.961  4.148   -6.687  1.00 43.06  ? 150 ASN A CA  1 
ATOM   897  C C   . ASN A 1 111 ? 14.487  4.160   -6.465  1.00 48.06  ? 150 ASN A C   1 
ATOM   898  O O   . ASN A 1 111 ? 15.221  3.838   -7.416  1.00 54.09  ? 150 ASN A O   1 
ATOM   899  C CB  . ASN A 1 111 ? 12.498  4.663   -8.050  1.00 40.83  ? 150 ASN A CB  1 
ATOM   900  C CG  . ASN A 1 111 ? 12.967  6.064   -8.380  1.00 39.49  ? 150 ASN A CG  1 
ATOM   901  O OD1 . ASN A 1 111 ? 12.873  6.479   -9.532  1.00 42.21  ? 150 ASN A OD1 1 
ATOM   902  N ND2 . ASN A 1 111 ? 13.479  6.801   -7.404  1.00 33.10  ? 150 ASN A ND2 1 
ATOM   903  N N   . LYS A 1 112 ? 14.944  4.500   -5.254  1.00 52.52  ? 151 LYS A N   1 
ATOM   904  C CA  . LYS A 1 112 ? 16.357  4.378   -4.808  1.00 62.16  ? 151 LYS A CA  1 
ATOM   905  C C   . LYS A 1 112 ? 16.392  3.957   -3.337  1.00 64.11  ? 151 LYS A C   1 
ATOM   906  O O   . LYS A 1 112 ? 15.743  4.647   -2.511  1.00 62.41  ? 151 LYS A O   1 
ATOM   907  C CB  . LYS A 1 112 ? 17.109  5.704   -4.936  1.00 66.71  ? 151 LYS A CB  1 
ATOM   908  C CG  . LYS A 1 112 ? 17.431  6.135   -6.360  1.00 80.24  ? 151 LYS A CG  1 
ATOM   909  C CD  . LYS A 1 112 ? 18.775  5.635   -6.872  1.00 85.16  ? 151 LYS A CD  1 
ATOM   910  C CE  . LYS A 1 112 ? 19.093  6.166   -8.255  1.00 86.89  ? 151 LYS A CE  1 
ATOM   911  N NZ  . LYS A 1 112 ? 18.031  5.791   -9.219  1.00 90.52  ? 151 LYS A NZ  1 
ATOM   912  N N   . LEU A 1 113 ? 17.125  2.883   -3.037  1.00 70.00  ? 152 LEU A N   1 
ATOM   913  C CA  . LEU A 1 113 ? 17.534  2.505   -1.656  1.00 79.84  ? 152 LEU A CA  1 
ATOM   914  C C   . LEU A 1 113 ? 18.393  3.630   -1.059  1.00 74.06  ? 152 LEU A C   1 
ATOM   915  O O   . LEU A 1 113 ? 19.604  3.614   -1.254  1.00 73.80  ? 152 LEU A O   1 
ATOM   916  C CB  . LEU A 1 113 ? 18.270  1.153   -1.643  1.00 84.70  ? 152 LEU A CB  1 
ATOM   917  C CG  . LEU A 1 113 ? 19.333  0.845   -2.714  1.00 94.71  ? 152 LEU A CG  1 
ATOM   918  C CD1 . LEU A 1 113 ? 18.773  -0.020  -3.836  1.00 95.79  ? 152 LEU A CD1 1 
ATOM   919  C CD2 . LEU A 1 113 ? 20.031  2.074   -3.299  1.00 93.86  ? 152 LEU A CD2 1 
ATOM   920  N N   . ASN A 1 114 ? 17.775  4.599   -0.384  1.00 73.48  ? 153 ASN A N   1 
ATOM   921  C CA  . ASN A 1 114 ? 18.491  5.689   0.327   1.00 74.57  ? 153 ASN A CA  1 
ATOM   922  C C   . ASN A 1 114 ? 17.858  5.837   1.717   1.00 77.27  ? 153 ASN A C   1 
ATOM   923  O O   . ASN A 1 114 ? 17.676  6.991   2.171   1.00 77.62  ? 153 ASN A O   1 
ATOM   924  C CB  . ASN A 1 114 ? 18.564  6.969   -0.514  1.00 74.27  ? 153 ASN A CB  1 
ATOM   925  C CG  . ASN A 1 114 ? 17.268  7.745   -0.613  1.00 74.92  ? 153 ASN A CG  1 
ATOM   926  O OD1 . ASN A 1 114 ? 17.281  8.968   -0.497  1.00 72.76  ? 153 ASN A OD1 1 
ATOM   927  N ND2 . ASN A 1 114 ? 16.158  7.059   -0.846  1.00 83.19  ? 153 ASN A ND2 1 
ATOM   928  N N   . GLY A 1 115 ? 17.550  4.691   2.347   1.00 84.33  ? 154 GLY A N   1 
ATOM   929  C CA  . GLY A 1 115 ? 17.158  4.536   3.764   1.00 83.45  ? 154 GLY A CA  1 
ATOM   930  C C   . GLY A 1 115 ? 15.901  5.312   4.128   1.00 85.87  ? 154 GLY A C   1 
ATOM   931  O O   . GLY A 1 115 ? 15.146  5.699   3.209   1.00 88.15  ? 154 GLY A O   1 
ATOM   932  N N   . GLY A 1 116 ? 15.685  5.517   5.434   1.00 81.59  ? 155 GLY A N   1 
ATOM   933  C CA  . GLY A 1 116 ? 14.571  6.306   5.999   1.00 75.88  ? 155 GLY A CA  1 
ATOM   934  C C   . GLY A 1 116 ? 13.241  5.575   5.920   1.00 70.47  ? 155 GLY A C   1 
ATOM   935  O O   . GLY A 1 116 ? 12.219  6.250   5.692   1.00 69.19  ? 155 GLY A O   1 
ATOM   936  N N   . GLY A 1 117 ? 13.260  4.245   6.087   1.00 73.13  ? 156 GLY A N   1 
ATOM   937  C CA  . GLY A 1 117 ? 12.084  3.348   6.059   1.00 66.10  ? 156 GLY A CA  1 
ATOM   938  C C   . GLY A 1 117 ? 11.157  3.597   4.874   1.00 65.69  ? 156 GLY A C   1 
ATOM   939  O O   . GLY A 1 117 ? 9.935   3.412   5.035   1.00 64.49  ? 156 GLY A O   1 
ATOM   940  N N   . GLN A 1 118 ? 11.712  3.985   3.721   1.00 58.42  ? 157 GLN A N   1 
ATOM   941  C CA  . GLN A 1 118 ? 10.975  4.145   2.445   1.00 51.89  ? 157 GLN A CA  1 
ATOM   942  C C   . GLN A 1 118 ? 10.721  2.750   1.864   1.00 49.97  ? 157 GLN A C   1 
ATOM   943  O O   . GLN A 1 118 ? 11.448  1.812   2.236   1.00 50.80  ? 157 GLN A O   1 
ATOM   944  C CB  . GLN A 1 118 ? 11.795  4.984   1.470   1.00 51.45  ? 157 GLN A CB  1 
ATOM   945  C CG  . GLN A 1 118 ? 11.992  6.424   1.899   1.00 51.79  ? 157 GLN A CG  1 
ATOM   946  C CD  . GLN A 1 118 ? 13.125  7.069   1.145   1.00 53.01  ? 157 GLN A CD  1 
ATOM   947  O OE1 . GLN A 1 118 ? 13.363  6.794   -0.029  1.00 56.18  ? 157 GLN A OE1 1 
ATOM   948  N NE2 . GLN A 1 118 ? 13.875  7.904   1.842   1.00 56.20  ? 157 GLN A NE2 1 
ATOM   949  N N   . ILE A 1 119 ? 9.735   2.623   0.980   1.00 38.04  ? 158 ILE A N   1 
ATOM   950  C CA  . ILE A 1 119 ? 9.443   1.371   0.227   1.00 33.61  ? 158 ILE A CA  1 
ATOM   951  C C   . ILE A 1 119 ? 9.951   1.580   -1.204  1.00 34.69  ? 158 ILE A C   1 
ATOM   952  O O   . ILE A 1 119 ? 9.531   2.548   -1.857  1.00 30.40  ? 158 ILE A O   1 
ATOM   953  C CB  . ILE A 1 119 ? 7.947   1.021   0.244   1.00 34.41  ? 158 ILE A CB  1 
ATOM   954  C CG1 . ILE A 1 119 ? 7.367   0.921   1.654   1.00 34.03  ? 158 ILE A CG1 1 
ATOM   955  C CG2 . ILE A 1 119 ? 7.663   -0.227  -0.577  1.00 34.13  ? 158 ILE A CG2 1 
ATOM   956  C CD1 . ILE A 1 119 ? 7.609   -0.379  2.365   1.00 36.99  ? 158 ILE A CD1 1 
ATOM   957  N N   . MET A 1 120 ? 10.873  0.721   -1.619  1.00 37.01  ? 159 MET A N   1 
ATOM   958  C CA  . MET A 1 120 ? 11.460  0.645   -2.976  1.00 39.11  ? 159 MET A CA  1 
ATOM   959  C C   . MET A 1 120 ? 10.478  -0.083  -3.906  1.00 35.16  ? 159 MET A C   1 
ATOM   960  O O   . MET A 1 120 ? 10.138  -1.249  -3.625  1.00 32.48  ? 159 MET A O   1 
ATOM   961  C CB  . MET A 1 120 ? 12.778  -0.127  -2.923  1.00 45.12  ? 159 MET A CB  1 
ATOM   962  C CG  . MET A 1 120 ? 13.337  -0.426  -4.293  1.00 54.20  ? 159 MET A CG  1 
ATOM   963  S SD  . MET A 1 120 ? 14.176  1.021   -4.921  1.00 63.44  ? 159 MET A SD  1 
ATOM   964  C CE  . MET A 1 120 ? 15.862  0.442   -4.778  1.00 66.45  ? 159 MET A CE  1 
ATOM   965  N N   . LEU A 1 121 ? 10.016  0.586   -4.969  1.00 32.24  ? 160 LEU A N   1 
ATOM   966  C CA  . LEU A 1 121 ? 9.160   -0.039  -6.004  1.00 31.95  ? 160 LEU A CA  1 
ATOM   967  C C   . LEU A 1 121 ? 9.835   0.165   -7.364  1.00 35.53  ? 160 LEU A C   1 
ATOM   968  O O   . LEU A 1 121 ? 10.611  1.096   -7.501  1.00 41.26  ? 160 LEU A O   1 
ATOM   969  C CB  . LEU A 1 121 ? 7.766   0.602   -5.998  1.00 33.69  ? 160 LEU A CB  1 
ATOM   970  C CG  . LEU A 1 121 ? 6.946   0.511   -4.713  1.00 28.80  ? 160 LEU A CG  1 
ATOM   971  C CD1 . LEU A 1 121 ? 5.613   1.194   -4.917  1.00 32.20  ? 160 LEU A CD1 1 
ATOM   972  C CD2 . LEU A 1 121 ? 6.707   -0.937  -4.301  1.00 30.18  ? 160 LEU A CD2 1 
ATOM   973  N N   . ASN A 1 122 ? 9.540   -0.681  -8.342  1.00 34.39  ? 161 ASN A N   1 
ATOM   974  C CA  . ASN A 1 122 ? 10.101  -0.534  -9.702  1.00 33.47  ? 161 ASN A CA  1 
ATOM   975  C C   . ASN A 1 122 ? 9.098   0.244   -10.546 1.00 33.40  ? 161 ASN A C   1 
ATOM   976  O O   . ASN A 1 122 ? 7.927   -0.163  -10.599 1.00 32.45  ? 161 ASN A O   1 
ATOM   977  C CB  . ASN A 1 122 ? 10.395  -1.883  -10.324 1.00 31.24  ? 161 ASN A CB  1 
ATOM   978  C CG  . ASN A 1 122 ? 11.516  -2.593  -9.608  1.00 34.10  ? 161 ASN A CG  1 
ATOM   979  O OD1 . ASN A 1 122 ? 12.389  -1.956  -9.017  1.00 40.37  ? 161 ASN A OD1 1 
ATOM   980  N ND2 . ASN A 1 122 ? 11.482  -3.906  -9.657  1.00 31.45  ? 161 ASN A ND2 1 
ATOM   981  N N   . SER A 1 123 ? 9.574   1.295   -11.200 1.00 32.77  ? 162 SER A N   1 
ATOM   982  C CA  . SER A 1 123 ? 8.786   2.115   -12.145 1.00 36.66  ? 162 SER A CA  1 
ATOM   983  C C   . SER A 1 123 ? 8.165   1.191   -13.197 1.00 32.42  ? 162 SER A C   1 
ATOM   984  O O   . SER A 1 123 ? 8.809   0.158   -13.558 1.00 29.37  ? 162 SER A O   1 
ATOM   985  C CB  . SER A 1 123 ? 9.640   3.195   -12.741 1.00 42.40  ? 162 SER A CB  1 
ATOM   986  O OG  . SER A 1 123 ? 8.802   4.174   -13.331 1.00 51.05  ? 162 SER A OG  1 
ATOM   987  N N   . LEU A 1 124 ? 6.904   1.470   -13.532 1.00 30.10  ? 163 LEU A N   1 
ATOM   988  C CA  . LEU A 1 124 ? 6.103   0.826   -14.602 1.00 30.94  ? 163 LEU A CA  1 
ATOM   989  C C   . LEU A 1 124 ? 5.694   -0.596  -14.199 1.00 28.81  ? 163 LEU A C   1 
ATOM   990  O O   . LEU A 1 124 ? 5.269   -1.395  -15.066 1.00 28.67  ? 163 LEU A O   1 
ATOM   991  C CB  . LEU A 1 124 ? 6.902   0.913   -15.914 1.00 33.73  ? 163 LEU A CB  1 
ATOM   992  C CG  . LEU A 1 124 ? 7.223   2.355   -16.335 1.00 37.93  ? 163 LEU A CG  1 
ATOM   993  C CD1 . LEU A 1 124 ? 7.951   2.428   -17.667 1.00 41.01  ? 163 LEU A CD1 1 
ATOM   994  C CD2 . LEU A 1 124 ? 5.954   3.191   -16.393 1.00 36.34  ? 163 LEU A CD2 1 
ATOM   995  N N   . HIS A 1 125 ? 5.712   -0.887  -12.904 1.00 32.71  ? 164 HIS A N   1 
ATOM   996  C CA  . HIS A 1 125 ? 5.236   -2.186  -12.356 1.00 28.47  ? 164 HIS A CA  1 
ATOM   997  C C   . HIS A 1 125 ? 4.036   -1.932  -11.456 1.00 27.27  ? 164 HIS A C   1 
ATOM   998  O O   . HIS A 1 125 ? 4.051   -0.900  -10.750 1.00 28.12  ? 164 HIS A O   1 
ATOM   999  C CB  . HIS A 1 125 ? 6.347   -2.899  -11.611 1.00 30.78  ? 164 HIS A CB  1 
ATOM   1000 C CG  . HIS A 1 125 ? 7.466   -3.342  -12.484 1.00 32.57  ? 164 HIS A CG  1 
ATOM   1001 N ND1 . HIS A 1 125 ? 8.236   -2.441  -13.171 1.00 33.16  ? 164 HIS A ND1 1 
ATOM   1002 C CD2 . HIS A 1 125 ? 7.964   -4.578  -12.748 1.00 30.89  ? 164 HIS A CD2 1 
ATOM   1003 C CE1 . HIS A 1 125 ? 9.191   -3.104  -13.821 1.00 34.35  ? 164 HIS A CE1 1 
ATOM   1004 N NE2 . HIS A 1 125 ? 9.042   -4.409  -13.586 1.00 31.35  ? 164 HIS A NE2 1 
ATOM   1005 N N   . LYS A 1 126 ? 3.046   -2.823  -11.538 1.00 26.52  ? 165 LYS A N   1 
ATOM   1006 C CA  . LYS A 1 126 ? 1.758   -2.749  -10.822 1.00 26.57  ? 165 LYS A CA  1 
ATOM   1007 C C   . LYS A 1 126 ? 1.943   -3.445  -9.471  1.00 28.70  ? 165 LYS A C   1 
ATOM   1008 O O   . LYS A 1 126 ? 2.583   -4.525  -9.431  1.00 27.11  ? 165 LYS A O   1 
ATOM   1009 C CB  . LYS A 1 126 ? 0.648   -3.430  -11.621 1.00 30.01  ? 165 LYS A CB  1 
ATOM   1010 C CG  . LYS A 1 126 ? -0.722  -3.440  -10.960 1.00 32.19  ? 165 LYS A CG  1 
ATOM   1011 C CD  . LYS A 1 126 ? -1.903  -3.853  -11.849 1.00 38.74  ? 165 LYS A CD  1 
ATOM   1012 C CE  . LYS A 1 126 ? -2.114  -2.922  -13.033 1.00 46.19  ? 165 LYS A CE  1 
ATOM   1013 N NZ  . LYS A 1 126 ? -3.473  -3.026  -13.622 1.00 51.77  ? 165 LYS A NZ  1 
ATOM   1014 N N   . TYR A 1 127 ? 1.463   -2.803  -8.408  1.00 28.32  ? 166 TYR A N   1 
ATOM   1015 C CA  . TYR A 1 127 ? 1.601   -3.240  -6.995  1.00 28.57  ? 166 TYR A CA  1 
ATOM   1016 C C   . TYR A 1 127 ? 0.253   -3.199  -6.295  1.00 29.11  ? 166 TYR A C   1 
ATOM   1017 O O   . TYR A 1 127 ? -0.588  -2.358  -6.649  1.00 28.70  ? 166 TYR A O   1 
ATOM   1018 C CB  . TYR A 1 127 ? 2.593   -2.367  -6.239  1.00 29.87  ? 166 TYR A CB  1 
ATOM   1019 C CG  . TYR A 1 127 ? 4.013   -2.554  -6.701  1.00 28.70  ? 166 TYR A CG  1 
ATOM   1020 C CD1 . TYR A 1 127 ? 4.738   -3.677  -6.340  1.00 27.83  ? 166 TYR A CD1 1 
ATOM   1021 C CD2 . TYR A 1 127 ? 4.611   -1.634  -7.542  1.00 28.51  ? 166 TYR A CD2 1 
ATOM   1022 C CE1 . TYR A 1 127 ? 6.044   -3.850  -6.769  1.00 28.10  ? 166 TYR A CE1 1 
ATOM   1023 C CE2 . TYR A 1 127 ? 5.915   -1.788  -7.975  1.00 31.44  ? 166 TYR A CE2 1 
ATOM   1024 C CZ  . TYR A 1 127 ? 6.628   -2.912  -7.600  1.00 30.17  ? 166 TYR A CZ  1 
ATOM   1025 O OH  . TYR A 1 127 ? 7.912   -3.066  -8.045  1.00 32.17  ? 166 TYR A OH  1 
ATOM   1026 N N   . GLU A 1 128 ? 0.091   -4.108  -5.332  1.00 27.58  ? 167 GLU A N   1 
ATOM   1027 C CA  . GLU A 1 128 ? -1.095  -4.220  -4.450  1.00 28.90  ? 167 GLU A CA  1 
ATOM   1028 C C   . GLU A 1 128 ? -0.639  -4.121  -2.995  1.00 28.93  ? 167 GLU A C   1 
ATOM   1029 O O   . GLU A 1 128 ? 0.100   -4.974  -2.479  1.00 27.05  ? 167 GLU A O   1 
ATOM   1030 C CB  . GLU A 1 128 ? -1.824  -5.523  -4.721  1.00 32.00  ? 167 GLU A CB  1 
ATOM   1031 C CG  . GLU A 1 128 ? -3.197  -5.585  -4.074  1.00 35.17  ? 167 GLU A CG  1 
ATOM   1032 C CD  . GLU A 1 128 ? -3.908  -6.850  -4.508  1.00 40.98  ? 167 GLU A CD  1 
ATOM   1033 O OE1 . GLU A 1 128 ? -3.506  -7.922  -4.010  1.00 41.75  ? 167 GLU A OE1 1 
ATOM   1034 O OE2 . GLU A 1 128 ? -4.744  -6.785  -5.445  1.00 45.74  ? 167 GLU A OE2 1 
ATOM   1035 N N   . PRO A 1 129 ? -1.030  -3.029  -2.311  1.00 29.96  ? 168 PRO A N   1 
ATOM   1036 C CA  . PRO A 1 129 ? -0.817  -2.891  -0.873  1.00 27.56  ? 168 PRO A CA  1 
ATOM   1037 C C   . PRO A 1 129 ? -1.373  -4.077  -0.075  1.00 27.55  ? 168 PRO A C   1 
ATOM   1038 O O   . PRO A 1 129 ? -2.422  -4.636  -0.426  1.00 26.95  ? 168 PRO A O   1 
ATOM   1039 C CB  . PRO A 1 129 ? -1.575  -1.606  -0.533  1.00 27.29  ? 168 PRO A CB  1 
ATOM   1040 C CG  . PRO A 1 129 ? -1.508  -0.812  -1.793  1.00 29.57  ? 168 PRO A CG  1 
ATOM   1041 C CD  . PRO A 1 129 ? -1.655  -1.834  -2.902  1.00 29.18  ? 168 PRO A CD  1 
ATOM   1042 N N   . ARG A 1 130 ? -0.634  -4.448  0.963   1.00 26.81  ? 169 ARG A N   1 
ATOM   1043 C CA  . ARG A 1 130 ? -0.930  -5.620  1.811   1.00 28.75  ? 169 ARG A CA  1 
ATOM   1044 C C   . ARG A 1 130 ? -0.589  -5.224  3.241   1.00 28.89  ? 169 ARG A C   1 
ATOM   1045 O O   . ARG A 1 130 ? 0.562   -4.780  3.493   1.00 29.14  ? 169 ARG A O   1 
ATOM   1046 C CB  . ARG A 1 130 ? -0.163  -6.867  1.359   1.00 29.81  ? 169 ARG A CB  1 
ATOM   1047 C CG  . ARG A 1 130 ? -0.539  -8.126  2.137   1.00 30.12  ? 169 ARG A CG  1 
ATOM   1048 C CD  . ARG A 1 130 ? 0.097   -9.413  1.613   1.00 30.64  ? 169 ARG A CD  1 
ATOM   1049 N NE  . ARG A 1 130 ? 1.545   -9.265  1.555   1.00 29.68  ? 169 ARG A NE  1 
ATOM   1050 C CZ  . ARG A 1 130 ? 2.395   -10.219 1.210   1.00 30.82  ? 169 ARG A CZ  1 
ATOM   1051 N NH1 . ARG A 1 130 ? 1.943   -11.393 0.822   1.00 28.25  ? 169 ARG A NH1 1 
ATOM   1052 N NH2 . ARG A 1 130 ? 3.696   -9.972  1.184   1.00 31.70  ? 169 ARG A NH2 1 
ATOM   1053 N N   . ILE A 1 131 ? -1.570  -5.343  4.127   1.00 28.20  ? 170 ILE A N   1 
ATOM   1054 C CA  . ILE A 1 131 ? -1.390  -5.016  5.565   1.00 28.51  ? 170 ILE A CA  1 
ATOM   1055 C C   . ILE A 1 131 ? -1.324  -6.330  6.341   1.00 27.83  ? 170 ILE A C   1 
ATOM   1056 O O   . ILE A 1 131 ? -2.183  -7.198  6.141   1.00 29.36  ? 170 ILE A O   1 
ATOM   1057 C CB  . ILE A 1 131 ? -2.536  -4.128  6.062   1.00 28.16  ? 170 ILE A CB  1 
ATOM   1058 C CG1 . ILE A 1 131 ? -2.463  -2.744  5.413   1.00 29.80  ? 170 ILE A CG1 1 
ATOM   1059 C CG2 . ILE A 1 131 ? -2.540  -4.056  7.584   1.00 30.28  ? 170 ILE A CG2 1 
ATOM   1060 C CD1 . ILE A 1 131 ? -3.671  -1.857  5.715   1.00 27.26  ? 170 ILE A CD1 1 
ATOM   1061 N N   . HIS A 1 132 ? -0.341  -6.438  7.214   1.00 28.18  ? 171 HIS A N   1 
ATOM   1062 C CA  . HIS A 1 132 ? -0.171  -7.576  8.137   1.00 28.83  ? 171 HIS A CA  1 
ATOM   1063 C C   . HIS A 1 132 ? -0.410  -7.105  9.567   1.00 28.32  ? 171 HIS A C   1 
ATOM   1064 O O   . HIS A 1 132 ? 0.186   -6.081  9.955   1.00 25.76  ? 171 HIS A O   1 
ATOM   1065 C CB  . HIS A 1 132 ? 1.230   -8.144  8.021   1.00 28.51  ? 171 HIS A CB  1 
ATOM   1066 C CG  . HIS A 1 132 ? 1.684   -8.319  6.626   1.00 30.97  ? 171 HIS A CG  1 
ATOM   1067 N ND1 . HIS A 1 132 ? 1.573   -9.516  5.989   1.00 30.61  ? 171 HIS A ND1 1 
ATOM   1068 C CD2 . HIS A 1 132 ? 2.261   -7.459  5.757   1.00 32.30  ? 171 HIS A CD2 1 
ATOM   1069 C CE1 . HIS A 1 132 ? 2.049   -9.403  4.764   1.00 31.20  ? 171 HIS A CE1 1 
ATOM   1070 N NE2 . HIS A 1 132 ? 2.504   -8.158  4.613   1.00 32.70  ? 171 HIS A NE2 1 
ATOM   1071 N N   . ILE A 1 133 ? -1.167  -7.875  10.342  1.00 28.67  ? 172 ILE A N   1 
ATOM   1072 C CA  . ILE A 1 133 ? -1.289  -7.673  11.817  1.00 27.11  ? 172 ILE A CA  1 
ATOM   1073 C C   . ILE A 1 133 ? -0.491  -8.771  12.499  1.00 29.21  ? 172 ILE A C   1 
ATOM   1074 O O   . ILE A 1 133 ? -0.814  -9.930  12.259  1.00 25.72  ? 172 ILE A O   1 
ATOM   1075 C CB  . ILE A 1 133 ? -2.763  -7.657  12.251  1.00 27.42  ? 172 ILE A CB  1 
ATOM   1076 C CG1 . ILE A 1 133 ? -3.507  -6.614  11.414  1.00 26.00  ? 172 ILE A CG1 1 
ATOM   1077 C CG2 . ILE A 1 133 ? -2.896  -7.421  13.751  1.00 28.47  ? 172 ILE A CG2 1 
ATOM   1078 C CD1 . ILE A 1 133 ? -5.001  -6.564  11.610  1.00 25.09  ? 172 ILE A CD1 1 
ATOM   1079 N N   . VAL A 1 134 ? 0.498   -8.369  13.301  1.00 28.65  ? 173 VAL A N   1 
ATOM   1080 C CA  . VAL A 1 134 ? 1.437   -9.238  14.053  1.00 32.39  ? 173 VAL A CA  1 
ATOM   1081 C C   . VAL A 1 134 ? 1.095   -9.127  15.546  1.00 31.22  ? 173 VAL A C   1 
ATOM   1082 O O   . VAL A 1 134 ? 1.210   -8.014  16.088  1.00 31.37  ? 173 VAL A O   1 
ATOM   1083 C CB  . VAL A 1 134 ? 2.888   -8.800  13.772  1.00 38.38  ? 173 VAL A CB  1 
ATOM   1084 C CG1 . VAL A 1 134 ? 3.907   -9.742  14.412  1.00 41.09  ? 173 VAL A CG1 1 
ATOM   1085 C CG2 . VAL A 1 134 ? 3.147   -8.669  12.279  1.00 38.30  ? 173 VAL A CG2 1 
ATOM   1086 N N   . ARG A 1 135 ? 0.718   -10.235 16.191  1.00 29.68  ? 174 ARG A N   1 
ATOM   1087 C CA  . ARG A 1 135 ? 0.455   -10.281 17.651  1.00 31.61  ? 174 ARG A CA  1 
ATOM   1088 C C   . ARG A 1 135 ? 1.797   -10.233 18.372  1.00 32.63  ? 174 ARG A C   1 
ATOM   1089 O O   . ARG A 1 135 ? 2.690   -11.000 17.966  1.00 31.14  ? 174 ARG A O   1 
ATOM   1090 C CB  . ARG A 1 135 ? -0.275  -11.556 18.071  1.00 33.66  ? 174 ARG A CB  1 
ATOM   1091 C CG  . ARG A 1 135 ? -0.749  -11.530 19.515  1.00 38.37  ? 174 ARG A CG  1 
ATOM   1092 C CD  . ARG A 1 135 ? -1.953  -12.425 19.643  1.00 45.35  ? 174 ARG A CD  1 
ATOM   1093 N NE  . ARG A 1 135 ? -1.653  -13.794 19.199  1.00 53.81  ? 174 ARG A NE  1 
ATOM   1094 C CZ  . ARG A 1 135 ? -2.559  -14.704 18.814  1.00 57.07  ? 174 ARG A CZ  1 
ATOM   1095 N NH1 . ARG A 1 135 ? -2.174  -15.927 18.464  1.00 51.94  ? 174 ARG A NH1 1 
ATOM   1096 N NH2 . ARG A 1 135 ? -3.845  -14.387 18.767  1.00 55.24  ? 174 ARG A NH2 1 
ATOM   1097 N N   . VAL A 1 136 ? 1.952   -9.361  19.371  1.00 32.96  ? 175 VAL A N   1 
ATOM   1098 C CA  . VAL A 1 136 ? 3.268   -9.246  20.046  1.00 32.74  ? 175 VAL A CA  1 
ATOM   1099 C C   . VAL A 1 136 ? 3.324   -10.286 21.168  1.00 32.21  ? 175 VAL A C   1 
ATOM   1100 O O   . VAL A 1 136 ? 2.270   -10.624 21.761  1.00 31.57  ? 175 VAL A O   1 
ATOM   1101 C CB  . VAL A 1 136 ? 3.656   -7.815  20.473  1.00 37.11  ? 175 VAL A CB  1 
ATOM   1102 C CG1 . VAL A 1 136 ? 2.896   -6.743  19.717  1.00 40.36  ? 175 VAL A CG1 1 
ATOM   1103 C CG2 . VAL A 1 136 ? 3.619   -7.584  21.970  1.00 41.57  ? 175 VAL A CG2 1 
ATOM   1104 N N   . GLY A 1 137 ? 4.528   -10.817 21.363  1.00 33.75  ? 176 GLY A N   1 
ATOM   1105 C CA  . GLY A 1 137 ? 4.910   -11.786 22.405  1.00 40.42  ? 176 GLY A CA  1 
ATOM   1106 C C   . GLY A 1 137 ? 4.309   -13.150 22.138  1.00 39.92  ? 176 GLY A C   1 
ATOM   1107 O O   . GLY A 1 137 ? 4.127   -13.892 23.092  1.00 44.89  ? 176 GLY A O   1 
ATOM   1108 N N   . ASP A 1 138 ? 3.938   -13.455 20.895  1.00 37.44  ? 177 ASP A N   1 
ATOM   1109 C CA  . ASP A 1 138 ? 3.237   -14.731 20.590  1.00 33.47  ? 177 ASP A CA  1 
ATOM   1110 C C   . ASP A 1 138 ? 4.295   -15.764 20.237  1.00 31.33  ? 177 ASP A C   1 
ATOM   1111 O O   . ASP A 1 138 ? 5.061   -15.531 19.305  1.00 31.95  ? 177 ASP A O   1 
ATOM   1112 C CB  . ASP A 1 138 ? 2.200   -14.510 19.502  1.00 32.51  ? 177 ASP A CB  1 
ATOM   1113 C CG  . ASP A 1 138 ? 1.514   -15.783 19.087  1.00 33.75  ? 177 ASP A CG  1 
ATOM   1114 O OD1 . ASP A 1 138 ? 1.693   -16.819 19.768  1.00 40.76  ? 177 ASP A OD1 1 
ATOM   1115 O OD2 . ASP A 1 138 ? 0.853   -15.736 18.100  1.00 31.64  ? 177 ASP A OD2 1 
ATOM   1116 N N   . PRO A 1 139 ? 4.433   -16.885 20.997  1.00 33.26  ? 178 PRO A N   1 
ATOM   1117 C CA  . PRO A 1 139 ? 5.426   -17.903 20.667  1.00 33.36  ? 178 PRO A CA  1 
ATOM   1118 C C   . PRO A 1 139 ? 5.167   -18.491 19.262  1.00 30.09  ? 178 PRO A C   1 
ATOM   1119 O O   . PRO A 1 139 ? 6.097   -18.991 18.682  1.00 28.32  ? 178 PRO A O   1 
ATOM   1120 C CB  . PRO A 1 139 ? 5.321   -18.986 21.752  1.00 35.15  ? 178 PRO A CB  1 
ATOM   1121 C CG  . PRO A 1 139 ? 4.127   -18.617 22.613  1.00 33.63  ? 178 PRO A CG  1 
ATOM   1122 C CD  . PRO A 1 139 ? 3.669   -17.233 22.204  1.00 34.47  ? 178 PRO A CD  1 
ATOM   1123 N N   . GLN A 1 140 ? 3.935   -18.402 18.740  1.00 29.30  ? 179 GLN A N   1 
ATOM   1124 C CA  . GLN A 1 140 ? 3.563   -18.932 17.395  1.00 30.72  ? 179 GLN A CA  1 
ATOM   1125 C C   . GLN A 1 140 ? 3.737   -17.857 16.310  1.00 31.49  ? 179 GLN A C   1 
ATOM   1126 O O   . GLN A 1 140 ? 3.557   -18.172 15.100  1.00 31.07  ? 179 GLN A O   1 
ATOM   1127 C CB  . GLN A 1 140 ? 2.135   -19.452 17.411  1.00 32.56  ? 179 GLN A CB  1 
ATOM   1128 C CG  . GLN A 1 140 ? 1.975   -20.709 18.251  1.00 41.12  ? 179 GLN A CG  1 
ATOM   1129 C CD  . GLN A 1 140 ? 0.702   -21.433 17.894  1.00 46.75  ? 179 GLN A CD  1 
ATOM   1130 O OE1 . GLN A 1 140 ? 0.707   -22.635 17.652  1.00 57.10  ? 179 GLN A OE1 1 
ATOM   1131 N NE2 . GLN A 1 140 ? -0.394  -20.695 17.843  1.00 45.48  ? 179 GLN A NE2 1 
ATOM   1132 N N   . ARG A 1 141 ? 4.075   -16.641 16.709  1.00 31.30  ? 180 ARG A N   1 
ATOM   1133 C CA  . ARG A 1 141 ? 4.320   -15.609 15.678  1.00 33.29  ? 180 ARG A CA  1 
ATOM   1134 C C   . ARG A 1 141 ? 3.138   -15.559 14.716  1.00 30.90  ? 180 ARG A C   1 
ATOM   1135 O O   . ARG A 1 141 ? 3.350   -15.295 13.554  1.00 30.62  ? 180 ARG A O   1 
ATOM   1136 C CB  . ARG A 1 141 ? 5.504   -16.075 14.846  1.00 35.85  ? 180 ARG A CB  1 
ATOM   1137 C CG  . ARG A 1 141 ? 6.668   -15.116 14.861  1.00 41.70  ? 180 ARG A CG  1 
ATOM   1138 C CD  . ARG A 1 141 ? 7.522   -15.513 16.019  1.00 48.17  ? 180 ARG A CD  1 
ATOM   1139 N NE  . ARG A 1 141 ? 8.441   -16.615 15.852  1.00 51.02  ? 180 ARG A NE  1 
ATOM   1140 C CZ  . ARG A 1 141 ? 8.758   -17.240 14.748  1.00 62.02  ? 180 ARG A CZ  1 
ATOM   1141 N NH1 . ARG A 1 141 ? 9.599   -18.239 14.828  1.00 64.78  ? 180 ARG A NH1 1 
ATOM   1142 N NH2 . ARG A 1 141 ? 8.265   -16.900 13.582  1.00 71.15  ? 180 ARG A NH2 1 
ATOM   1143 N N   A MET A 1 142 ? 1.930   -15.546 15.252  0.25 30.56  ? 181 MET A N   1 
ATOM   1144 N N   B MET A 1 142 ? 1.942   -15.481 15.297  0.25 31.82  ? 181 MET A N   1 
ATOM   1145 C CA  A MET A 1 142 ? 0.719   -15.554 14.393  0.25 30.71  ? 181 MET A CA  1 
ATOM   1146 C CA  B MET A 1 142 ? 0.673   -15.398 14.532  0.25 32.93  ? 181 MET A CA  1 
ATOM   1147 C C   A MET A 1 142 ? 0.647   -14.209 13.664  0.25 29.39  ? 181 MET A C   1 
ATOM   1148 C C   B MET A 1 142 ? 0.652   -14.066 13.781  0.25 30.91  ? 181 MET A C   1 
ATOM   1149 O O   A MET A 1 142 ? 0.755   -13.173 14.334  0.25 27.60  ? 181 MET A O   1 
ATOM   1150 O O   B MET A 1 142 ? 0.949   -13.032 14.399  0.25 30.00  ? 181 MET A O   1 
ATOM   1151 C CB  A MET A 1 142 ? -0.566  -15.766 15.198  0.25 30.87  ? 181 MET A CB  1 
ATOM   1152 C CB  B MET A 1 142 ? -0.545  -15.491 15.453  0.25 34.45  ? 181 MET A CB  1 
ATOM   1153 C CG  A MET A 1 142 ? -1.826  -15.745 14.332  0.25 31.97  ? 181 MET A CG  1 
ATOM   1154 C CG  B MET A 1 142 ? -1.868  -15.579 14.706  0.25 36.98  ? 181 MET A CG  1 
ATOM   1155 S SD  A MET A 1 142 ? -3.354  -15.817 15.311  0.25 33.06  ? 181 MET A SD  1 
ATOM   1156 S SD  B MET A 1 142 ? -2.529  -13.965 14.214  0.25 39.69  ? 181 MET A SD  1 
ATOM   1157 C CE  A MET A 1 142 ? -4.588  -15.438 14.073  0.25 30.85  ? 181 MET A CE  1 
ATOM   1158 C CE  B MET A 1 142 ? -3.388  -13.480 15.713  0.25 39.59  ? 181 MET A CE  1 
ATOM   1159 N N   A ILE A 1 143 ? 0.514   -14.245 12.338  0.25 28.97  ? 182 ILE A N   1 
ATOM   1160 N N   B ILE A 1 143 ? 0.354   -14.118 12.484  0.25 30.23  ? 182 ILE A N   1 
ATOM   1161 C CA  A ILE A 1 143 ? 0.307   -13.031 11.497  0.25 28.57  ? 182 ILE A CA  1 
ATOM   1162 C CA  B ILE A 1 143 ? 0.255   -12.930 11.592  0.25 29.09  ? 182 ILE A CA  1 
ATOM   1163 C C   A ILE A 1 143 ? -0.970  -13.233 10.678  0.25 28.18  ? 182 ILE A C   1 
ATOM   1164 C C   B ILE A 1 143 ? -0.910  -13.173 10.633  0.25 28.96  ? 182 ILE A C   1 
ATOM   1165 O O   A ILE A 1 143 ? -1.251  -14.391 10.280  0.25 26.93  ? 182 ILE A O   1 
ATOM   1166 O O   B ILE A 1 143 ? -1.028  -14.309 10.112  0.25 28.23  ? 182 ILE A O   1 
ATOM   1167 C CB  A ILE A 1 143 ? 1.543   -12.749 10.622  0.25 28.05  ? 182 ILE A CB  1 
ATOM   1168 C CB  B ILE A 1 143 ? 1.592   -12.689 10.864  0.25 27.80  ? 182 ILE A CB  1 
ATOM   1169 C CG1 A ILE A 1 143 ? 2.805   -12.577 11.474  0.25 28.79  ? 182 ILE A CG1 1 
ATOM   1170 C CG1 B ILE A 1 143 ? 1.565   -11.444 9.972   0.25 27.94  ? 182 ILE A CG1 1 
ATOM   1171 C CG2 A ILE A 1 143 ? 1.304   -11.544 9.722   0.25 28.44  ? 182 ILE A CG2 1 
ATOM   1172 C CG2 B ILE A 1 143 ? 2.007   -13.930 10.094  0.25 27.89  ? 182 ILE A CG2 1 
ATOM   1173 C CD1 A ILE A 1 143 ? 4.095   -12.846 10.735  0.25 28.54  ? 182 ILE A CD1 1 
ATOM   1174 C CD1 B ILE A 1 143 ? 2.945   -10.967 9.559   0.25 27.43  ? 182 ILE A CD1 1 
ATOM   1175 N N   A THR A 1 144 ? -1.724  -12.150 10.481  0.25 27.22  ? 183 THR A N   1 
ATOM   1176 N N   B THR A 1 144 ? -1.757  -12.159 10.458  0.25 27.94  ? 183 THR A N   1 
ATOM   1177 C CA  A THR A 1 144 ? -2.878  -12.069 9.551   0.25 27.88  ? 183 THR A CA  1 
ATOM   1178 C CA  B THR A 1 144 ? -2.879  -12.152 9.488   0.25 28.62  ? 183 THR A CA  1 
ATOM   1179 C C   A THR A 1 144 ? -2.508  -11.112 8.416   0.25 27.30  ? 183 THR A C   1 
ATOM   1180 C C   B THR A 1 144 ? -2.574  -11.101 8.420   0.25 27.81  ? 183 THR A C   1 
ATOM   1181 O O   A THR A 1 144 ? -1.877  -10.078 8.700   0.25 28.15  ? 183 THR A O   1 
ATOM   1182 O O   B THR A 1 144 ? -2.419  -9.927  8.783   0.25 29.44  ? 183 THR A O   1 
ATOM   1183 C CB  A THR A 1 144 ? -4.162  -11.630 10.265  0.25 28.17  ? 183 THR A CB  1 
ATOM   1184 C CB  B THR A 1 144 ? -4.222  -11.909 10.184  0.25 28.79  ? 183 THR A CB  1 
ATOM   1185 O OG1 A THR A 1 144 ? -4.033  -10.254 10.620  0.25 28.12  ? 183 THR A OG1 1 
ATOM   1186 O OG1 B THR A 1 144 ? -4.286  -12.758 11.330  0.25 29.47  ? 183 THR A OG1 1 
ATOM   1187 C CG2 A THR A 1 144 ? -4.459  -12.448 11.502  0.25 28.45  ? 183 THR A CG2 1 
ATOM   1188 C CG2 B THR A 1 144 ? -5.410  -12.188 9.292   0.25 28.99  ? 183 THR A CG2 1 
ATOM   1189 N N   A SER A 1 145 ? -2.865  -11.465 7.181   0.25 26.72  ? 184 SER A N   1 
ATOM   1190 N N   B SER A 1 145 ? -2.452  -11.533 7.164   0.25 26.65  ? 184 SER A N   1 
ATOM   1191 C CA  A SER A 1 145 ? -2.592  -10.655 5.968   0.25 26.82  ? 184 SER A CA  1 
ATOM   1192 C CA  B SER A 1 145 ? -2.240  -10.663 5.982   0.25 26.31  ? 184 SER A CA  1 
ATOM   1193 C C   A SER A 1 145 ? -3.897  -10.385 5.215   0.25 26.37  ? 184 SER A C   1 
ATOM   1194 C C   B SER A 1 145 ? -3.597  -10.332 5.355   0.25 26.42  ? 184 SER A C   1 
ATOM   1195 O O   A SER A 1 145 ? -4.596  -11.360 4.865   0.25 24.83  ? 184 SER A O   1 
ATOM   1196 O O   B SER A 1 145 ? -4.516  -11.172 5.445   0.25 24.63  ? 184 SER A O   1 
ATOM   1197 C CB  A SER A 1 145 ? -1.585  -11.326 5.081   0.25 26.42  ? 184 SER A CB  1 
ATOM   1198 C CB  B SER A 1 145 ? -1.324  -11.310 4.983   0.25 25.88  ? 184 SER A CB  1 
ATOM   1199 O OG  A SER A 1 145 ? -0.329  -11.409 5.735   0.25 27.28  ? 184 SER A OG  1 
ATOM   1200 O OG  B SER A 1 145 ? -1.824  -12.577 4.584   0.25 25.90  ? 184 SER A OG  1 
ATOM   1201 N N   A HIS A 1 146 ? -4.194  -9.103  4.991   0.25 25.62  ? 185 HIS A N   1 
ATOM   1202 N N   B HIS A 1 146 ? -3.698  -9.153  4.738   0.25 25.79  ? 185 HIS A N   1 
ATOM   1203 C CA  A HIS A 1 146 ? -5.263  -8.617  4.083   0.25 25.48  ? 185 HIS A CA  1 
ATOM   1204 C CA  B HIS A 1 146 ? -4.934  -8.611  4.119   0.25 25.58  ? 185 HIS A CA  1 
ATOM   1205 C C   A HIS A 1 146 ? -4.619  -7.891  2.896   0.25 25.88  ? 185 HIS A C   1 
ATOM   1206 C C   B HIS A 1 146 ? -4.548  -7.840  2.855   0.25 25.99  ? 185 HIS A C   1 
ATOM   1207 O O   A HIS A 1 146 ? -3.673  -7.107  3.113   0.25 26.07  ? 185 HIS A O   1 
ATOM   1208 O O   B HIS A 1 146 ? -3.709  -6.924  2.976   0.25 26.32  ? 185 HIS A O   1 
ATOM   1209 C CB  A HIS A 1 146 ? -6.267  -7.744  4.851   0.25 25.24  ? 185 HIS A CB  1 
ATOM   1210 C CB  B HIS A 1 146 ? -5.660  -7.718  5.132   0.25 25.44  ? 185 HIS A CB  1 
ATOM   1211 C CG  A HIS A 1 146 ? -7.079  -8.519  5.833   0.25 24.17  ? 185 HIS A CG  1 
ATOM   1212 C CG  B HIS A 1 146 ? -5.663  -8.267  6.522   0.25 24.14  ? 185 HIS A CG  1 
ATOM   1213 N ND1 A HIS A 1 146 ? -8.301  -9.077  5.506   0.25 24.02  ? 185 HIS A ND1 1 
ATOM   1214 N ND1 B HIS A 1 146 ? -4.582  -8.113  7.387   0.25 23.66  ? 185 HIS A ND1 1 
ATOM   1215 C CD2 A HIS A 1 146 ? -6.851  -8.835  7.121   0.25 24.16  ? 185 HIS A CD2 1 
ATOM   1216 C CD2 B HIS A 1 146 ? -6.609  -8.941  7.207   0.25 23.93  ? 185 HIS A CD2 1 
ATOM   1217 C CE1 A HIS A 1 146 ? -8.783  -9.705  6.553   0.25 24.52  ? 185 HIS A CE1 1 
ATOM   1218 C CE1 B HIS A 1 146 ? -4.864  -8.685  8.539   0.25 23.76  ? 185 HIS A CE1 1 
ATOM   1219 N NE2 A HIS A 1 146 ? -7.920  -9.569  7.558   0.25 24.13  ? 185 HIS A NE2 1 
ATOM   1220 N NE2 B HIS A 1 146 ? -6.108  -9.202  8.460   0.25 23.12  ? 185 HIS A NE2 1 
ATOM   1221 N N   . CYS A 1 147 ? -5.115  -8.186  1.692   1.00 26.14  ? 186 CYS A N   1 
ATOM   1222 C CA  . CYS A 1 147 ? -4.787  -7.479  0.422   1.00 30.43  ? 186 CYS A CA  1 
ATOM   1223 C C   . CYS A 1 147 ? -5.926  -6.516  0.074   1.00 30.36  ? 186 CYS A C   1 
ATOM   1224 O O   . CYS A 1 147 ? -7.083  -6.861  0.345   1.00 28.83  ? 186 CYS A O   1 
ATOM   1225 C CB  . CYS A 1 147 ? -4.567  -8.477  -0.714  1.00 31.98  ? 186 CYS A CB  1 
ATOM   1226 S SG  . CYS A 1 147 ? -3.110  -9.511  -0.433  1.00 35.10  ? 186 CYS A SG  1 
ATOM   1227 N N   . PHE A 1 148 ? -5.619  -5.381  -0.555  1.00 28.42  ? 187 PHE A N   1 
ATOM   1228 C CA  . PHE A 1 148 ? -6.636  -4.380  -0.951  1.00 30.00  ? 187 PHE A CA  1 
ATOM   1229 C C   . PHE A 1 148 ? -6.597  -4.137  -2.457  1.00 30.22  ? 187 PHE A C   1 
ATOM   1230 O O   . PHE A 1 148 ? -5.872  -3.268  -2.930  1.00 29.57  ? 187 PHE A O   1 
ATOM   1231 C CB  . PHE A 1 148 ? -6.409  -3.116  -0.138  1.00 27.93  ? 187 PHE A CB  1 
ATOM   1232 C CG  . PHE A 1 148 ? -6.451  -3.413  1.323   1.00 29.10  ? 187 PHE A CG  1 
ATOM   1233 C CD1 . PHE A 1 148 ? -7.665  -3.459  1.993   1.00 29.22  ? 187 PHE A CD1 1 
ATOM   1234 C CD2 . PHE A 1 148 ? -5.291  -3.791  1.980   1.00 26.78  ? 187 PHE A CD2 1 
ATOM   1235 C CE1 . PHE A 1 148 ? -7.700  -3.809  3.332   1.00 28.60  ? 187 PHE A CE1 1 
ATOM   1236 C CE2 . PHE A 1 148 ? -5.341  -4.178  3.308   1.00 27.42  ? 187 PHE A CE2 1 
ATOM   1237 C CZ  . PHE A 1 148 ? -6.537  -4.146  3.983   1.00 29.23  ? 187 PHE A CZ  1 
ATOM   1238 N N   . PRO A 1 149 ? -7.402  -4.885  -3.237  1.00 34.60  ? 188 PRO A N   1 
ATOM   1239 C CA  . PRO A 1 149 ? -7.319  -4.835  -4.696  1.00 33.32  ? 188 PRO A CA  1 
ATOM   1240 C C   . PRO A 1 149 ? -7.789  -3.480  -5.242  1.00 31.45  ? 188 PRO A C   1 
ATOM   1241 O O   . PRO A 1 149 ? -7.317  -3.113  -6.289  1.00 31.33  ? 188 PRO A O   1 
ATOM   1242 C CB  . PRO A 1 149 ? -8.226  -5.984  -5.149  1.00 35.55  ? 188 PRO A CB  1 
ATOM   1243 C CG  . PRO A 1 149 ? -9.244  -6.107  -4.035  1.00 38.62  ? 188 PRO A CG  1 
ATOM   1244 C CD  . PRO A 1 149 ? -8.466  -5.789  -2.767  1.00 39.19  ? 188 PRO A CD  1 
ATOM   1245 N N   . GLU A 1 150 ? -8.665  -2.774  -4.523  1.00 32.97  ? 189 GLU A N   1 
ATOM   1246 C CA  . GLU A 1 150 ? -9.120  -1.394  -4.868  1.00 31.63  ? 189 GLU A CA  1 
ATOM   1247 C C   . GLU A 1 150 ? -7.931  -0.410  -4.929  1.00 28.39  ? 189 GLU A C   1 
ATOM   1248 O O   . GLU A 1 150 ? -8.020  0.607   -5.645  1.00 30.49  ? 189 GLU A O   1 
ATOM   1249 C CB  . GLU A 1 150 ? -10.113 -0.890  -3.824  1.00 38.79  ? 189 GLU A CB  1 
ATOM   1250 C CG  . GLU A 1 150 ? -11.380 -1.717  -3.725  1.00 41.83  ? 189 GLU A CG  1 
ATOM   1251 C CD  . GLU A 1 150 ? -11.382 -2.693  -2.556  1.00 43.27  ? 189 GLU A CD  1 
ATOM   1252 O OE1 . GLU A 1 150 ? -12.476 -2.936  -2.027  1.00 50.28  ? 189 GLU A OE1 1 
ATOM   1253 O OE2 . GLU A 1 150 ? -10.298 -3.195  -2.169  1.00 45.03  ? 189 GLU A OE2 1 
ATOM   1254 N N   . THR A 1 151 ? -6.842  -0.705  -4.219  1.00 26.08  ? 190 THR A N   1 
ATOM   1255 C CA  . THR A 1 151 ? -5.677  0.193   -4.018  1.00 25.64  ? 190 THR A CA  1 
ATOM   1256 C C   . THR A 1 151 ? -4.542  -0.157  -4.977  1.00 25.21  ? 190 THR A C   1 
ATOM   1257 O O   . THR A 1 151 ? -3.496  0.466   -4.841  1.00 26.32  ? 190 THR A O   1 
ATOM   1258 C CB  . THR A 1 151 ? -5.194  0.123   -2.557  1.00 26.01  ? 190 THR A CB  1 
ATOM   1259 O OG1 . THR A 1 151 ? -4.646  -1.156  -2.261  1.00 23.16  ? 190 THR A OG1 1 
ATOM   1260 C CG2 . THR A 1 151 ? -6.295  0.349   -1.546  1.00 23.89  ? 190 THR A CG2 1 
ATOM   1261 N N   . GLN A 1 152 ? -4.738  -1.058  -5.954  1.00 29.00  ? 191 GLN A N   1 
ATOM   1262 C CA  . GLN A 1 152 ? -3.676  -1.384  -6.946  1.00 29.77  ? 191 GLN A CA  1 
ATOM   1263 C C   . GLN A 1 152 ? -3.262  -0.092  -7.643  1.00 30.42  ? 191 GLN A C   1 
ATOM   1264 O O   . GLN A 1 152 ? -4.141  0.750   -7.967  1.00 31.89  ? 191 GLN A O   1 
ATOM   1265 C CB  . GLN A 1 152 ? -4.142  -2.373  -8.019  1.00 33.82  ? 191 GLN A CB  1 
ATOM   1266 C CG  . GLN A 1 152 ? -4.165  -3.814  -7.542  1.00 36.91  ? 191 GLN A CG  1 
ATOM   1267 C CD  . GLN A 1 152 ? -4.986  -4.695  -8.441  1.00 40.77  ? 191 GLN A CD  1 
ATOM   1268 O OE1 . GLN A 1 152 ? -5.446  -4.283  -9.515  1.00 42.81  ? 191 GLN A OE1 1 
ATOM   1269 N NE2 . GLN A 1 152 ? -5.199  -5.915  -7.982  1.00 42.57  ? 191 GLN A NE2 1 
ATOM   1270 N N   . PHE A 1 153 ? -1.982  0.054   -7.920  1.00 29.37  ? 192 PHE A N   1 
ATOM   1271 C CA  . PHE A 1 153 ? -1.490  1.194   -8.718  1.00 27.77  ? 192 PHE A CA  1 
ATOM   1272 C C   . PHE A 1 153 ? -0.270  0.762   -9.517  1.00 28.13  ? 192 PHE A C   1 
ATOM   1273 O O   . PHE A 1 153 ? 0.387   -0.255  -9.152  1.00 26.93  ? 192 PHE A O   1 
ATOM   1274 C CB  . PHE A 1 153 ? -1.160  2.364   -7.787  1.00 28.59  ? 192 PHE A CB  1 
ATOM   1275 C CG  . PHE A 1 153 ? -0.085  2.055   -6.785  1.00 25.72  ? 192 PHE A CG  1 
ATOM   1276 C CD1 . PHE A 1 153 ? 1.242   2.232   -7.112  1.00 26.83  ? 192 PHE A CD1 1 
ATOM   1277 C CD2 . PHE A 1 153 ? -0.402  1.562   -5.524  1.00 26.20  ? 192 PHE A CD2 1 
ATOM   1278 C CE1 . PHE A 1 153 ? 2.238   1.938   -6.199  1.00 24.74  ? 192 PHE A CE1 1 
ATOM   1279 C CE2 . PHE A 1 153 ? 0.597   1.251   -4.610  1.00 25.86  ? 192 PHE A CE2 1 
ATOM   1280 C CZ  . PHE A 1 153 ? 1.920   1.418   -4.960  1.00 26.07  ? 192 PHE A CZ  1 
ATOM   1281 N N   . ILE A 1 154 ? 0.090   1.574   -10.508 1.00 25.67  ? 193 ILE A N   1 
ATOM   1282 C CA  . ILE A 1 154 ? 1.406   1.464   -11.164 1.00 25.71  ? 193 ILE A CA  1 
ATOM   1283 C C   . ILE A 1 154 ? 2.321   2.525   -10.567 1.00 26.64  ? 193 ILE A C   1 
ATOM   1284 O O   . ILE A 1 154 ? 1.907   3.691   -10.519 1.00 28.43  ? 193 ILE A O   1 
ATOM   1285 C CB  . ILE A 1 154 ? 1.241   1.586   -12.686 1.00 30.23  ? 193 ILE A CB  1 
ATOM   1286 C CG1 . ILE A 1 154 ? 0.315   0.474   -13.197 1.00 30.27  ? 193 ILE A CG1 1 
ATOM   1287 C CG2 . ILE A 1 154 ? 2.614   1.580   -13.352 1.00 31.40  ? 193 ILE A CG2 1 
ATOM   1288 C CD1 . ILE A 1 154 ? 0.022   0.550   -14.660 1.00 30.36  ? 193 ILE A CD1 1 
ATOM   1289 N N   . ALA A 1 155 ? 3.524   2.123   -10.158 1.00 28.15  ? 194 ALA A N   1 
ATOM   1290 C CA  . ALA A 1 155 ? 4.622   3.004   -9.723  1.00 30.22  ? 194 ALA A CA  1 
ATOM   1291 C C   . ALA A 1 155 ? 5.105   3.776   -10.946 1.00 34.14  ? 194 ALA A C   1 
ATOM   1292 O O   . ALA A 1 155 ? 5.292   3.126   -11.977 1.00 33.78  ? 194 ALA A O   1 
ATOM   1293 C CB  . ALA A 1 155 ? 5.747   2.211   -9.131  1.00 32.51  ? 194 ALA A CB  1 
ATOM   1294 N N   . VAL A 1 156 ? 5.268   5.095   -10.839 1.00 30.31  ? 195 VAL A N   1 
ATOM   1295 C CA  . VAL A 1 156 ? 5.699   5.930   -11.997 1.00 32.55  ? 195 VAL A CA  1 
ATOM   1296 C C   . VAL A 1 156 ? 6.676   6.992   -11.481 1.00 33.75  ? 195 VAL A C   1 
ATOM   1297 O O   . VAL A 1 156 ? 6.545   7.413   -10.340 1.00 29.19  ? 195 VAL A O   1 
ATOM   1298 C CB  . VAL A 1 156 ? 4.491   6.569   -12.717 1.00 34.14  ? 195 VAL A CB  1 
ATOM   1299 C CG1 . VAL A 1 156 ? 3.546   5.524   -13.292 1.00 32.44  ? 195 VAL A CG1 1 
ATOM   1300 C CG2 . VAL A 1 156 ? 3.721   7.539   -11.826 1.00 31.87  ? 195 VAL A CG2 1 
ATOM   1301 N N   . THR A 1 157 ? 7.610   7.438   -12.313 1.00 34.31  ? 196 THR A N   1 
ATOM   1302 C CA  . THR A 1 157 ? 8.511   8.564   -11.973 1.00 34.22  ? 196 THR A CA  1 
ATOM   1303 C C   . THR A 1 157 ? 7.804   9.875   -12.358 1.00 32.68  ? 196 THR A C   1 
ATOM   1304 O O   . THR A 1 157 ? 8.219   10.903  -11.887 1.00 35.43  ? 196 THR A O   1 
ATOM   1305 C CB  . THR A 1 157 ? 9.885   8.337   -12.611 1.00 39.10  ? 196 THR A CB  1 
ATOM   1306 O OG1 . THR A 1 157 ? 9.672   8.218   -14.017 1.00 38.07  ? 196 THR A OG1 1 
ATOM   1307 C CG2 . THR A 1 157 ? 10.573  7.110   -12.066 1.00 41.97  ? 196 THR A CG2 1 
ATOM   1308 N N   . ALA A 1 158 ? 6.735   9.810   -13.148 1.00 30.82  ? 197 ALA A N   1 
ATOM   1309 C CA  . ALA A 1 158 ? 5.913   10.959  -13.568 1.00 33.04  ? 197 ALA A CA  1 
ATOM   1310 C C   . ALA A 1 158 ? 4.567   10.395  -13.980 1.00 32.34  ? 197 ALA A C   1 
ATOM   1311 O O   . ALA A 1 158 ? 4.539   9.285   -14.556 1.00 37.00  ? 197 ALA A O   1 
ATOM   1312 C CB  . ALA A 1 158 ? 6.572   11.757  -14.689 1.00 31.87  ? 197 ALA A CB  1 
ATOM   1313 N N   . TYR A 1 159 ? 3.491   11.117  -13.703 1.00 34.41  ? 198 TYR A N   1 
ATOM   1314 C CA  . TYR A 1 159 ? 2.130   10.706  -14.131 1.00 32.50  ? 198 TYR A CA  1 
ATOM   1315 C C   . TYR A 1 159 ? 2.104   10.566  -15.646 1.00 34.33  ? 198 TYR A C   1 
ATOM   1316 O O   . TYR A 1 159 ? 2.575   11.473  -16.322 1.00 34.95  ? 198 TYR A O   1 
ATOM   1317 C CB  . TYR A 1 159 ? 1.080   11.704  -13.664 1.00 33.50  ? 198 TYR A CB  1 
ATOM   1318 C CG  . TYR A 1 159 ? 0.899   11.704  -12.172 1.00 36.17  ? 198 TYR A CG  1 
ATOM   1319 C CD1 . TYR A 1 159 ? 0.717   10.512  -11.480 1.00 33.03  ? 198 TYR A CD1 1 
ATOM   1320 C CD2 . TYR A 1 159 ? 0.885   12.890  -11.452 1.00 35.45  ? 198 TYR A CD2 1 
ATOM   1321 C CE1 . TYR A 1 159 ? 0.543   10.496  -10.107 1.00 33.89  ? 198 TYR A CE1 1 
ATOM   1322 C CE2 . TYR A 1 159 ? 0.694   12.893  -10.080 1.00 36.51  ? 198 TYR A CE2 1 
ATOM   1323 C CZ  . TYR A 1 159 ? 0.527   11.689  -9.407  1.00 37.48  ? 198 TYR A CZ  1 
ATOM   1324 O OH  . TYR A 1 159 ? 0.373   11.649  -8.057  1.00 33.80  ? 198 TYR A OH  1 
ATOM   1325 N N   . GLN A 1 160 ? 1.491   9.490   -16.141 1.00 31.26  ? 199 GLN A N   1 
ATOM   1326 C CA  . GLN A 1 160 ? 1.287   9.224   -17.576 1.00 31.57  ? 199 GLN A CA  1 
ATOM   1327 C C   . GLN A 1 160 ? -0.095  9.706   -18.019 1.00 31.36  ? 199 GLN A C   1 
ATOM   1328 O O   . GLN A 1 160 ? -0.186  10.316  -19.084 1.00 34.73  ? 199 GLN A O   1 
ATOM   1329 C CB  . GLN A 1 160 ? 1.450   7.725   -17.799 1.00 32.89  ? 199 GLN A CB  1 
ATOM   1330 C CG  . GLN A 1 160 ? 2.769   7.228   -17.241 1.00 32.63  ? 199 GLN A CG  1 
ATOM   1331 C CD  . GLN A 1 160 ? 3.881   7.744   -18.109 1.00 37.38  ? 199 GLN A CD  1 
ATOM   1332 O OE1 . GLN A 1 160 ? 3.941   7.425   -19.289 1.00 39.28  ? 199 GLN A OE1 1 
ATOM   1333 N NE2 . GLN A 1 160 ? 4.756   8.554   -17.540 1.00 37.87  ? 199 GLN A NE2 1 
ATOM   1334 N N   . ASN A 1 161 ? -1.127  9.389   -17.247 1.00 29.87  ? 200 ASN A N   1 
ATOM   1335 C CA  . ASN A 1 161 ? -2.529  9.761   -17.497 1.00 28.49  ? 200 ASN A CA  1 
ATOM   1336 C C   . ASN A 1 161 ? -2.773  11.174  -16.949 1.00 34.10  ? 200 ASN A C   1 
ATOM   1337 O O   . ASN A 1 161 ? -2.756  11.328  -15.689 1.00 28.41  ? 200 ASN A O   1 
ATOM   1338 C CB  . ASN A 1 161 ? -3.455  8.730   -16.866 1.00 29.60  ? 200 ASN A CB  1 
ATOM   1339 C CG  . ASN A 1 161 ? -4.874  8.830   -17.365 1.00 30.91  ? 200 ASN A CG  1 
ATOM   1340 O OD1 . ASN A 1 161 ? -5.223  9.796   -18.046 1.00 34.44  ? 200 ASN A OD1 1 
ATOM   1341 N ND2 . ASN A 1 161 ? -5.664  7.813   -17.080 1.00 29.48  ? 200 ASN A ND2 1 
ATOM   1342 N N   . GLU A 1 162 ? -3.042  12.158  -17.832 1.00 32.44  ? 201 GLU A N   1 
ATOM   1343 C CA  . GLU A 1 162 ? -3.301  13.568  -17.413 1.00 34.62  ? 201 GLU A CA  1 
ATOM   1344 C C   . GLU A 1 162 ? -4.546  13.626  -16.521 1.00 31.55  ? 201 GLU A C   1 
ATOM   1345 O O   . GLU A 1 162 ? -4.633  14.560  -15.718 1.00 33.58  ? 201 GLU A O   1 
ATOM   1346 C CB  . GLU A 1 162 ? -3.497  14.517  -18.597 1.00 38.69  ? 201 GLU A CB  1 
ATOM   1347 C CG  . GLU A 1 162 ? -4.842  14.381  -19.292 1.00 43.86  ? 201 GLU A CG  1 
ATOM   1348 C CD  . GLU A 1 162 ? -5.077  13.095  -20.078 1.00 55.38  ? 201 GLU A CD  1 
ATOM   1349 O OE1 . GLU A 1 162 ? -6.241  12.855  -20.478 1.00 62.33  ? 201 GLU A OE1 1 
ATOM   1350 O OE2 . GLU A 1 162 ? -4.099  12.328  -20.303 1.00 60.01  ? 201 GLU A OE2 1 
ATOM   1351 N N   . GLU A 1 163 ? -5.463  12.681  -16.695 1.00 28.57  ? 202 GLU A N   1 
ATOM   1352 C CA  . GLU A 1 163 ? -6.680  12.491  -15.867 1.00 31.72  ? 202 GLU A CA  1 
ATOM   1353 C C   . GLU A 1 163 ? -6.364  12.088  -14.423 1.00 31.48  ? 202 GLU A C   1 
ATOM   1354 O O   . GLU A 1 163 ? -7.188  12.448  -13.544 1.00 31.67  ? 202 GLU A O   1 
ATOM   1355 C CB  . GLU A 1 163 ? -7.569  11.396  -16.438 1.00 34.90  ? 202 GLU A CB  1 
ATOM   1356 C CG  . GLU A 1 163 ? -8.439  11.863  -17.586 1.00 42.76  ? 202 GLU A CG  1 
ATOM   1357 C CD  . GLU A 1 163 ? -9.540  10.873  -17.900 1.00 43.84  ? 202 GLU A CD  1 
ATOM   1358 O OE1 . GLU A 1 163 ? -10.703 11.264  -17.890 1.00 52.14  ? 202 GLU A OE1 1 
ATOM   1359 O OE2 . GLU A 1 163 ? -9.221  9.704   -18.119 1.00 57.07  ? 202 GLU A OE2 1 
ATOM   1360 N N   . ILE A 1 164 ? -5.304  11.301  -14.211 1.00 29.85  ? 203 ILE A N   1 
ATOM   1361 C CA  . ILE A 1 164 ? -4.792  10.939  -12.857 1.00 29.34  ? 203 ILE A CA  1 
ATOM   1362 C C   . ILE A 1 164 ? -4.186  12.204  -12.259 1.00 31.32  ? 203 ILE A C   1 
ATOM   1363 O O   . ILE A 1 164 ? -4.513  12.516  -11.105 1.00 30.08  ? 203 ILE A O   1 
ATOM   1364 C CB  . ILE A 1 164 ? -3.797  9.755   -12.887 1.00 29.32  ? 203 ILE A CB  1 
ATOM   1365 C CG1 . ILE A 1 164 ? -4.531  8.421   -13.066 1.00 30.42  ? 203 ILE A CG1 1 
ATOM   1366 C CG2 . ILE A 1 164 ? -2.923  9.740   -11.641 1.00 30.84  ? 203 ILE A CG2 1 
ATOM   1367 C CD1 . ILE A 1 164 ? -5.481  8.085   -11.922 1.00 32.91  ? 203 ILE A CD1 1 
ATOM   1368 N N   . THR A 1 165 ? -3.386  12.934  -13.031 1.00 30.62  ? 204 THR A N   1 
ATOM   1369 C CA  . THR A 1 165 ? -2.813  14.215  -12.579 1.00 33.41  ? 204 THR A CA  1 
ATOM   1370 C C   . THR A 1 165 ? -3.960  15.084  -12.068 1.00 29.86  ? 204 THR A C   1 
ATOM   1371 O O   . THR A 1 165 ? -3.830  15.600  -10.964 1.00 32.72  ? 204 THR A O   1 
ATOM   1372 C CB  . THR A 1 165 ? -1.985  14.881  -13.679 1.00 36.00  ? 204 THR A CB  1 
ATOM   1373 O OG1 . THR A 1 165 ? -1.015  13.914  -14.088 1.00 35.96  ? 204 THR A OG1 1 
ATOM   1374 C CG2 . THR A 1 165 ? -1.316  16.152  -13.199 1.00 38.12  ? 204 THR A CG2 1 
ATOM   1375 N N   . ALA A 1 166 ? -5.068  15.141  -12.798 1.00 29.83  ? 205 ALA A N   1 
ATOM   1376 C CA  . ALA A 1 166 ? -6.222  16.011  -12.485 1.00 34.24  ? 205 ALA A CA  1 
ATOM   1377 C C   . ALA A 1 166 ? -6.938  15.472  -11.239 1.00 34.07  ? 205 ALA A C   1 
ATOM   1378 O O   . ALA A 1 166 ? -7.256  16.266  -10.370 1.00 30.34  ? 205 ALA A O   1 
ATOM   1379 C CB  . ALA A 1 166 ? -7.149  16.099  -13.673 1.00 33.97  ? 205 ALA A CB  1 
ATOM   1380 N N   . LEU A 1 167 ? -7.203  14.165  -11.174 1.00 33.59  ? 206 LEU A N   1 
ATOM   1381 C CA  . LEU A 1 167 ? -7.865  13.545  -9.993  1.00 33.18  ? 206 LEU A CA  1 
ATOM   1382 C C   . LEU A 1 167 ? -7.033  13.820  -8.733  1.00 30.96  ? 206 LEU A C   1 
ATOM   1383 O O   . LEU A 1 167 ? -7.624  14.128  -7.669  1.00 29.71  ? 206 LEU A O   1 
ATOM   1384 C CB  . LEU A 1 167 ? -7.999  12.035  -10.203 1.00 35.34  ? 206 LEU A CB  1 
ATOM   1385 C CG  . LEU A 1 167 ? -9.389  11.437  -10.391 1.00 40.64  ? 206 LEU A CG  1 
ATOM   1386 C CD1 . LEU A 1 167 ? -9.509  10.119  -9.635  1.00 42.98  ? 206 LEU A CD1 1 
ATOM   1387 C CD2 . LEU A 1 167 ? -10.509 12.363  -10.005 1.00 37.91  ? 206 LEU A CD2 1 
ATOM   1388 N N   . LYS A 1 168 ? -5.708  13.688  -8.820  1.00 30.84  ? 207 LYS A N   1 
ATOM   1389 C CA  . LYS A 1 168 ? -4.810  13.890  -7.651  1.00 30.96  ? 207 LYS A CA  1 
ATOM   1390 C C   . LYS A 1 168 ? -4.988  15.319  -7.114  1.00 35.64  ? 207 LYS A C   1 
ATOM   1391 O O   . LYS A 1 168 ? -5.030  15.503  -5.871  1.00 36.03  ? 207 LYS A O   1 
ATOM   1392 C CB  . LYS A 1 168 ? -3.349  13.589  -8.004  1.00 32.19  ? 207 LYS A CB  1 
ATOM   1393 C CG  . LYS A 1 168 ? -3.068  12.146  -8.403  1.00 31.85  ? 207 LYS A CG  1 
ATOM   1394 C CD  . LYS A 1 168 ? -2.645  11.227  -7.276  1.00 32.66  ? 207 LYS A CD  1 
ATOM   1395 C CE  . LYS A 1 168 ? -2.589  9.783   -7.749  1.00 32.86  ? 207 LYS A CE  1 
ATOM   1396 N NZ  . LYS A 1 168 ? -1.601  8.997   -6.979  1.00 31.22  ? 207 LYS A NZ  1 
ATOM   1397 N N   . ILE A 1 169 ? -5.120  16.302  -7.998  1.00 37.82  ? 208 ILE A N   1 
ATOM   1398 C CA  . ILE A 1 169 ? -5.256  17.732  -7.601  1.00 38.70  ? 208 ILE A CA  1 
ATOM   1399 C C   . ILE A 1 169 ? -6.677  17.942  -7.077  1.00 37.50  ? 208 ILE A C   1 
ATOM   1400 O O   . ILE A 1 169 ? -6.806  18.606  -6.042  1.00 38.18  ? 208 ILE A O   1 
ATOM   1401 C CB  . ILE A 1 169 ? -4.892  18.657  -8.777  1.00 40.88  ? 208 ILE A CB  1 
ATOM   1402 C CG1 . ILE A 1 169 ? -3.385  18.624  -9.028  1.00 44.13  ? 208 ILE A CG1 1 
ATOM   1403 C CG2 . ILE A 1 169 ? -5.390  20.072  -8.543  1.00 40.00  ? 208 ILE A CG2 1 
ATOM   1404 C CD1 . ILE A 1 169 ? -2.974  19.102  -10.400 1.00 46.85  ? 208 ILE A CD1 1 
ATOM   1405 N N   . LYS A 1 170 ? -7.686  17.376  -7.750  1.00 32.80  ? 209 LYS A N   1 
ATOM   1406 C CA  . LYS A 1 170 ? -9.115  17.510  -7.364  1.00 34.31  ? 209 LYS A CA  1 
ATOM   1407 C C   . LYS A 1 170 ? -9.341  17.060  -5.907  1.00 35.13  ? 209 LYS A C   1 
ATOM   1408 O O   . LYS A 1 170 ? -9.827  17.871  -5.099  1.00 34.22  ? 209 LYS A O   1 
ATOM   1409 C CB  . LYS A 1 170 ? -10.036 16.748  -8.329  1.00 35.66  ? 209 LYS A CB  1 
ATOM   1410 C CG  . LYS A 1 170 ? -11.525 16.841  -8.015  1.00 35.51  ? 209 LYS A CG  1 
ATOM   1411 C CD  . LYS A 1 170 ? -12.424 16.294  -9.109  1.00 37.14  ? 209 LYS A CD  1 
ATOM   1412 C CE  . LYS A 1 170 ? -13.870 16.166  -8.682  1.00 37.77  ? 209 LYS A CE  1 
ATOM   1413 N NZ  . LYS A 1 170 ? -14.456 17.503  -8.421  1.00 37.00  ? 209 LYS A NZ  1 
ATOM   1414 N N   . TYR A 1 171 ? -8.995  15.808  -5.587  0.56 34.16  ? 210 TYR A N   1 
ATOM   1415 C CA  . TYR A 1 171 ? -9.349  15.141  -4.303  0.56 33.84  ? 210 TYR A CA  1 
ATOM   1416 C C   . TYR A 1 171 ? -8.297  15.411  -3.222  0.56 34.14  ? 210 TYR A C   1 
ATOM   1417 O O   . TYR A 1 171 ? -8.596  15.118  -2.050  0.56 34.01  ? 210 TYR A O   1 
ATOM   1418 C CB  . TYR A 1 171 ? -9.544  13.637  -4.506  0.56 32.87  ? 210 TYR A CB  1 
ATOM   1419 C CG  . TYR A 1 171 ? -10.803 13.271  -5.249  0.56 33.27  ? 210 TYR A CG  1 
ATOM   1420 C CD1 . TYR A 1 171 ? -12.025 13.834  -4.913  0.56 33.72  ? 210 TYR A CD1 1 
ATOM   1421 C CD2 . TYR A 1 171 ? -10.783 12.348  -6.283  0.56 34.61  ? 210 TYR A CD2 1 
ATOM   1422 C CE1 . TYR A 1 171 ? -13.187 13.507  -5.591  0.56 33.68  ? 210 TYR A CE1 1 
ATOM   1423 C CE2 . TYR A 1 171 ? -11.938 12.008  -6.969  0.56 34.10  ? 210 TYR A CE2 1 
ATOM   1424 C CZ  . TYR A 1 171 ? -13.145 12.592  -6.624  0.56 33.81  ? 210 TYR A CZ  1 
ATOM   1425 O OH  . TYR A 1 171 ? -14.288 12.272  -7.298  0.56 36.84  ? 210 TYR A OH  1 
ATOM   1426 N N   . ASN A 1 172 ? -7.120  15.926  -3.594  1.00 34.65  ? 211 ASN A N   1 
ATOM   1427 C CA  . ASN A 1 172 ? -5.988  16.170  -2.646  1.00 38.69  ? 211 ASN A CA  1 
ATOM   1428 C C   . ASN A 1 172 ? -5.816  17.683  -2.526  1.00 46.82  ? 211 ASN A C   1 
ATOM   1429 O O   . ASN A 1 172 ? -6.796  18.366  -2.213  1.00 54.30  ? 211 ASN A O   1 
ATOM   1430 C CB  . ASN A 1 172 ? -4.683  15.466  -3.072  1.00 45.66  ? 211 ASN A CB  1 
ATOM   1431 C CG  . ASN A 1 172 ? -3.617  15.374  -1.987  1.00 49.32  ? 211 ASN A CG  1 
ATOM   1432 O OD1 . ASN A 1 172 ? -3.919  15.495  -0.804  1.00 50.60  ? 211 ASN A OD1 1 
ATOM   1433 N ND2 . ASN A 1 172 ? -2.368  15.119  -2.366  1.00 46.34  ? 211 ASN A ND2 1 
ATOM   1434 O OXT . ASN A 1 172 ? -4.732  18.240  -2.729  1.00 55.21  ? 211 ASN A OXT 1 
HETATM 1435 N N1  . NVY B 2 .   ? -16.674 10.414  -4.878  0.40 52.94  ? 301 NVY A N1  1 
HETATM 1436 C C4  . NVY B 2 .   ? -16.228 11.531  -2.847  0.40 49.97  ? 301 NVY A C4  1 
HETATM 1437 C C5  . NVY B 2 .   ? -14.924 10.732  -2.764  0.40 49.76  ? 301 NVY A C5  1 
HETATM 1438 C C6  . NVY B 2 .   ? -15.085 9.309   -3.422  0.40 49.09  ? 301 NVY A C6  1 
HETATM 1439 C C7  . NVY B 2 .   ? -15.871 9.235   -4.722  0.40 50.11  ? 301 NVY A C7  1 
HETATM 1440 C C8  . NVY B 2 .   ? -13.571 11.347  -0.929  0.40 48.61  ? 301 NVY A C8  1 
HETATM 1441 C C10 . NVY B 2 .   ? -12.060 13.141  -0.840  0.40 48.24  ? 301 NVY A C10 1 
HETATM 1442 C C13 . NVY B 2 .   ? -13.057 11.005  0.304   0.40 31.81  ? 301 NVY A C13 1 
HETATM 1443 C C1  . NVY B 2 .   ? -18.410 11.496  -6.120  0.40 54.12  ? 301 NVY A C1  1 
HETATM 1444 C C11 . NVY B 2 .   ? -11.578 12.770  0.390   0.40 44.71  ? 301 NVY A C11 1 
HETATM 1445 C C12 . NVY B 2 .   ? -12.078 11.742  0.927   0.40 39.01  ? 301 NVY A C12 1 
HETATM 1446 C C2  . NVY B 2 .   ? -17.751 10.169  -5.807  0.40 53.66  ? 301 NVY A C2  1 
HETATM 1447 C C3  . NVY B 2 .   ? -17.267 10.771  -3.620  0.40 51.07  ? 301 NVY A C3  1 
HETATM 1448 C C9  . NVY B 2 .   ? -13.049 12.451  -1.499  0.40 53.51  ? 301 NVY A C9  1 
HETATM 1449 F F1  . NVY B 2 .   ? -13.455 9.993   0.868   0.40 75.99  ? 301 NVY A F1  1 
HETATM 1450 N N2  . NVY B 2 .   ? -14.529 10.659  -1.448  0.40 49.40  ? 301 NVY A N2  1 
HETATM 1451 O O   . HOH C 3 .   ? -18.892 -4.019  7.659   1.00 48.00  ? 401 HOH A O   1 
HETATM 1452 O O   . HOH C 3 .   ? -15.475 -8.285  13.607  1.00 39.04  ? 402 HOH A O   1 
HETATM 1453 O O   . HOH C 3 .   ? -1.612  15.998  -10.090 1.00 36.67  ? 403 HOH A O   1 
HETATM 1454 O O   . HOH C 3 .   ? 8.481   -18.550 18.625  1.00 47.36  ? 404 HOH A O   1 
HETATM 1455 O O   . HOH C 3 .   ? 7.132   -4.066  0.036   1.00 30.32  ? 405 HOH A O   1 
HETATM 1456 O O   . HOH C 3 .   ? 0.295   -18.679 20.515  1.00 37.51  ? 406 HOH A O   1 
HETATM 1457 O O   . HOH C 3 .   ? -6.485  3.539   15.342  1.00 28.99  ? 407 HOH A O   1 
HETATM 1458 O O   . HOH C 3 .   ? 10.996  -15.236 -19.676 1.00 48.54  ? 408 HOH A O   1 
HETATM 1459 O O   . HOH C 3 .   ? -8.212  7.462   -17.968 1.00 51.81  ? 409 HOH A O   1 
HETATM 1460 O O   . HOH C 3 .   ? 7.793   2.674   11.513  1.00 58.13  ? 410 HOH A O   1 
HETATM 1461 O O   . HOH C 3 .   ? 3.664   -16.651 11.515  1.00 39.73  ? 411 HOH A O   1 
HETATM 1462 O O   . HOH C 3 .   ? -1.824  9.651   10.168  1.00 49.50  ? 412 HOH A O   1 
HETATM 1463 O O   . HOH C 3 .   ? -4.154  16.965  -16.061 1.00 34.53  ? 413 HOH A O   1 
HETATM 1464 O O   . HOH C 3 .   ? 7.993   7.897   6.094   1.00 47.03  ? 414 HOH A O   1 
HETATM 1465 O O   . HOH C 3 .   ? -5.776  -11.652 17.949  1.00 38.24  ? 415 HOH A O   1 
HETATM 1466 O O   . HOH C 3 .   ? -3.016  6.965   15.995  1.00 39.41  ? 416 HOH A O   1 
HETATM 1467 O O   . HOH C 3 .   ? 3.247   -12.487 16.033  1.00 39.33  ? 417 HOH A O   1 
HETATM 1468 O O   . HOH C 3 .   ? 13.282  -9.955  -15.234 1.00 49.46  ? 418 HOH A O   1 
HETATM 1469 O O   . HOH C 3 .   ? -6.318  6.464   -20.053 1.00 44.90  ? 419 HOH A O   1 
HETATM 1470 O O   . HOH C 3 .   ? 9.823   -5.747  -10.044 1.00 61.52  ? 420 HOH A O   1 
HETATM 1471 O O   . HOH C 3 .   ? 2.026   -11.874 6.725   1.00 70.08  ? 421 HOH A O   1 
HETATM 1472 O O   . HOH C 3 .   ? -0.096  7.918   14.596  1.00 38.79  ? 422 HOH A O   1 
HETATM 1473 O O   . HOH C 3 .   ? -6.655  4.886   -24.402 1.00 65.07  ? 423 HOH A O   1 
HETATM 1474 O O   . HOH C 3 .   ? -12.940 -7.248  19.343  1.00 45.83  ? 424 HOH A O   1 
HETATM 1475 O O   . HOH C 3 .   ? 2.901   12.663  -2.553  1.00 63.41  ? 425 HOH A O   1 
HETATM 1476 O O   . HOH C 3 .   ? -14.860 2.398   2.259   1.00 24.88  ? 426 HOH A O   1 
HETATM 1477 O O   . HOH C 3 .   ? -7.514  2.206   -17.051 1.00 63.37  ? 427 HOH A O   1 
HETATM 1478 O O   . HOH C 3 .   ? 6.659   6.637   9.465   1.00 48.95  ? 428 HOH A O   1 
HETATM 1479 O O   . HOH C 3 .   ? -20.464 -9.825  9.094   1.00 75.81  ? 429 HOH A O   1 
HETATM 1480 O O   . HOH C 3 .   ? 1.904   7.763   2.365   1.00 25.68  ? 430 HOH A O   1 
HETATM 1481 O O   . HOH C 3 .   ? -8.326  -6.022  -9.283  1.00 58.74  ? 431 HOH A O   1 
HETATM 1482 O O   . HOH C 3 .   ? 8.528   5.386   4.188   1.00 44.05  ? 432 HOH A O   1 
HETATM 1483 O O   . HOH C 3 .   ? -15.235 3.947   -14.649 1.00 76.38  ? 433 HOH A O   1 
HETATM 1484 O O   . HOH C 3 .   ? -0.870  12.035  0.980   1.00 35.23  ? 434 HOH A O   1 
HETATM 1485 O O   . HOH C 3 .   ? 2.245   6.026   8.286   1.00 30.90  ? 435 HOH A O   1 
HETATM 1486 O O   . HOH C 3 .   ? 10.546  0.129   -15.755 1.00 53.48  ? 436 HOH A O   1 
HETATM 1487 O O   . HOH C 3 .   ? -0.015  -13.702 6.877   0.50 55.27  ? 437 HOH A O   1 
HETATM 1488 O O   . HOH C 3 .   ? -12.785 7.869   -12.132 1.00 39.63  ? 438 HOH A O   1 
HETATM 1489 O O   . HOH C 3 .   ? -6.126  4.905   -18.230 1.00 46.18  ? 439 HOH A O   1 
HETATM 1490 O O   . HOH C 3 .   ? 3.725   7.981   -4.084  1.00 32.42  ? 440 HOH A O   1 
HETATM 1491 O O   . HOH C 3 .   ? -9.555  13.480  -13.797 1.00 29.85  ? 441 HOH A O   1 
HETATM 1492 O O   . HOH C 3 .   ? 1.307   -12.020 -14.809 1.00 45.73  ? 442 HOH A O   1 
HETATM 1493 O O   . HOH C 3 .   ? 3.613   -11.245 -6.367  1.00 46.63  ? 443 HOH A O   1 
HETATM 1494 O O   . HOH C 3 .   ? -13.920 -2.122  -0.016  1.00 39.54  ? 444 HOH A O   1 
HETATM 1495 O O   . HOH C 3 .   ? 3.492   -5.173  -13.417 1.00 32.68  ? 445 HOH A O   1 
HETATM 1496 O O   . HOH C 3 .   ? -15.207 3.907   9.437   1.00 40.57  ? 446 HOH A O   1 
HETATM 1497 O O   . HOH C 3 .   ? -7.597  -0.438  -22.531 1.00 51.05  ? 447 HOH A O   1 
HETATM 1498 O O   . HOH C 3 .   ? -0.129  9.918   -4.697  1.00 58.55  ? 448 HOH A O   1 
HETATM 1499 O O   . HOH C 3 .   ? -16.224 5.541   -6.761  1.00 45.50  ? 449 HOH A O   1 
HETATM 1500 O O   . HOH C 3 .   ? 9.993   10.746  -9.838  1.00 46.09  ? 450 HOH A O   1 
HETATM 1501 O O   . HOH C 3 .   ? 1.363   6.599   -26.800 1.00 36.50  ? 451 HOH A O   1 
HETATM 1502 O O   . HOH C 3 .   ? -8.021  14.742  -20.091 1.00 46.87  ? 452 HOH A O   1 
HETATM 1503 O O   . HOH C 3 .   ? 15.753  -6.112  -6.199  1.00 73.59  ? 453 HOH A O   1 
HETATM 1504 O O   . HOH C 3 .   ? 0.393   11.658  3.746   1.00 48.37  ? 454 HOH A O   1 
HETATM 1505 O O   . HOH C 3 .   ? -12.214 9.297   5.733   1.00 29.36  ? 455 HOH A O   1 
HETATM 1506 O O   . HOH C 3 .   ? -5.249  -0.360  -17.259 1.00 50.19  ? 456 HOH A O   1 
HETATM 1507 O O   . HOH C 3 .   ? 1.604   5.301   -29.789 1.00 43.38  ? 457 HOH A O   1 
HETATM 1508 O O   . HOH C 3 .   ? -8.307  -11.202 16.139  1.00 59.39  ? 458 HOH A O   1 
HETATM 1509 O O   . HOH C 3 .   ? -2.287  2.838   23.649  1.00 39.35  ? 459 HOH A O   1 
HETATM 1510 O O   . HOH C 3 .   ? 1.221   -4.657  -24.978 1.00 53.25  ? 460 HOH A O   1 
HETATM 1511 O O   . HOH C 3 .   ? -15.839 -4.501  10.854  1.00 40.08  ? 461 HOH A O   1 
HETATM 1512 O O   . HOH C 3 .   ? 13.678  -2.283  -6.706  1.00 58.22  ? 462 HOH A O   1 
HETATM 1513 O O   . HOH C 3 .   ? 0.601   14.033  -6.865  1.00 38.58  ? 463 HOH A O   1 
HETATM 1514 O O   . HOH C 3 .   ? -3.683  5.939   -15.538 1.00 27.76  ? 464 HOH A O   1 
HETATM 1515 O O   . HOH C 3 .   ? -10.409 -4.333  0.259   1.00 64.47  ? 465 HOH A O   1 
HETATM 1516 O O   . HOH C 3 .   ? 5.279   -12.467 18.787  1.00 52.48  ? 466 HOH A O   1 
HETATM 1517 O O   . HOH C 3 .   ? 2.326   -0.874  -27.124 1.00 43.89  ? 467 HOH A O   1 
HETATM 1518 O O   . HOH C 3 .   ? -7.943  4.289   2.350   1.00 23.20  ? 468 HOH A O   1 
HETATM 1519 O O   . HOH C 3 .   ? -3.510  -1.726  -15.979 1.00 41.66  ? 469 HOH A O   1 
HETATM 1520 O O   . HOH C 3 .   ? -4.507  9.907   -21.727 1.00 38.63  ? 470 HOH A O   1 
HETATM 1521 O O   . HOH C 3 .   ? -11.748 -7.956  6.471   1.00 44.17  ? 471 HOH A O   1 
HETATM 1522 O O   . HOH C 3 .   ? -13.423 1.576   -10.066 1.00 64.54  ? 472 HOH A O   1 
HETATM 1523 O O   . HOH C 3 .   ? -2.576  1.239   -26.904 1.00 39.23  ? 473 HOH A O   1 
HETATM 1524 O O   . HOH C 3 .   ? -22.250 5.368   -2.010  1.00 61.97  ? 474 HOH A O   1 
HETATM 1525 O O   . HOH C 3 .   ? -7.597  -0.483  -13.327 1.00 55.53  ? 475 HOH A O   1 
HETATM 1526 O O   . HOH C 3 .   ? -7.100  9.294   -19.947 1.00 48.51  ? 476 HOH A O   1 
HETATM 1527 O O   . HOH C 3 .   ? -2.121  -11.323 14.201  1.00 49.00  ? 477 HOH A O   1 
HETATM 1528 O O   . HOH C 3 .   ? 8.632   -5.676  -7.708  1.00 47.29  ? 478 HOH A O   1 
HETATM 1529 O O   . HOH C 3 .   ? -0.433  5.364   2.432   1.00 33.07  ? 479 HOH A O   1 
HETATM 1530 O O   . HOH C 3 .   ? -7.939  18.791  -11.158 1.00 33.84  ? 480 HOH A O   1 
HETATM 1531 O O   . HOH C 3 .   ? -6.215  2.203   -6.936  1.00 28.62  ? 481 HOH A O   1 
HETATM 1532 O O   . HOH C 3 .   ? -14.321 12.152  -10.028 1.00 56.04  ? 482 HOH A O   1 
HETATM 1533 O O   . HOH C 3 .   ? -10.746 -9.957  24.746  1.00 51.50  ? 483 HOH A O   1 
HETATM 1534 O O   . HOH C 3 .   ? -13.595 -3.566  10.219  1.00 37.03  ? 484 HOH A O   1 
HETATM 1535 O O   . HOH C 3 .   ? 11.838  -3.278  5.183   1.00 59.00  ? 485 HOH A O   1 
HETATM 1536 O O   . HOH C 3 .   ? -11.403 -10.376 7.575   1.00 41.47  ? 486 HOH A O   1 
HETATM 1537 O O   . HOH C 3 .   ? -14.436 5.316   4.744   0.50 22.15  ? 487 HOH A O   1 
HETATM 1538 O O   . HOH C 3 .   ? -11.411 0.440   20.883  1.00 33.28  ? 488 HOH A O   1 
HETATM 1539 O O   . HOH C 3 .   ? 7.163   -0.398  -20.119 1.00 43.42  ? 489 HOH A O   1 
HETATM 1540 O O   . HOH C 3 .   ? -10.037 0.730   13.119  1.00 28.74  ? 490 HOH A O   1 
HETATM 1541 O O   . HOH C 3 .   ? 7.452   -4.623  -3.512  1.00 44.28  ? 491 HOH A O   1 
HETATM 1542 O O   . HOH C 3 .   ? 1.515   10.401  -21.282 1.00 44.06  ? 492 HOH A O   1 
HETATM 1543 O O   . HOH C 3 .   ? -5.663  20.910  -2.239  1.00 56.91  ? 493 HOH A O   1 
HETATM 1544 O O   . HOH C 3 .   ? 4.365   -6.227  -10.731 1.00 37.11  ? 494 HOH A O   1 
HETATM 1545 O O   . HOH C 3 .   ? -2.772  1.634   -29.347 1.00 37.61  ? 495 HOH A O   1 
HETATM 1546 O O   . HOH C 3 .   ? -0.388  -9.492  22.788  1.00 40.03  ? 496 HOH A O   1 
HETATM 1547 O O   . HOH C 3 .   ? 10.885  13.100  0.419   1.00 47.62  ? 497 HOH A O   1 
HETATM 1548 O O   . HOH C 3 .   ? -19.667 -8.989  6.121   1.00 51.62  ? 498 HOH A O   1 
HETATM 1549 O O   . HOH C 3 .   ? 1.839   9.667   -5.979  1.00 41.26  ? 499 HOH A O   1 
HETATM 1550 O O   . HOH C 3 .   ? 8.317   -6.588  -5.334  1.00 56.29  ? 500 HOH A O   1 
HETATM 1551 O O   . HOH C 3 .   ? 16.102  5.066   -11.165 1.00 61.50  ? 501 HOH A O   1 
HETATM 1552 O O   . HOH C 3 .   ? 4.509   12.158  -18.282 1.00 49.12  ? 502 HOH A O   1 
HETATM 1553 O O   . HOH C 3 .   ? -5.174  20.422  -4.597  1.00 53.29  ? 503 HOH A O   1 
HETATM 1554 O O   . HOH C 3 .   ? -5.237  0.859   -10.651 1.00 30.69  ? 504 HOH A O   1 
HETATM 1555 O O   . HOH C 3 .   ? -14.308 3.905   18.720  1.00 50.23  ? 505 HOH A O   1 
HETATM 1556 O O   . HOH C 3 .   ? 12.568  4.149   -11.149 1.00 70.56  ? 506 HOH A O   1 
HETATM 1557 O O   . HOH C 3 .   ? 13.329  0.928   -8.359  1.00 61.01  ? 507 HOH A O   1 
HETATM 1558 O O   . HOH C 3 .   ? 7.792   1.205   18.701  1.00 51.83  ? 508 HOH A O   1 
HETATM 1559 O O   . HOH C 3 .   ? 6.092   -8.806  -4.815  1.00 34.96  ? 509 HOH A O   1 
HETATM 1560 O O   . HOH C 3 .   ? -15.869 -2.124  7.508   1.00 58.19  ? 510 HOH A O   1 
HETATM 1561 O O   . HOH C 3 .   ? -0.620  -14.490 21.779  1.00 54.72  ? 511 HOH A O   1 
HETATM 1562 O O   . HOH C 3 .   ? -0.172  14.832  -16.677 1.00 32.46  ? 512 HOH A O   1 
HETATM 1563 O O   . HOH C 3 .   ? -1.521  -7.474  -1.975  1.00 51.20  ? 513 HOH A O   1 
HETATM 1564 O O   . HOH C 3 .   ? 13.976  11.397  -8.028  1.00 43.37  ? 514 HOH A O   1 
HETATM 1565 O O   . HOH C 3 .   ? -17.008 -17.265 13.603  1.00 58.56  ? 515 HOH A O   1 
HETATM 1566 O O   . HOH C 3 .   ? 11.818  -5.797  5.110   1.00 54.18  ? 516 HOH A O   1 
HETATM 1567 O O   . HOH C 3 .   ? 0.892   7.217   9.953   1.00 40.31  ? 517 HOH A O   1 
HETATM 1568 O O   . HOH C 3 .   ? -5.581  2.165   -19.239 1.00 44.40  ? 518 HOH A O   1 
HETATM 1569 O O   . HOH C 3 .   ? -3.629  3.928   14.163  1.00 29.57  ? 519 HOH A O   1 
HETATM 1570 O O   . HOH C 3 .   ? -12.605 -3.360  2.285   1.00 41.95  ? 520 HOH A O   1 
HETATM 1571 O O   . HOH C 3 .   ? 3.948   13.877  -12.877 1.00 41.57  ? 521 HOH A O   1 
HETATM 1572 O O   . HOH C 3 .   ? 11.339  8.437   3.937   1.00 108.11 ? 522 HOH A O   1 
HETATM 1573 O O   . HOH C 3 .   ? -10.680 -13.788 13.479  1.00 42.05  ? 523 HOH A O   1 
HETATM 1574 O O   . HOH C 3 .   ? -9.592  4.517   -17.799 1.00 49.60  ? 524 HOH A O   1 
HETATM 1575 O O   . HOH C 3 .   ? 0.538   -12.773 22.822  1.00 46.04  ? 525 HOH A O   1 
HETATM 1576 O O   . HOH C 3 .   ? 6.650   -7.269  -0.823  1.00 42.12  ? 526 HOH A O   1 
HETATM 1577 O O   . HOH C 3 .   ? 7.533   6.224   -15.066 1.00 41.61  ? 527 HOH A O   1 
HETATM 1578 O O   . HOH C 3 .   ? 1.549   7.835   -24.073 1.00 47.50  ? 528 HOH A O   1 
HETATM 1579 O O   . HOH C 3 .   ? -5.233  -1.414  -11.842 1.00 41.42  ? 529 HOH A O   1 
HETATM 1580 O O   . HOH C 3 .   ? 12.480  1.763   -10.722 1.00 47.63  ? 530 HOH A O   1 
HETATM 1581 O O   . HOH C 3 .   ? 6.067   13.194  0.011   1.00 32.03  ? 531 HOH A O   1 
HETATM 1582 O O   . HOH C 3 .   ? 4.649   4.625   -20.123 1.00 37.50  ? 532 HOH A O   1 
HETATM 1583 O O   . HOH C 3 .   ? -15.089 -1.527  -2.588  1.00 66.18  ? 533 HOH A O   1 
HETATM 1584 O O   . HOH C 3 .   ? -3.393  5.814   12.434  1.00 28.88  ? 534 HOH A O   1 
HETATM 1585 O O   . HOH C 3 .   ? 7.003   10.468  -18.235 1.00 56.12  ? 535 HOH A O   1 
HETATM 1586 O O   . HOH C 3 .   ? 9.059   -3.405  -1.783  1.00 48.43  ? 536 HOH A O   1 
HETATM 1587 O O   . HOH C 3 .   ? -0.493  5.035   21.774  1.00 37.45  ? 537 HOH A O   1 
HETATM 1588 O O   . HOH C 3 .   ? -14.504 -5.349  17.450  1.00 41.21  ? 538 HOH A O   1 
HETATM 1589 O O   . HOH C 3 .   ? 9.262   0.973   9.033   1.00 34.67  ? 539 HOH A O   1 
HETATM 1590 O O   . HOH C 3 .   ? -4.169  -10.269 13.662  1.00 50.58  ? 540 HOH A O   1 
HETATM 1591 O O   . HOH C 3 .   ? 8.640   -12.509 -17.134 1.00 50.14  ? 541 HOH A O   1 
HETATM 1592 O O   . HOH C 3 .   ? -6.871  10.012  1.267   1.00 35.53  ? 542 HOH A O   1 
HETATM 1593 O O   . HOH C 3 .   ? 6.479   1.602   15.176  1.00 47.85  ? 543 HOH A O   1 
HETATM 1594 O O   . HOH C 3 .   ? -12.273 2.454   13.736  1.00 41.06  ? 544 HOH A O   1 
HETATM 1595 O O   . HOH C 3 .   ? -0.670  8.600   -24.241 1.00 50.24  ? 545 HOH A O   1 
HETATM 1596 O O   . HOH C 3 .   ? -0.866  13.371  -4.428  1.00 55.88  ? 546 HOH A O   1 
HETATM 1597 O O   . HOH C 3 .   ? 0.153   14.010  -0.817  1.00 52.44  ? 547 HOH A O   1 
HETATM 1598 O O   . HOH C 3 .   ? 5.767   7.092   16.212  1.00 60.59  ? 548 HOH A O   1 
HETATM 1599 O O   . HOH C 3 .   ? 14.867  -4.150  -10.729 1.00 59.23  ? 549 HOH A O   1 
HETATM 1600 O O   . HOH C 3 .   ? 7.653   -0.507  16.285  1.00 47.70  ? 550 HOH A O   1 
HETATM 1601 O O   . HOH C 3 .   ? -1.196  -12.292 0.544   1.00 46.58  ? 551 HOH A O   1 
HETATM 1602 O O   . HOH C 3 .   ? -6.785  -13.814 13.251  1.00 57.87  ? 552 HOH A O   1 
HETATM 1603 O O   . HOH C 3 .   ? 18.444  15.212  -3.112  1.00 56.29  ? 553 HOH A O   1 
HETATM 1604 O O   . HOH C 3 .   ? 6.900   -2.923  16.286  1.00 49.36  ? 554 HOH A O   1 
HETATM 1605 O O   . HOH C 3 .   ? 18.748  6.120   6.716   1.00 65.86  ? 555 HOH A O   1 
HETATM 1606 O O   . HOH C 3 .   ? -1.311  7.276   12.266  1.00 40.30  ? 556 HOH A O   1 
HETATM 1607 O O   . HOH C 3 .   ? 1.546   5.164   19.446  1.00 57.49  ? 557 HOH A O   1 
HETATM 1608 O O   . HOH C 3 .   ? -3.139  13.255  1.700   1.00 46.65  ? 558 HOH A O   1 
HETATM 1609 O O   . HOH C 3 .   ? 8.826   1.404   -23.797 1.00 64.75  ? 559 HOH A O   1 
HETATM 1610 O O   . HOH C 3 .   ? -7.613  15.649  -17.288 1.00 42.24  ? 560 HOH A O   1 
HETATM 1611 O O   . HOH C 3 .   ? -3.983  18.467  -13.611 1.00 36.30  ? 561 HOH A O   1 
HETATM 1612 O O   . HOH C 3 .   ? 12.715  -10.920 -17.461 1.00 44.25  ? 562 HOH A O   1 
HETATM 1613 O O   . HOH C 3 .   ? -10.604 15.155  -11.884 1.00 30.73  ? 563 HOH A O   1 
HETATM 1614 O O   . HOH C 3 .   ? 7.973   -1.424  -25.105 1.00 49.77  ? 564 HOH A O   1 
HETATM 1615 O O   . HOH C 3 .   ? -7.185  -10.766 28.936  1.00 39.91  ? 565 HOH A O   1 
HETATM 1616 O O   . HOH C 3 .   ? -11.493 11.997  -14.245 1.00 49.51  ? 566 HOH A O   1 
HETATM 1617 O O   . HOH C 3 .   ? -10.069 17.936  -12.317 1.00 40.39  ? 567 HOH A O   1 
HETATM 1618 O O   . HOH C 3 .   ? 6.370   -6.782  14.439  1.00 56.31  ? 568 HOH A O   1 
HETATM 1619 O O   . HOH C 3 .   ? -9.486  2.345   -18.699 1.00 53.22  ? 569 HOH A O   1 
HETATM 1620 O O   . HOH C 3 .   ? 13.082  0.616   7.377   1.00 74.20  ? 570 HOH A O   1 
HETATM 1621 O O   . HOH C 3 .   ? 3.758   15.294  -9.239  1.00 46.52  ? 571 HOH A O   1 
HETATM 1622 O O   . HOH C 3 .   ? -6.079  17.833  -17.188 1.00 55.01  ? 572 HOH A O   1 
HETATM 1623 O O   . HOH C 3 .   ? -12.037 -2.066  -9.876  1.00 44.59  ? 573 HOH A O   1 
HETATM 1624 O O   . HOH C 3 .   ? -1.028  -10.165 -6.532  1.00 49.53  ? 574 HOH A O   1 
HETATM 1625 O O   . HOH C 3 .   ? -8.849  20.773  -9.356  1.00 40.64  ? 575 HOH A O   1 
HETATM 1626 O O   . HOH C 3 .   ? -4.444  -0.135  -29.893 1.00 47.22  ? 576 HOH A O   1 
HETATM 1627 O O   . HOH C 3 .   ? 10.252  14.520  -9.221  1.00 70.96  ? 577 HOH A O   1 
HETATM 1628 O O   . HOH C 3 .   ? -5.806  6.014   15.974  1.00 36.57  ? 578 HOH A O   1 
HETATM 1629 O O   . HOH C 3 .   ? 14.782  13.368  2.071   1.00 64.25  ? 579 HOH A O   1 
HETATM 1630 O O   . HOH C 3 .   ? -9.764  -4.371  31.035  1.00 50.82  ? 580 HOH A O   1 
HETATM 1631 O O   . HOH C 3 .   ? 12.866  4.855   -14.076 1.00 55.91  ? 581 HOH A O   1 
HETATM 1632 O O   . HOH C 3 .   ? -6.069  -11.585 15.026  1.00 50.95  ? 582 HOH A O   1 
HETATM 1633 O O   . HOH C 3 .   ? 11.797  14.346  -7.362  1.00 58.75  ? 583 HOH A O   1 
HETATM 1634 O O   . HOH C 3 .   ? 16.671  -3.756  -13.091 1.00 52.84  ? 584 HOH A O   1 
HETATM 1635 O O   . HOH C 3 .   ? -11.895 -2.018  21.350  1.00 53.45  ? 585 HOH A O   1 
HETATM 1636 O O   . HOH C 3 .   ? -4.141  -4.266  -23.647 1.00 50.33  ? 586 HOH A O   1 
HETATM 1637 O O   . HOH C 3 .   ? -1.436  17.123  -17.237 1.00 48.99  ? 587 HOH A O   1 
HETATM 1638 O O   . HOH C 3 .   ? 8.347   3.895   13.446  1.00 50.72  ? 588 HOH A O   1 
HETATM 1639 O O   . HOH C 3 .   ? -10.046 8.374   18.409  1.00 49.94  ? 589 HOH A O   1 
HETATM 1640 O O   . HOH C 3 .   ? -6.159  19.764  -12.821 1.00 30.29  ? 590 HOH A O   1 
HETATM 1641 O O   . HOH C 3 .   ? 10.561  2.627   -20.180 1.00 63.04  ? 591 HOH A O   1 
HETATM 1642 O O   . HOH C 3 .   ? -1.889  12.404  5.026   1.00 56.29  ? 592 HOH A O   1 
HETATM 1643 O O   . HOH C 3 .   ? -0.641  10.141  15.712  1.00 59.59  ? 593 HOH A O   1 
HETATM 1644 O O   . HOH C 3 .   ? 8.169   1.694   -21.164 1.00 55.84  ? 594 HOH A O   1 
HETATM 1645 O O   . HOH C 3 .   ? 0.891   16.100  6.655   1.00 60.31  ? 595 HOH A O   1 
HETATM 1646 O O   . HOH C 3 .   ? -9.887  15.378  -15.923 1.00 37.69  ? 596 HOH A O   1 
HETATM 1647 O O   . HOH C 3 .   ? -13.178 14.653  -12.019 1.00 37.85  ? 597 HOH A O   1 
HETATM 1648 O O   . HOH C 3 .   ? 0.083   -13.906 -8.778  1.00 65.68  ? 598 HOH A O   1 
HETATM 1649 O O   . HOH C 3 .   ? -1.920  -11.103 25.008  1.00 52.85  ? 599 HOH A O   1 
HETATM 1650 O O   . HOH C 3 .   ? -0.195  -0.838  -27.710 1.00 40.11  ? 600 HOH A O   1 
HETATM 1651 O O   . HOH C 3 .   ? -1.940  19.805  -13.395 1.00 34.65  ? 601 HOH A O   1 
HETATM 1652 O O   . HOH C 3 .   ? -4.153  9.586   14.502  1.00 64.21  ? 602 HOH A O   1 
HETATM 1653 O O   . HOH C 3 .   ? 17.513  -11.316 -13.930 1.00 44.05  ? 603 HOH A O   1 
HETATM 1654 O O   . HOH C 3 .   ? 17.552  -11.015 -8.940  1.00 62.15  ? 604 HOH A O   1 
HETATM 1655 O O   . HOH C 3 .   ? -10.159 18.041  -14.977 1.00 37.48  ? 605 HOH A O   1 
HETATM 1656 O O   . HOH C 3 .   ? 14.059  13.221  -12.064 1.00 48.32  ? 606 HOH A O   1 
HETATM 1657 O O   . HOH C 3 .   ? -5.535  22.318  -12.620 1.00 52.21  ? 607 HOH A O   1 
HETATM 1658 O O   . HOH C 3 .   ? 24.154  3.142   -6.759  1.00 63.78  ? 608 HOH A O   1 
HETATM 1659 O O   . HOH C 3 .   ? -12.794 20.043  -15.538 1.00 72.63  ? 609 HOH A O   1 
# 
